data_2XXA
#
_entry.id   2XXA
#
_cell.length_a   84.100
_cell.length_b   131.040
_cell.length_c   266.040
_cell.angle_alpha   90.00
_cell.angle_beta   90.00
_cell.angle_gamma   90.00
#
_symmetry.space_group_name_H-M   'P 21 21 21'
#
loop_
_entity.id
_entity.type
_entity.pdbx_description
1 polymer 'SIGNAL RECOGNITION PARTICLE PROTEIN'
2 polymer 'SRP RECEPTOR FTSY'
3 polymer '4.5S RNA'
4 non-polymer 'PHOSPHOMETHYLPHOSPHONIC ACID GUANYLATE ESTER'
5 non-polymer 'MAGNESIUM ION'
6 water water
#
loop_
_entity_poly.entity_id
_entity_poly.type
_entity_poly.pdbx_seq_one_letter_code
_entity_poly.pdbx_strand_id
1 'polypeptide(L)'
;MFDNLTDRLSRTLRNISGRGRLTEDNVKDTLREVRMALLEADVALPVVREFINRVKEKAVGHEVNKSLTPGQEFVKIVRN
ELVAAMGEENQTLNLAAQPPAVVLMAGLQGAGKTTSVGKLGKFLREKHKKKVLVVSADVYRPAAIKQLETLAEQVGVDFF
PSDVGQKPVDIVNAALKEAKLKFYDVLLVDTAGRLHVDEAMMDEIKQVHASINPVETLFVVDAMTGQDAANTAKAFNEAL
PLTGVVLTKVDGDARGGAALSIRHITGKPIKFLGVGEKTEALEPFHPDRIASRILGMGDVLSLIEDIESKVDRAQAEKLA
SKLKKGDGFDLNDFLEQLRQMKNMGGMASLMGKLPGMGQIPDNVKSQMDDKVLVRMEAIINSMTMKERAKPEIIKGSRKR
RIAAGSGMQVQDVNRLLKQFDDMQRMMKKMKKG
;
A,C
2 'polypeptide(L)'
;FARLKRSLLKTKENLGSGFISLFRGKKIDDDLFEELEEQLLIADVGVETTRKIITNLTEGASRKQLRDAEALYGLLKEEM
GEILAKVDEPLNVEGKAPFVILMVGVNGVGKTTTIGKLARQFEQQGKSVMLAAGDTFRAAAVEQLQVWGQRNNIPVIAQH
TGADSASVIFDAIQAAKARNIDVLIADTAGRLQNKSHLMEELKKIVRVMKKLDVEAPHEVMLTIDASTGQNAVSQAKLFH
EAVGLTGITLTKLDGTAKGGVIFSVADQFGIPIRYIGVGERIEDLRPFKADDFIEALFARED
;
B,D
3 'polyribonucleotide'
;GCAUUGCUGGUGCAGCGCAGCGCGGACGCCCGAACCUGGUCAGAGCCGGAAGGCAGCAGCCAUAAGGGAUGCUUUGCGGG
UGCCGUUGCCUUCCGGCAAUGCUUUU
;
F,G
#
# COMPACT_ATOMS: atom_id res chain seq x y z
N ASN A 4 -43.79 -15.55 -29.67
CA ASN A 4 -44.59 -14.84 -30.67
C ASN A 4 -43.74 -14.32 -31.83
N LEU A 5 -44.37 -14.09 -32.99
CA LEU A 5 -43.71 -13.59 -34.20
C LEU A 5 -43.37 -12.10 -34.05
N THR A 6 -44.27 -11.32 -33.44
CA THR A 6 -44.10 -9.89 -33.20
C THR A 6 -43.09 -9.63 -32.07
N ASP A 7 -42.86 -10.66 -31.21
CA ASP A 7 -41.94 -10.61 -30.07
C ASP A 7 -40.50 -10.36 -30.52
N ARG A 8 -40.03 -11.08 -31.57
CA ARG A 8 -38.69 -10.91 -32.14
C ARG A 8 -38.55 -9.56 -32.84
N LEU A 9 -39.66 -9.06 -33.41
CA LEU A 9 -39.74 -7.77 -34.11
C LEU A 9 -39.66 -6.60 -33.13
N SER A 10 -40.46 -6.65 -32.04
CA SER A 10 -40.50 -5.62 -31.00
C SER A 10 -39.21 -5.56 -30.18
N ARG A 11 -38.51 -6.71 -30.03
CA ARG A 11 -37.25 -6.82 -29.28
C ARG A 11 -36.12 -6.07 -29.97
N THR A 12 -36.02 -6.20 -31.31
CA THR A 12 -34.99 -5.54 -32.12
C THR A 12 -35.16 -4.02 -32.15
N LEU A 13 -36.41 -3.53 -32.09
CA LEU A 13 -36.75 -2.10 -32.09
C LEU A 13 -36.27 -1.40 -30.82
N ARG A 14 -36.37 -2.09 -29.66
CA ARG A 14 -35.94 -1.55 -28.36
C ARG A 14 -34.44 -1.74 -28.16
N ASN A 15 -33.87 -2.87 -28.63
CA ASN A 15 -32.44 -3.21 -28.53
C ASN A 15 -31.54 -2.25 -29.30
N ILE A 16 -32.10 -1.57 -30.33
CA ILE A 16 -31.42 -0.58 -31.18
C ILE A 16 -30.81 0.55 -30.34
N SER A 17 -29.58 0.96 -30.71
CA SER A 17 -28.79 2.01 -30.04
C SER A 17 -29.55 3.35 -30.03
N GLY A 18 -29.98 3.74 -28.84
CA GLY A 18 -30.72 4.97 -28.61
C GLY A 18 -29.82 6.15 -28.34
N ARG A 19 -29.34 6.80 -29.41
CA ARG A 19 -28.48 7.99 -29.35
C ARG A 19 -29.24 9.18 -28.77
N GLY A 20 -30.55 9.25 -29.05
CA GLY A 20 -31.47 10.29 -28.60
C GLY A 20 -31.54 10.49 -27.10
N ARG A 21 -31.81 11.74 -26.69
CA ARG A 21 -31.91 12.20 -25.30
C ARG A 21 -32.90 11.37 -24.50
N LEU A 22 -32.52 10.99 -23.27
CA LEU A 22 -33.35 10.19 -22.37
C LEU A 22 -34.55 11.02 -21.92
N THR A 23 -35.71 10.77 -22.54
CA THR A 23 -36.96 11.45 -22.28
C THR A 23 -38.02 10.47 -21.77
N GLU A 24 -39.10 11.01 -21.19
CA GLU A 24 -40.24 10.29 -20.59
C GLU A 24 -40.89 9.24 -21.51
N ASP A 25 -40.82 9.41 -22.85
CA ASP A 25 -41.41 8.48 -23.83
C ASP A 25 -40.86 7.05 -23.69
N ASN A 26 -39.55 6.91 -23.44
CA ASN A 26 -38.88 5.62 -23.24
C ASN A 26 -38.97 5.18 -21.78
N VAL A 27 -38.96 6.17 -20.86
CA VAL A 27 -39.00 6.01 -19.40
C VAL A 27 -40.36 5.44 -18.94
N LYS A 28 -41.49 6.13 -19.23
CA LYS A 28 -42.87 5.77 -18.83
C LYS A 28 -43.21 4.27 -18.98
N ASP A 29 -42.70 3.61 -20.05
CA ASP A 29 -42.94 2.18 -20.32
C ASP A 29 -42.17 1.27 -19.35
N THR A 30 -40.92 1.64 -19.00
CA THR A 30 -40.02 0.88 -18.15
C THR A 30 -39.99 1.35 -16.68
N LEU A 31 -40.45 2.59 -16.40
CA LEU A 31 -40.53 3.18 -15.05
C LEU A 31 -41.57 2.42 -14.20
N ARG A 32 -42.58 1.82 -14.87
CA ARG A 32 -43.65 1.02 -14.26
C ARG A 32 -43.07 -0.27 -13.65
N GLU A 33 -42.00 -0.83 -14.26
CA GLU A 33 -41.31 -2.04 -13.78
C GLU A 33 -40.61 -1.77 -12.44
N VAL A 34 -40.00 -0.56 -12.32
CA VAL A 34 -39.26 -0.09 -11.15
C VAL A 34 -40.25 0.18 -9.99
N ARG A 35 -41.36 0.92 -10.26
CA ARG A 35 -42.39 1.24 -9.28
C ARG A 35 -43.05 -0.02 -8.72
N MET A 36 -43.31 -1.03 -9.58
CA MET A 36 -43.92 -2.30 -9.19
C MET A 36 -42.96 -3.17 -8.36
N ALA A 37 -41.65 -3.10 -8.66
CA ALA A 37 -40.63 -3.85 -7.92
C ALA A 37 -40.41 -3.25 -6.52
N LEU A 38 -40.35 -1.90 -6.43
CA LEU A 38 -40.15 -1.16 -5.19
C LEU A 38 -41.31 -1.39 -4.20
N LEU A 39 -42.55 -1.43 -4.71
CA LEU A 39 -43.74 -1.68 -3.89
C LEU A 39 -43.73 -3.13 -3.41
N GLU A 40 -43.24 -4.05 -4.25
CA GLU A 40 -43.13 -5.47 -3.90
C GLU A 40 -41.95 -5.69 -2.94
N ALA A 41 -40.95 -4.78 -2.98
CA ALA A 41 -39.77 -4.83 -2.11
C ALA A 41 -40.10 -4.45 -0.66
N ASP A 42 -41.22 -3.70 -0.46
CA ASP A 42 -41.83 -3.17 0.78
C ASP A 42 -41.30 -1.77 1.15
N VAL A 43 -41.19 -0.88 0.14
CA VAL A 43 -40.78 0.51 0.33
C VAL A 43 -42.08 1.34 0.40
N ALA A 44 -42.21 2.23 1.41
CA ALA A 44 -43.41 3.08 1.62
C ALA A 44 -43.67 4.02 0.43
N LEU A 45 -44.95 4.38 0.21
CA LEU A 45 -45.37 5.24 -0.89
C LEU A 45 -44.78 6.66 -0.82
N PRO A 46 -44.74 7.39 0.33
CA PRO A 46 -44.15 8.74 0.32
C PRO A 46 -42.68 8.78 -0.13
N VAL A 47 -41.90 7.70 0.16
CA VAL A 47 -40.49 7.60 -0.26
C VAL A 47 -40.43 7.13 -1.74
N VAL A 48 -41.34 6.21 -2.17
CA VAL A 48 -41.40 5.71 -3.55
C VAL A 48 -41.75 6.88 -4.51
N ARG A 49 -42.82 7.65 -4.19
CA ARG A 49 -43.32 8.78 -4.99
C ARG A 49 -42.28 9.93 -5.10
N GLU A 50 -41.53 10.19 -4.01
CA GLU A 50 -40.50 11.23 -3.96
C GLU A 50 -39.24 10.81 -4.71
N PHE A 51 -38.91 9.49 -4.71
CA PHE A 51 -37.74 8.94 -5.40
C PHE A 51 -37.93 8.88 -6.92
N ILE A 52 -39.19 8.71 -7.40
CA ILE A 52 -39.53 8.68 -8.83
C ILE A 52 -39.19 10.07 -9.43
N ASN A 53 -39.61 11.17 -8.76
CA ASN A 53 -39.38 12.56 -9.14
C ASN A 53 -37.88 12.93 -9.06
N ARG A 54 -37.15 12.33 -8.09
CA ARG A 54 -35.72 12.52 -7.85
C ARG A 54 -34.89 11.95 -9.01
N VAL A 55 -35.32 10.80 -9.57
CA VAL A 55 -34.66 10.12 -10.69
C VAL A 55 -34.90 10.92 -12.01
N LYS A 56 -36.14 11.42 -12.21
CA LYS A 56 -36.57 12.19 -13.38
C LYS A 56 -35.68 13.42 -13.68
N GLU A 57 -35.24 14.13 -12.63
CA GLU A 57 -34.38 15.33 -12.73
C GLU A 57 -32.95 14.99 -13.18
N LYS A 58 -32.49 13.76 -12.86
CA LYS A 58 -31.15 13.26 -13.20
C LYS A 58 -31.12 12.50 -14.54
N ALA A 59 -32.23 11.79 -14.89
CA ALA A 59 -32.37 10.98 -16.10
C ALA A 59 -32.30 11.80 -17.40
N VAL A 60 -33.04 12.92 -17.47
CA VAL A 60 -33.10 13.78 -18.66
C VAL A 60 -31.87 14.73 -18.70
N GLY A 61 -31.47 15.22 -17.52
CA GLY A 61 -30.36 16.16 -17.32
C GLY A 61 -28.99 15.74 -17.79
N HIS A 62 -28.74 15.87 -19.12
CA HIS A 62 -27.49 15.59 -19.87
C HIS A 62 -26.89 14.17 -19.66
N GLU A 63 -27.61 13.26 -18.96
CA GLU A 63 -27.17 11.88 -18.74
C GLU A 63 -27.80 10.97 -19.81
N VAL A 64 -27.18 10.98 -21.01
CA VAL A 64 -27.61 10.24 -22.21
C VAL A 64 -26.43 9.46 -22.81
N ASN A 65 -26.62 8.14 -23.03
CA ASN A 65 -25.63 7.24 -23.63
C ASN A 65 -26.07 6.80 -25.02
N LYS A 66 -25.10 6.66 -25.94
CA LYS A 66 -25.35 6.24 -27.33
C LYS A 66 -25.65 4.74 -27.41
N SER A 67 -24.84 3.90 -26.73
CA SER A 67 -25.02 2.45 -26.69
C SER A 67 -25.99 2.04 -25.57
N LEU A 68 -26.47 0.76 -25.61
CA LEU A 68 -27.40 0.12 -24.67
C LEU A 68 -28.86 0.59 -24.89
N THR A 69 -29.84 -0.28 -24.51
CA THR A 69 -31.30 -0.08 -24.61
C THR A 69 -31.71 1.19 -23.82
N PRO A 70 -32.61 2.06 -24.38
CA PRO A 70 -33.02 3.28 -23.65
C PRO A 70 -33.66 3.02 -22.29
N GLY A 71 -34.35 1.88 -22.16
CA GLY A 71 -34.99 1.44 -20.92
C GLY A 71 -34.06 0.70 -19.98
N GLN A 72 -32.77 0.62 -20.34
CA GLN A 72 -31.71 -0.05 -19.56
C GLN A 72 -30.62 0.94 -19.13
N GLU A 73 -30.48 2.08 -19.84
CA GLU A 73 -29.51 3.12 -19.52
C GLU A 73 -30.03 4.07 -18.44
N PHE A 74 -31.33 3.97 -18.09
CA PHE A 74 -31.98 4.76 -17.04
C PHE A 74 -31.94 4.02 -15.70
N VAL A 75 -31.82 2.67 -15.75
CA VAL A 75 -31.74 1.74 -14.62
C VAL A 75 -30.49 2.09 -13.80
N LYS A 76 -29.40 2.49 -14.49
CA LYS A 76 -28.14 2.91 -13.88
C LYS A 76 -28.36 4.12 -12.97
N ILE A 77 -29.19 5.08 -13.41
CA ILE A 77 -29.55 6.31 -12.67
C ILE A 77 -30.37 5.93 -11.42
N VAL A 78 -31.23 4.88 -11.53
CA VAL A 78 -32.04 4.38 -10.41
C VAL A 78 -31.10 3.69 -9.39
N ARG A 79 -30.22 2.80 -9.87
CA ARG A 79 -29.25 2.01 -9.10
C ARG A 79 -28.22 2.89 -8.37
N ASN A 80 -27.55 3.81 -9.09
CA ASN A 80 -26.51 4.68 -8.53
C ASN A 80 -27.06 5.62 -7.46
N GLU A 81 -28.26 6.20 -7.69
CA GLU A 81 -28.90 7.12 -6.74
C GLU A 81 -29.45 6.38 -5.51
N LEU A 82 -29.68 5.05 -5.63
CA LEU A 82 -30.17 4.22 -4.54
C LEU A 82 -29.06 3.95 -3.51
N VAL A 83 -27.81 3.72 -3.99
CA VAL A 83 -26.62 3.43 -3.18
C VAL A 83 -26.22 4.66 -2.33
N ALA A 84 -26.18 5.86 -2.94
CA ALA A 84 -25.81 7.11 -2.26
C ALA A 84 -26.88 7.58 -1.27
N ALA A 85 -28.17 7.34 -1.59
CA ALA A 85 -29.29 7.72 -0.73
C ALA A 85 -29.37 6.86 0.53
N MET A 86 -28.87 5.62 0.45
CA MET A 86 -28.87 4.62 1.52
C MET A 86 -27.66 4.74 2.46
N GLY A 87 -26.50 4.96 1.88
CA GLY A 87 -25.26 5.08 2.64
C GLY A 87 -24.34 6.12 2.05
N GLU A 88 -24.49 7.39 2.51
CA GLU A 88 -23.64 8.53 2.10
C GLU A 88 -22.20 8.27 2.57
N GLU A 89 -22.08 7.61 3.74
CA GLU A 89 -20.84 7.20 4.39
C GLU A 89 -20.91 5.70 4.68
N ASN A 90 -19.89 4.97 4.22
CA ASN A 90 -19.79 3.53 4.43
C ASN A 90 -19.09 3.25 5.76
N GLN A 91 -19.72 2.39 6.59
CA GLN A 91 -19.26 1.97 7.92
C GLN A 91 -19.05 3.15 8.89
N THR A 92 -20.17 3.63 9.46
CA THR A 92 -20.17 4.68 10.48
C THR A 92 -20.30 3.92 11.78
N LEU A 93 -19.18 3.74 12.48
CA LEU A 93 -19.12 2.98 13.73
C LEU A 93 -19.47 3.84 14.94
N ASN A 94 -19.85 3.17 16.04
CA ASN A 94 -20.25 3.81 17.29
C ASN A 94 -19.09 4.59 17.90
N LEU A 95 -19.36 5.85 18.25
CA LEU A 95 -18.41 6.78 18.84
C LEU A 95 -17.98 6.32 20.24
N ALA A 96 -16.66 6.33 20.49
CA ALA A 96 -16.06 5.92 21.76
C ALA A 96 -14.85 6.82 22.11
N ALA A 97 -14.94 8.12 21.74
CA ALA A 97 -13.90 9.12 21.98
C ALA A 97 -14.27 10.04 23.18
N GLN A 98 -15.22 9.59 24.02
CA GLN A 98 -15.72 10.33 25.19
C GLN A 98 -15.71 9.44 26.48
N PRO A 99 -16.00 9.98 27.71
CA PRO A 99 -16.01 9.11 28.91
C PRO A 99 -17.09 8.01 28.85
N PRO A 100 -17.14 6.99 29.76
CA PRO A 100 -18.17 5.92 29.68
C PRO A 100 -19.38 6.19 28.78
N ALA A 101 -19.26 5.75 27.50
CA ALA A 101 -20.21 5.94 26.39
C ALA A 101 -21.51 5.19 26.60
N VAL A 102 -22.65 5.87 26.37
CA VAL A 102 -23.99 5.28 26.53
C VAL A 102 -24.59 4.98 25.17
N VAL A 103 -25.00 3.71 24.97
CA VAL A 103 -25.61 3.25 23.73
C VAL A 103 -27.04 2.78 24.06
N LEU A 104 -28.04 3.63 23.73
CA LEU A 104 -29.45 3.34 23.97
C LEU A 104 -30.04 2.60 22.79
N MET A 105 -30.80 1.53 23.07
CA MET A 105 -31.45 0.70 22.05
C MET A 105 -32.96 0.85 22.16
N ALA A 106 -33.61 1.31 21.09
CA ALA A 106 -35.08 1.51 21.07
C ALA A 106 -35.69 1.15 19.73
N GLY A 107 -36.88 0.56 19.79
CA GLY A 107 -37.66 0.13 18.64
C GLY A 107 -38.97 -0.50 19.05
N LEU A 108 -39.73 -1.03 18.08
CA LEU A 108 -41.03 -1.67 18.33
C LEU A 108 -40.88 -3.05 19.01
N GLN A 109 -42.01 -3.66 19.38
CA GLN A 109 -42.09 -4.96 20.05
C GLN A 109 -41.52 -6.07 19.17
N GLY A 110 -40.46 -6.71 19.67
CA GLY A 110 -39.78 -7.83 19.03
C GLY A 110 -39.03 -7.57 17.74
N ALA A 111 -38.28 -6.45 17.67
CA ALA A 111 -37.50 -6.08 16.49
C ALA A 111 -36.15 -6.83 16.43
N GLY A 112 -35.58 -7.09 17.60
CA GLY A 112 -34.29 -7.77 17.75
C GLY A 112 -33.29 -6.96 18.55
N LYS A 113 -33.77 -6.27 19.60
CA LYS A 113 -32.99 -5.38 20.45
C LYS A 113 -31.98 -6.12 21.33
N THR A 114 -32.47 -6.94 22.30
CA THR A 114 -31.65 -7.68 23.27
C THR A 114 -30.60 -8.59 22.62
N THR A 115 -30.94 -9.24 21.48
CA THR A 115 -30.03 -10.13 20.73
C THR A 115 -28.88 -9.28 20.16
N SER A 116 -29.21 -8.12 19.53
CA SER A 116 -28.25 -7.18 18.95
C SER A 116 -27.41 -6.52 20.03
N VAL A 117 -27.94 -6.33 21.27
CA VAL A 117 -27.14 -5.83 22.40
C VAL A 117 -26.03 -6.85 22.64
N GLY A 118 -26.40 -8.13 22.61
CA GLY A 118 -25.50 -9.27 22.76
C GLY A 118 -24.48 -9.35 21.64
N LYS A 119 -24.94 -9.17 20.36
CA LYS A 119 -24.08 -9.19 19.17
C LYS A 119 -23.15 -7.97 19.15
N LEU A 120 -23.59 -6.84 19.76
CA LEU A 120 -22.82 -5.60 19.91
C LEU A 120 -21.71 -5.78 20.92
N GLY A 121 -21.98 -6.58 21.95
CA GLY A 121 -21.02 -6.92 23.00
C GLY A 121 -19.78 -7.59 22.46
N LYS A 122 -19.96 -8.64 21.63
CA LYS A 122 -18.88 -9.38 20.99
C LYS A 122 -18.07 -8.48 20.03
N PHE A 123 -18.76 -7.56 19.33
CA PHE A 123 -18.14 -6.63 18.39
C PHE A 123 -17.19 -5.71 19.14
N LEU A 124 -17.70 -4.98 20.13
CA LEU A 124 -16.94 -4.04 20.95
C LEU A 124 -15.93 -4.72 21.87
N ARG A 125 -16.11 -6.02 22.17
CA ARG A 125 -15.21 -6.75 23.07
C ARG A 125 -14.05 -7.43 22.35
N GLU A 126 -14.32 -8.09 21.20
CA GLU A 126 -13.28 -8.81 20.46
C GLU A 126 -12.60 -7.94 19.39
N LYS A 127 -13.40 -7.28 18.51
CA LYS A 127 -12.92 -6.46 17.40
C LYS A 127 -12.49 -5.05 17.81
N HIS A 128 -13.09 -4.49 18.88
CA HIS A 128 -12.74 -3.14 19.32
C HIS A 128 -12.09 -3.10 20.73
N LYS A 129 -12.07 -4.26 21.45
CA LYS A 129 -11.48 -4.48 22.79
C LYS A 129 -11.85 -3.36 23.78
N LYS A 130 -13.11 -3.34 24.25
CA LYS A 130 -13.63 -2.32 25.16
C LYS A 130 -14.19 -2.94 26.44
N LYS A 131 -14.33 -2.14 27.52
CA LYS A 131 -14.91 -2.58 28.79
C LYS A 131 -16.42 -2.34 28.71
N VAL A 132 -17.17 -3.36 28.26
CA VAL A 132 -18.62 -3.30 28.00
C VAL A 132 -19.43 -3.66 29.25
N LEU A 133 -20.55 -2.92 29.45
CA LEU A 133 -21.51 -3.15 30.53
C LEU A 133 -22.93 -3.14 29.94
N VAL A 134 -23.68 -4.25 30.11
CA VAL A 134 -25.04 -4.40 29.57
C VAL A 134 -26.09 -4.24 30.67
N VAL A 135 -27.19 -3.53 30.36
CA VAL A 135 -28.32 -3.26 31.27
C VAL A 135 -29.66 -3.48 30.57
N SER A 136 -30.68 -3.93 31.32
CA SER A 136 -32.01 -4.08 30.75
C SER A 136 -33.02 -3.25 31.52
N ALA A 137 -33.82 -2.46 30.79
CA ALA A 137 -34.90 -1.64 31.32
C ALA A 137 -36.24 -2.31 30.99
N ASP A 138 -36.20 -3.44 30.22
CA ASP A 138 -37.39 -4.23 29.88
C ASP A 138 -37.83 -4.94 31.15
N VAL A 139 -38.88 -4.40 31.77
CA VAL A 139 -39.47 -4.91 33.01
C VAL A 139 -40.94 -5.30 32.73
N TYR A 140 -41.24 -5.51 31.45
CA TYR A 140 -42.55 -5.82 30.91
C TYR A 140 -42.60 -7.22 30.28
N ARG A 141 -41.62 -7.55 29.39
CA ARG A 141 -41.51 -8.84 28.72
C ARG A 141 -41.06 -9.91 29.76
N PRO A 142 -41.78 -11.06 29.86
CA PRO A 142 -41.39 -12.09 30.84
C PRO A 142 -39.97 -12.63 30.58
N ALA A 143 -39.14 -12.66 31.64
CA ALA A 143 -37.74 -13.11 31.66
C ALA A 143 -36.89 -12.42 30.56
N ALA A 144 -37.10 -11.11 30.37
CA ALA A 144 -36.33 -10.31 29.41
C ALA A 144 -34.97 -9.92 30.02
N ILE A 145 -34.94 -9.86 31.37
CA ILE A 145 -33.75 -9.53 32.18
C ILE A 145 -32.80 -10.75 32.17
N LYS A 146 -33.37 -11.95 32.37
CA LYS A 146 -32.62 -13.21 32.34
C LYS A 146 -32.12 -13.52 30.92
N GLN A 147 -32.82 -13.00 29.89
CA GLN A 147 -32.45 -13.18 28.48
C GLN A 147 -31.12 -12.47 28.23
N LEU A 148 -30.97 -11.21 28.69
CA LEU A 148 -29.73 -10.44 28.51
C LEU A 148 -28.62 -10.98 29.41
N GLU A 149 -28.99 -11.51 30.59
CA GLU A 149 -28.06 -12.09 31.55
C GLU A 149 -27.30 -13.25 30.90
N THR A 150 -28.00 -14.14 30.16
CA THR A 150 -27.43 -15.30 29.46
C THR A 150 -26.59 -14.84 28.26
N LEU A 151 -27.07 -13.79 27.56
CA LEU A 151 -26.38 -13.22 26.40
C LEU A 151 -25.06 -12.58 26.82
N ALA A 152 -25.01 -11.99 28.03
CA ALA A 152 -23.81 -11.36 28.60
C ALA A 152 -22.77 -12.42 28.96
N GLU A 153 -23.22 -13.58 29.49
CA GLU A 153 -22.41 -14.73 29.88
C GLU A 153 -21.82 -15.44 28.64
N GLN A 154 -22.52 -15.34 27.50
CA GLN A 154 -22.18 -15.92 26.19
C GLN A 154 -20.97 -15.22 25.57
N VAL A 155 -20.98 -13.88 25.58
CA VAL A 155 -19.92 -13.05 24.99
C VAL A 155 -18.73 -12.85 25.92
N GLY A 156 -18.98 -12.81 27.23
CA GLY A 156 -17.96 -12.56 28.25
C GLY A 156 -17.90 -11.09 28.61
N VAL A 157 -19.10 -10.46 28.72
CA VAL A 157 -19.31 -9.05 29.05
C VAL A 157 -20.04 -8.96 30.40
N ASP A 158 -19.67 -7.97 31.22
CA ASP A 158 -20.27 -7.77 32.53
C ASP A 158 -21.72 -7.26 32.40
N PHE A 159 -22.65 -7.89 33.16
CA PHE A 159 -24.10 -7.61 33.17
C PHE A 159 -24.55 -6.85 34.43
N PHE A 160 -25.46 -5.89 34.23
CA PHE A 160 -26.02 -5.09 35.32
C PHE A 160 -27.29 -5.74 35.85
N PRO A 161 -27.34 -6.01 37.18
CA PRO A 161 -28.54 -6.65 37.76
C PRO A 161 -29.73 -5.71 37.81
N SER A 162 -30.93 -6.27 37.56
CA SER A 162 -32.18 -5.52 37.58
C SER A 162 -33.34 -6.40 38.01
N ASP A 163 -34.39 -5.77 38.55
CA ASP A 163 -35.63 -6.39 39.00
C ASP A 163 -36.77 -5.94 38.10
N VAL A 164 -37.95 -6.53 38.26
CA VAL A 164 -39.17 -6.16 37.54
C VAL A 164 -39.84 -5.05 38.37
N GLY A 165 -39.62 -5.11 39.68
CA GLY A 165 -40.12 -4.15 40.64
C GLY A 165 -39.43 -2.80 40.55
N GLN A 166 -38.19 -2.79 40.00
CA GLN A 166 -37.37 -1.60 39.79
C GLN A 166 -37.95 -0.72 38.67
N LYS A 167 -37.96 0.62 38.85
CA LYS A 167 -38.46 1.55 37.84
C LYS A 167 -37.45 1.66 36.69
N PRO A 168 -37.91 1.62 35.40
CA PRO A 168 -36.95 1.68 34.27
C PRO A 168 -36.10 2.95 34.22
N VAL A 169 -36.64 4.08 34.69
CA VAL A 169 -35.96 5.38 34.73
C VAL A 169 -34.83 5.36 35.78
N ASP A 170 -35.01 4.62 36.89
CA ASP A 170 -34.03 4.51 37.96
C ASP A 170 -32.94 3.49 37.65
N ILE A 171 -33.27 2.46 36.83
CA ILE A 171 -32.33 1.42 36.42
C ILE A 171 -31.19 2.06 35.61
N VAL A 172 -31.56 2.80 34.53
CA VAL A 172 -30.63 3.47 33.61
C VAL A 172 -29.78 4.52 34.33
N ASN A 173 -30.36 5.20 35.34
CA ASN A 173 -29.70 6.22 36.15
C ASN A 173 -28.62 5.60 37.05
N ALA A 174 -28.94 4.45 37.70
CA ALA A 174 -28.05 3.71 38.61
C ALA A 174 -27.06 2.83 37.83
N ALA A 175 -27.37 2.51 36.56
CA ALA A 175 -26.53 1.70 35.68
C ALA A 175 -25.25 2.44 35.32
N LEU A 176 -25.39 3.73 34.93
CA LEU A 176 -24.31 4.64 34.57
C LEU A 176 -23.40 4.91 35.77
N LYS A 177 -23.99 4.94 36.99
CA LYS A 177 -23.29 5.15 38.25
C LYS A 177 -22.26 4.06 38.50
N GLU A 178 -22.59 2.78 38.20
CA GLU A 178 -21.69 1.64 38.34
C GLU A 178 -20.72 1.56 37.17
N ALA A 179 -21.15 2.05 35.98
CA ALA A 179 -20.37 2.07 34.74
C ALA A 179 -19.18 3.02 34.82
N LYS A 180 -19.39 4.21 35.41
CA LYS A 180 -18.37 5.22 35.58
C LYS A 180 -17.39 4.85 36.69
N LEU A 181 -17.91 4.24 37.78
CA LEU A 181 -17.14 3.80 38.94
C LEU A 181 -16.08 2.76 38.58
N LYS A 182 -16.41 1.80 37.70
CA LYS A 182 -15.46 0.76 37.27
C LYS A 182 -14.82 1.12 35.89
N PHE A 183 -15.06 2.36 35.41
CA PHE A 183 -14.51 2.96 34.19
C PHE A 183 -14.77 2.11 32.94
N TYR A 184 -16.03 1.66 32.77
CA TYR A 184 -16.46 0.87 31.61
C TYR A 184 -16.45 1.73 30.36
N ASP A 185 -15.91 1.21 29.25
CA ASP A 185 -15.82 1.94 27.99
C ASP A 185 -17.20 2.22 27.39
N VAL A 186 -18.06 1.19 27.33
CA VAL A 186 -19.42 1.32 26.78
C VAL A 186 -20.49 0.76 27.70
N LEU A 187 -21.60 1.50 27.81
CA LEU A 187 -22.77 1.10 28.57
C LEU A 187 -23.89 0.83 27.59
N LEU A 188 -24.13 -0.45 27.32
CA LEU A 188 -25.14 -0.92 26.41
C LEU A 188 -26.45 -1.02 27.16
N VAL A 189 -27.41 -0.16 26.79
CA VAL A 189 -28.73 -0.08 27.44
C VAL A 189 -29.81 -0.70 26.53
N ASP A 190 -30.48 -1.74 27.06
CA ASP A 190 -31.56 -2.44 26.40
C ASP A 190 -32.88 -1.99 27.01
N THR A 191 -33.90 -1.71 26.18
CA THR A 191 -35.22 -1.27 26.63
C THR A 191 -36.31 -2.21 26.11
N ALA A 192 -37.53 -2.09 26.64
CA ALA A 192 -38.69 -2.90 26.29
C ALA A 192 -39.24 -2.60 24.90
N GLY A 193 -40.17 -3.44 24.47
CA GLY A 193 -40.89 -3.28 23.22
C GLY A 193 -41.89 -2.15 23.40
N ARG A 194 -41.78 -1.10 22.56
CA ARG A 194 -42.61 0.09 22.67
C ARG A 194 -43.32 0.43 21.36
N LEU A 195 -44.64 0.58 21.43
CA LEU A 195 -45.43 0.99 20.28
C LEU A 195 -45.53 2.51 20.26
N HIS A 196 -45.07 3.13 19.16
CA HIS A 196 -45.02 4.59 18.92
C HIS A 196 -46.37 5.30 19.17
N VAL A 197 -47.49 4.57 19.00
CA VAL A 197 -48.86 5.05 19.22
C VAL A 197 -49.07 5.35 20.72
N ASP A 198 -48.51 4.49 21.61
CA ASP A 198 -48.63 4.57 23.08
C ASP A 198 -47.89 5.77 23.67
N GLU A 199 -48.68 6.74 24.21
CA GLU A 199 -48.23 7.98 24.86
C GLU A 199 -47.47 7.68 26.15
N ALA A 200 -47.90 6.64 26.89
CA ALA A 200 -47.35 6.20 28.16
C ALA A 200 -45.86 5.78 28.08
N MET A 201 -45.52 4.70 27.35
CA MET A 201 -44.15 4.19 27.27
C MET A 201 -43.27 5.00 26.33
N MET A 202 -43.87 5.74 25.38
CA MET A 202 -43.08 6.60 24.51
C MET A 202 -42.50 7.76 25.34
N ASP A 203 -43.17 8.08 26.47
CA ASP A 203 -42.74 9.11 27.42
C ASP A 203 -41.64 8.55 28.33
N GLU A 204 -41.62 7.20 28.52
CA GLU A 204 -40.65 6.47 29.34
C GLU A 204 -39.27 6.49 28.65
N ILE A 205 -39.23 6.18 27.34
CA ILE A 205 -37.99 6.15 26.56
C ILE A 205 -37.41 7.56 26.42
N LYS A 206 -38.27 8.59 26.30
CA LYS A 206 -37.88 9.99 26.21
C LYS A 206 -37.21 10.42 27.51
N GLN A 207 -37.79 10.00 28.66
CA GLN A 207 -37.29 10.30 30.00
C GLN A 207 -35.97 9.55 30.26
N VAL A 208 -35.85 8.33 29.72
CA VAL A 208 -34.64 7.50 29.84
C VAL A 208 -33.52 8.13 28.97
N HIS A 209 -33.85 8.64 27.75
CA HIS A 209 -32.90 9.31 26.86
C HIS A 209 -32.38 10.59 27.50
N ALA A 210 -33.19 11.21 28.38
CA ALA A 210 -32.82 12.42 29.10
C ALA A 210 -31.98 12.09 30.34
N SER A 211 -32.39 11.04 31.11
CA SER A 211 -31.75 10.55 32.33
C SER A 211 -30.26 10.25 32.11
N ILE A 212 -29.95 9.55 31.01
CA ILE A 212 -28.59 9.18 30.58
C ILE A 212 -28.38 9.70 29.17
N ASN A 213 -27.37 10.58 28.95
CA ASN A 213 -27.11 11.12 27.62
C ASN A 213 -26.50 10.04 26.72
N PRO A 214 -27.25 9.55 25.70
CA PRO A 214 -26.70 8.50 24.85
C PRO A 214 -25.96 9.07 23.65
N VAL A 215 -24.66 8.75 23.56
CA VAL A 215 -23.79 9.19 22.46
C VAL A 215 -24.24 8.52 21.15
N GLU A 216 -24.88 7.32 21.27
CA GLU A 216 -25.41 6.55 20.16
C GLU A 216 -26.83 6.06 20.52
N THR A 217 -27.85 6.58 19.80
CA THR A 217 -29.25 6.17 20.00
C THR A 217 -29.62 5.33 18.78
N LEU A 218 -29.36 4.02 18.87
CA LEU A 218 -29.60 3.07 17.77
C LEU A 218 -31.06 2.61 17.74
N PHE A 219 -31.72 2.81 16.57
CA PHE A 219 -33.11 2.43 16.33
C PHE A 219 -33.18 1.06 15.63
N VAL A 220 -33.56 0.02 16.40
CA VAL A 220 -33.65 -1.35 15.88
C VAL A 220 -35.00 -1.52 15.19
N VAL A 221 -34.95 -2.03 13.94
CA VAL A 221 -36.13 -2.27 13.11
C VAL A 221 -35.94 -3.55 12.28
N ASP A 222 -37.01 -4.35 12.16
CA ASP A 222 -37.05 -5.61 11.41
C ASP A 222 -36.92 -5.32 9.92
N ALA A 223 -36.17 -6.17 9.19
CA ALA A 223 -35.93 -5.99 7.75
C ALA A 223 -37.18 -6.24 6.89
N MET A 224 -38.11 -7.10 7.35
CA MET A 224 -39.31 -7.45 6.60
C MET A 224 -40.50 -6.50 6.77
N THR A 225 -40.45 -5.56 7.76
CA THR A 225 -41.52 -4.58 8.05
C THR A 225 -41.91 -3.79 6.79
N GLY A 226 -43.21 -3.80 6.47
CA GLY A 226 -43.76 -3.16 5.28
C GLY A 226 -43.96 -1.66 5.35
N GLN A 227 -45.06 -1.20 4.74
CA GLN A 227 -45.51 0.20 4.61
C GLN A 227 -45.60 0.93 5.95
N ASP A 228 -45.81 0.19 7.06
CA ASP A 228 -45.92 0.71 8.41
C ASP A 228 -44.67 1.47 8.83
N ALA A 229 -43.48 1.07 8.30
CA ALA A 229 -42.18 1.71 8.56
C ALA A 229 -42.22 3.24 8.40
N ALA A 230 -43.16 3.76 7.59
CA ALA A 230 -43.37 5.19 7.35
C ALA A 230 -43.83 5.88 8.64
N ASN A 231 -44.84 5.30 9.32
CA ASN A 231 -45.38 5.81 10.59
C ASN A 231 -44.37 5.63 11.71
N THR A 232 -43.63 4.51 11.69
CA THR A 232 -42.62 4.12 12.67
C THR A 232 -41.41 5.08 12.63
N ALA A 233 -40.81 5.30 11.45
CA ALA A 233 -39.63 6.18 11.28
C ALA A 233 -39.92 7.64 11.66
N LYS A 234 -41.13 8.14 11.34
CA LYS A 234 -41.56 9.52 11.64
C LYS A 234 -41.56 9.76 13.14
N ALA A 235 -42.42 9.02 13.89
CA ALA A 235 -42.61 9.12 15.33
C ALA A 235 -41.35 8.82 16.15
N PHE A 236 -40.55 7.80 15.77
CA PHE A 236 -39.33 7.44 16.51
C PHE A 236 -38.19 8.44 16.31
N ASN A 237 -38.23 9.27 15.25
CA ASN A 237 -37.20 10.30 15.07
C ASN A 237 -37.69 11.63 15.63
N GLU A 238 -39.01 11.89 15.55
CA GLU A 238 -39.63 13.13 16.06
C GLU A 238 -39.65 13.16 17.59
N ALA A 239 -39.64 11.98 18.24
CA ALA A 239 -39.65 11.86 19.70
C ALA A 239 -38.23 11.71 20.28
N LEU A 240 -37.35 10.95 19.59
CA LEU A 240 -35.98 10.71 20.06
C LEU A 240 -34.92 11.15 19.04
N PRO A 241 -33.84 11.84 19.48
CA PRO A 241 -32.78 12.24 18.53
C PRO A 241 -31.87 11.04 18.23
N LEU A 242 -32.29 10.22 17.25
CA LEU A 242 -31.62 8.99 16.80
C LEU A 242 -30.27 9.27 16.15
N THR A 243 -29.31 8.35 16.35
CA THR A 243 -27.96 8.41 15.76
C THR A 243 -27.56 6.98 15.42
N GLY A 244 -28.18 6.45 14.36
CA GLY A 244 -27.93 5.10 13.89
C GLY A 244 -29.14 4.18 13.87
N VAL A 245 -29.14 3.24 12.91
CA VAL A 245 -30.21 2.25 12.70
C VAL A 245 -29.57 0.86 12.69
N VAL A 246 -30.26 -0.13 13.27
CA VAL A 246 -29.83 -1.53 13.32
C VAL A 246 -30.90 -2.36 12.60
N LEU A 247 -30.56 -2.89 11.40
CA LEU A 247 -31.48 -3.71 10.61
C LEU A 247 -31.24 -5.19 10.92
N THR A 248 -32.29 -5.87 11.43
CA THR A 248 -32.23 -7.27 11.86
C THR A 248 -33.03 -8.18 10.94
N LYS A 249 -32.66 -9.48 10.94
CA LYS A 249 -33.24 -10.58 10.17
C LYS A 249 -33.02 -10.37 8.64
N VAL A 250 -31.86 -9.80 8.29
CA VAL A 250 -31.43 -9.50 6.92
C VAL A 250 -31.09 -10.81 6.17
N ASP A 251 -30.83 -11.91 6.92
CA ASP A 251 -30.52 -13.25 6.38
C ASP A 251 -31.72 -13.84 5.62
N GLY A 252 -32.92 -13.32 5.92
CA GLY A 252 -34.18 -13.73 5.31
C GLY A 252 -34.29 -13.41 3.84
N ASP A 253 -35.27 -14.04 3.17
CA ASP A 253 -35.52 -13.88 1.74
C ASP A 253 -36.28 -12.57 1.43
N ALA A 254 -36.69 -11.82 2.47
CA ALA A 254 -37.38 -10.54 2.34
C ALA A 254 -36.46 -9.50 1.72
N ARG A 255 -36.94 -8.79 0.68
CA ARG A 255 -36.22 -7.78 -0.11
C ARG A 255 -35.59 -6.70 0.78
N GLY A 256 -36.27 -6.37 1.87
CA GLY A 256 -35.82 -5.39 2.86
C GLY A 256 -36.01 -3.95 2.44
N GLY A 257 -37.21 -3.66 1.96
CA GLY A 257 -37.58 -2.34 1.47
C GLY A 257 -37.67 -1.26 2.53
N ALA A 258 -37.83 -1.66 3.81
CA ALA A 258 -37.91 -0.73 4.93
C ALA A 258 -36.59 0.02 5.15
N ALA A 259 -35.45 -0.62 4.83
CA ALA A 259 -34.11 -0.06 4.96
C ALA A 259 -33.98 1.27 4.20
N LEU A 260 -34.56 1.36 2.99
CA LEU A 260 -34.59 2.58 2.18
C LEU A 260 -35.63 3.54 2.78
N SER A 261 -36.72 2.99 3.35
CA SER A 261 -37.78 3.77 3.97
C SER A 261 -37.29 4.43 5.27
N ILE A 262 -36.46 3.74 6.09
CA ILE A 262 -35.95 4.28 7.35
C ILE A 262 -34.91 5.38 7.08
N ARG A 263 -33.92 5.13 6.20
CA ARG A 263 -32.86 6.07 5.85
C ARG A 263 -33.40 7.37 5.21
N HIS A 264 -34.53 7.27 4.47
CA HIS A 264 -35.15 8.41 3.81
C HIS A 264 -35.83 9.35 4.82
N ILE A 265 -36.77 8.83 5.62
CA ILE A 265 -37.55 9.62 6.57
C ILE A 265 -36.68 10.14 7.73
N THR A 266 -35.98 9.26 8.47
CA THR A 266 -35.15 9.69 9.61
C THR A 266 -33.95 10.53 9.18
N GLY A 267 -33.26 10.08 8.13
CA GLY A 267 -32.06 10.72 7.61
C GLY A 267 -30.83 10.28 8.37
N LYS A 268 -31.02 9.37 9.34
CA LYS A 268 -29.96 8.83 10.18
C LYS A 268 -29.39 7.58 9.51
N PRO A 269 -28.05 7.44 9.43
CA PRO A 269 -27.47 6.30 8.70
C PRO A 269 -27.58 4.97 9.44
N ILE A 270 -27.79 3.89 8.66
CA ILE A 270 -27.85 2.51 9.15
C ILE A 270 -26.43 2.12 9.53
N LYS A 271 -26.25 1.54 10.72
CA LYS A 271 -24.91 1.25 11.23
C LYS A 271 -24.60 -0.24 11.32
N PHE A 272 -25.62 -1.09 11.55
CA PHE A 272 -25.38 -2.53 11.66
C PHE A 272 -26.44 -3.38 10.96
N LEU A 273 -26.05 -4.61 10.61
CA LEU A 273 -26.89 -5.60 9.94
C LEU A 273 -26.78 -6.96 10.65
N GLY A 274 -27.92 -7.54 11.00
CA GLY A 274 -27.99 -8.84 11.65
C GLY A 274 -28.24 -9.90 10.60
N VAL A 275 -27.43 -10.97 10.61
CA VAL A 275 -27.54 -12.04 9.60
C VAL A 275 -27.83 -13.44 10.23
N GLY A 276 -28.46 -13.46 11.41
CA GLY A 276 -28.79 -14.71 12.11
C GLY A 276 -29.08 -14.54 13.60
N GLU A 277 -29.55 -15.63 14.23
CA GLU A 277 -29.89 -15.66 15.65
C GLU A 277 -28.66 -15.65 16.54
N LYS A 278 -27.56 -16.25 16.06
CA LYS A 278 -26.27 -16.39 16.76
C LYS A 278 -25.64 -15.05 17.15
N THR A 279 -24.62 -15.08 18.02
CA THR A 279 -23.90 -13.90 18.50
C THR A 279 -22.87 -13.40 17.45
N GLU A 280 -22.43 -14.31 16.58
CA GLU A 280 -21.47 -14.06 15.49
C GLU A 280 -22.10 -13.23 14.38
N ALA A 281 -23.44 -13.28 14.28
CA ALA A 281 -24.30 -12.71 13.23
C ALA A 281 -24.46 -11.18 13.24
N LEU A 282 -23.35 -10.44 13.25
CA LEU A 282 -23.39 -8.99 13.14
C LEU A 282 -22.35 -8.53 12.15
N GLU A 283 -22.83 -7.79 11.15
CA GLU A 283 -22.04 -7.25 10.06
C GLU A 283 -22.13 -5.72 10.03
N PRO A 284 -21.02 -5.00 9.74
CA PRO A 284 -21.11 -3.55 9.62
C PRO A 284 -21.85 -3.17 8.31
N PHE A 285 -22.70 -2.11 8.37
CA PHE A 285 -23.52 -1.68 7.23
C PHE A 285 -22.72 -1.41 5.97
N HIS A 286 -23.32 -1.82 4.85
CA HIS A 286 -22.83 -1.66 3.48
C HIS A 286 -24.05 -1.48 2.53
N PRO A 287 -24.18 -0.33 1.83
CA PRO A 287 -25.38 -0.10 1.00
C PRO A 287 -25.36 -0.80 -0.37
N ASP A 288 -24.16 -0.98 -0.98
CA ASP A 288 -23.95 -1.60 -2.30
C ASP A 288 -24.61 -2.98 -2.40
N ARG A 289 -24.55 -3.75 -1.32
CA ARG A 289 -25.11 -5.10 -1.20
C ARG A 289 -26.63 -5.07 -1.06
N ILE A 290 -27.15 -4.23 -0.12
CA ILE A 290 -28.58 -4.14 0.17
C ILE A 290 -29.36 -3.43 -0.97
N ALA A 291 -28.71 -2.51 -1.71
CA ALA A 291 -29.34 -1.79 -2.82
C ALA A 291 -29.79 -2.73 -3.94
N SER A 292 -28.92 -3.71 -4.31
CA SER A 292 -29.16 -4.72 -5.34
C SER A 292 -30.19 -5.75 -4.88
N ARG A 293 -30.41 -5.85 -3.56
CA ARG A 293 -31.36 -6.77 -2.94
C ARG A 293 -32.78 -6.18 -2.90
N ILE A 294 -32.90 -4.83 -2.82
CA ILE A 294 -34.19 -4.14 -2.82
C ILE A 294 -34.71 -4.11 -4.27
N LEU A 295 -33.82 -3.77 -5.24
CA LEU A 295 -34.11 -3.68 -6.68
C LEU A 295 -34.71 -4.96 -7.27
N GLY A 296 -34.22 -6.12 -6.83
CA GLY A 296 -34.70 -7.43 -7.27
C GLY A 296 -34.21 -7.82 -8.64
N MET A 297 -34.45 -6.95 -9.64
CA MET A 297 -34.03 -7.17 -11.03
C MET A 297 -32.51 -7.12 -11.12
N GLY A 298 -31.92 -8.31 -11.10
CA GLY A 298 -30.49 -8.52 -11.17
C GLY A 298 -30.02 -9.00 -12.52
N ASP A 299 -30.92 -9.65 -13.28
CA ASP A 299 -30.66 -10.19 -14.61
C ASP A 299 -30.47 -9.08 -15.64
N VAL A 300 -31.01 -7.87 -15.35
CA VAL A 300 -30.89 -6.68 -16.18
C VAL A 300 -29.55 -6.01 -15.87
N LEU A 301 -29.26 -5.78 -14.57
CA LEU A 301 -28.02 -5.17 -14.09
C LEU A 301 -26.78 -6.04 -14.36
N SER A 302 -26.94 -7.39 -14.40
CA SER A 302 -25.85 -8.34 -14.68
C SER A 302 -25.33 -8.20 -16.11
N LEU A 303 -26.22 -7.84 -17.07
CA LEU A 303 -25.87 -7.65 -18.47
C LEU A 303 -25.33 -6.24 -18.74
N ILE A 304 -25.90 -5.19 -18.09
CA ILE A 304 -25.47 -3.79 -18.24
C ILE A 304 -24.00 -3.66 -17.79
N GLU A 305 -23.62 -4.28 -16.65
CA GLU A 305 -22.26 -4.27 -16.11
C GLU A 305 -21.32 -5.19 -16.93
N ASP A 306 -21.90 -6.12 -17.72
CA ASP A 306 -21.17 -7.06 -18.58
C ASP A 306 -20.92 -6.44 -19.97
N ILE A 307 -21.90 -5.68 -20.50
CA ILE A 307 -21.83 -4.99 -21.80
C ILE A 307 -20.84 -3.81 -21.69
N GLU A 308 -20.93 -3.02 -20.60
CA GLU A 308 -20.06 -1.87 -20.31
C GLU A 308 -18.59 -2.28 -20.25
N SER A 309 -18.30 -3.43 -19.58
CA SER A 309 -16.95 -3.99 -19.42
C SER A 309 -16.36 -4.43 -20.77
N LYS A 310 -17.20 -5.00 -21.67
CA LYS A 310 -16.82 -5.44 -23.03
C LYS A 310 -16.42 -4.23 -23.89
N VAL A 311 -17.10 -3.09 -23.68
CA VAL A 311 -16.87 -1.82 -24.37
C VAL A 311 -15.63 -1.14 -23.76
N ASP A 312 -15.53 -1.10 -22.40
CA ASP A 312 -14.41 -0.51 -21.65
C ASP A 312 -13.06 -1.16 -22.00
N ARG A 313 -13.03 -2.50 -22.18
CA ARG A 313 -11.80 -3.22 -22.53
C ARG A 313 -11.41 -2.99 -24.00
N ALA A 314 -12.42 -2.88 -24.90
CA ALA A 314 -12.22 -2.64 -26.33
C ALA A 314 -11.76 -1.20 -26.61
N GLN A 315 -12.30 -0.21 -25.86
CA GLN A 315 -11.97 1.22 -25.98
C GLN A 315 -10.54 1.50 -25.50
N ALA A 316 -10.05 0.72 -24.51
CA ALA A 316 -8.72 0.87 -23.93
C ALA A 316 -7.65 0.17 -24.77
N GLU A 317 -7.97 -1.01 -25.35
CA GLU A 317 -7.06 -1.81 -26.17
C GLU A 317 -6.81 -1.18 -27.54
N LYS A 318 -7.85 -0.59 -28.17
CA LYS A 318 -7.76 0.07 -29.48
C LYS A 318 -7.05 1.44 -29.38
N LEU A 319 -7.01 2.03 -28.17
CA LEU A 319 -6.37 3.32 -27.89
C LEU A 319 -4.90 3.12 -27.47
N ALA A 320 -4.60 2.00 -26.77
CA ALA A 320 -3.24 1.65 -26.32
C ALA A 320 -2.32 1.38 -27.50
N SER A 321 -2.83 0.68 -28.54
CA SER A 321 -2.10 0.35 -29.77
C SER A 321 -1.80 1.62 -30.57
N LYS A 322 -2.75 2.57 -30.59
CA LYS A 322 -2.63 3.86 -31.28
C LYS A 322 -1.63 4.77 -30.56
N LEU A 323 -1.59 4.69 -29.21
CA LEU A 323 -0.67 5.48 -28.39
C LEU A 323 0.76 4.94 -28.48
N LYS A 324 0.92 3.62 -28.72
CA LYS A 324 2.21 2.96 -28.87
C LYS A 324 2.80 3.20 -30.26
N LYS A 325 1.93 3.27 -31.30
CA LYS A 325 2.29 3.51 -32.70
C LYS A 325 2.29 5.02 -33.04
N GLY A 326 2.14 5.85 -32.00
CA GLY A 326 2.12 7.31 -32.08
C GLY A 326 3.48 7.95 -32.31
N ASP A 327 4.56 7.13 -32.35
CA ASP A 327 5.94 7.55 -32.59
C ASP A 327 6.11 8.04 -34.05
N GLY A 328 5.18 7.65 -34.93
CA GLY A 328 5.15 8.08 -36.32
C GLY A 328 5.68 7.11 -37.35
N PHE A 329 6.78 6.38 -37.02
CA PHE A 329 7.36 5.47 -37.99
C PHE A 329 7.81 4.13 -37.42
N ASP A 330 7.56 3.07 -38.23
CA ASP A 330 7.93 1.67 -38.02
C ASP A 330 7.84 0.95 -39.39
N LEU A 331 8.19 -0.36 -39.43
CA LEU A 331 8.17 -1.16 -40.67
C LEU A 331 6.75 -1.37 -41.21
N ASN A 332 5.71 -1.23 -40.34
CA ASN A 332 4.30 -1.31 -40.73
C ASN A 332 3.95 -0.14 -41.65
N ASP A 333 4.53 1.04 -41.37
CA ASP A 333 4.36 2.26 -42.17
C ASP A 333 5.22 2.20 -43.43
N PHE A 334 6.43 1.59 -43.33
CA PHE A 334 7.36 1.44 -44.45
C PHE A 334 6.78 0.51 -45.53
N LEU A 335 6.09 -0.58 -45.12
CA LEU A 335 5.45 -1.54 -46.04
C LEU A 335 4.27 -0.90 -46.77
N GLU A 336 3.56 0.02 -46.08
CA GLU A 336 2.42 0.76 -46.63
C GLU A 336 2.88 1.76 -47.70
N GLN A 337 4.14 2.25 -47.59
CA GLN A 337 4.76 3.18 -48.53
C GLN A 337 5.17 2.48 -49.82
N LEU A 338 5.62 1.20 -49.71
CA LEU A 338 6.05 0.35 -50.82
C LEU A 338 4.89 0.01 -51.76
N ARG A 339 3.74 -0.39 -51.18
CA ARG A 339 2.52 -0.79 -51.91
C ARG A 339 1.84 0.39 -52.61
N GLN A 340 1.97 1.62 -52.04
CA GLN A 340 1.42 2.85 -52.61
C GLN A 340 2.29 3.33 -53.77
N MET A 341 3.57 2.91 -53.77
CA MET A 341 4.60 3.21 -54.77
C MET A 341 4.53 2.22 -55.94
N LYS A 342 4.31 0.92 -55.64
CA LYS A 342 4.17 -0.16 -56.64
C LYS A 342 2.87 0.01 -57.43
N ASN A 343 1.82 0.54 -56.78
CA ASN A 343 0.49 0.81 -57.35
C ASN A 343 0.58 1.83 -58.51
N MET A 344 1.59 2.74 -58.46
CA MET A 344 1.86 3.76 -59.47
C MET A 344 2.36 3.09 -60.77
N GLY A 345 1.73 3.43 -61.89
CA GLY A 345 2.03 2.87 -63.21
C GLY A 345 3.27 3.38 -63.92
N GLY A 346 3.87 4.45 -63.40
CA GLY A 346 5.07 5.07 -63.96
C GLY A 346 6.38 4.64 -63.33
N MET A 347 6.37 4.36 -62.00
CA MET A 347 7.50 3.92 -61.16
C MET A 347 8.56 5.03 -60.96
N ALA A 348 9.27 4.96 -59.83
CA ALA A 348 10.33 5.89 -59.43
C ALA A 348 11.57 5.77 -60.33
N SER A 349 11.81 4.57 -60.92
CA SER A 349 12.93 4.25 -61.80
C SER A 349 12.96 5.17 -63.03
N LEU A 350 11.77 5.47 -63.58
CA LEU A 350 11.59 6.33 -64.76
C LEU A 350 11.37 7.81 -64.37
N MET A 351 11.00 8.08 -63.09
CA MET A 351 10.76 9.44 -62.59
C MET A 351 12.03 10.12 -62.09
N GLY A 352 12.86 9.37 -61.35
CA GLY A 352 14.12 9.86 -60.79
C GLY A 352 15.35 9.43 -61.57
N LYS A 353 15.84 10.31 -62.46
CA LYS A 353 17.02 10.10 -63.31
C LYS A 353 18.10 11.13 -63.03
N ASP A 369 18.33 -1.84 -59.86
CA ASP A 369 17.61 -0.94 -58.96
C ASP A 369 16.14 -1.35 -58.80
N ASP A 370 15.52 -1.84 -59.90
CA ASP A 370 14.12 -2.29 -59.94
C ASP A 370 13.92 -3.58 -59.14
N LYS A 371 14.94 -4.46 -59.13
CA LYS A 371 14.94 -5.75 -58.42
C LYS A 371 14.95 -5.56 -56.89
N VAL A 372 15.59 -4.47 -56.41
CA VAL A 372 15.78 -4.13 -55.00
C VAL A 372 14.43 -3.94 -54.26
N LEU A 373 13.50 -3.15 -54.85
CA LEU A 373 12.19 -2.85 -54.27
C LEU A 373 11.29 -4.09 -54.10
N VAL A 374 11.31 -5.02 -55.08
CA VAL A 374 10.51 -6.25 -55.08
C VAL A 374 11.02 -7.19 -53.97
N ARG A 375 12.36 -7.26 -53.81
CA ARG A 375 13.05 -8.07 -52.79
C ARG A 375 12.81 -7.53 -51.38
N MET A 376 12.76 -6.18 -51.23
CA MET A 376 12.57 -5.48 -49.96
C MET A 376 11.19 -5.73 -49.37
N GLU A 377 10.16 -5.88 -50.22
CA GLU A 377 8.77 -6.14 -49.78
C GLU A 377 8.67 -7.52 -49.12
N ALA A 378 9.32 -8.55 -49.72
CA ALA A 378 9.32 -9.95 -49.27
C ALA A 378 9.93 -10.13 -47.87
N ILE A 379 11.03 -9.41 -47.56
CA ILE A 379 11.74 -9.48 -46.28
C ILE A 379 10.85 -8.94 -45.13
N ILE A 380 10.20 -7.77 -45.32
CA ILE A 380 9.32 -7.17 -44.31
C ILE A 380 8.03 -8.01 -44.18
N ASN A 381 7.60 -8.69 -45.26
CA ASN A 381 6.42 -9.55 -45.28
C ASN A 381 6.60 -10.78 -44.39
N SER A 382 7.82 -11.33 -44.32
CA SER A 382 8.16 -12.51 -43.52
C SER A 382 8.27 -12.20 -42.01
N MET A 383 8.37 -10.90 -41.64
CA MET A 383 8.48 -10.44 -40.25
C MET A 383 7.15 -10.53 -39.49
N THR A 384 7.20 -10.59 -38.14
CA THR A 384 6.01 -10.62 -37.28
C THR A 384 5.56 -9.19 -36.98
N MET A 385 4.37 -9.03 -36.36
CA MET A 385 3.78 -7.74 -35.97
C MET A 385 4.69 -7.00 -35.00
N LYS A 386 5.31 -7.75 -34.07
CA LYS A 386 6.26 -7.27 -33.06
C LYS A 386 7.53 -6.74 -33.72
N GLU A 387 8.11 -7.53 -34.66
CA GLU A 387 9.33 -7.21 -35.40
C GLU A 387 9.20 -5.94 -36.24
N ARG A 388 7.99 -5.69 -36.77
CA ARG A 388 7.69 -4.51 -37.58
C ARG A 388 7.59 -3.25 -36.70
N ALA A 389 6.91 -3.35 -35.54
CA ALA A 389 6.74 -2.25 -34.59
C ALA A 389 8.07 -1.85 -33.91
N LYS A 390 8.92 -2.85 -33.59
CA LYS A 390 10.23 -2.65 -32.96
C LYS A 390 11.34 -3.36 -33.77
N PRO A 391 12.20 -2.61 -34.50
CA PRO A 391 13.26 -3.27 -35.28
C PRO A 391 14.42 -3.79 -34.42
N GLU A 392 14.54 -3.27 -33.19
CA GLU A 392 15.63 -3.60 -32.26
C GLU A 392 15.53 -5.02 -31.66
N ILE A 393 14.35 -5.67 -31.69
CA ILE A 393 14.18 -7.01 -31.12
C ILE A 393 14.72 -8.10 -32.06
N ILE A 394 14.93 -7.77 -33.36
CA ILE A 394 15.44 -8.70 -34.38
C ILE A 394 16.93 -8.95 -34.13
N LYS A 395 17.30 -10.22 -33.82
CA LYS A 395 18.68 -10.65 -33.53
C LYS A 395 19.03 -11.97 -34.23
N GLY A 396 20.12 -12.60 -33.80
CA GLY A 396 20.67 -13.86 -34.31
C GLY A 396 19.73 -14.85 -34.97
N SER A 397 18.91 -15.54 -34.15
CA SER A 397 17.95 -16.54 -34.63
C SER A 397 16.78 -15.90 -35.38
N ARG A 398 16.39 -14.68 -34.95
CA ARG A 398 15.30 -13.90 -35.56
C ARG A 398 15.63 -13.49 -37.00
N LYS A 399 16.92 -13.19 -37.28
CA LYS A 399 17.40 -12.82 -38.62
C LYS A 399 17.45 -14.04 -39.55
N ARG A 400 17.83 -15.21 -39.00
CA ARG A 400 17.95 -16.49 -39.73
C ARG A 400 16.58 -17.05 -40.14
N ARG A 401 15.53 -16.69 -39.39
CA ARG A 401 14.15 -17.10 -39.64
C ARG A 401 13.57 -16.36 -40.86
N ILE A 402 13.81 -15.03 -40.95
CA ILE A 402 13.33 -14.15 -42.02
C ILE A 402 13.88 -14.62 -43.39
N ALA A 403 15.20 -14.87 -43.48
CA ALA A 403 15.89 -15.30 -44.69
C ALA A 403 15.45 -16.70 -45.18
N ALA A 404 15.18 -17.65 -44.26
CA ALA A 404 14.79 -19.04 -44.57
C ALA A 404 13.45 -19.11 -45.34
N GLY A 405 12.48 -18.30 -44.93
CA GLY A 405 11.16 -18.24 -45.54
C GLY A 405 11.05 -17.31 -46.73
N SER A 406 11.83 -16.19 -46.71
CA SER A 406 11.86 -15.20 -47.79
C SER A 406 12.64 -15.70 -49.01
N GLY A 407 13.61 -16.59 -48.77
CA GLY A 407 14.47 -17.15 -49.81
C GLY A 407 15.65 -16.26 -50.13
N MET A 408 16.01 -15.37 -49.18
CA MET A 408 17.11 -14.40 -49.31
C MET A 408 18.31 -14.86 -48.46
N GLN A 409 19.10 -13.91 -47.92
CA GLN A 409 20.28 -14.20 -47.11
C GLN A 409 20.27 -13.37 -45.82
N VAL A 410 21.15 -13.72 -44.87
CA VAL A 410 21.32 -13.02 -43.58
C VAL A 410 21.76 -11.58 -43.87
N GLN A 411 22.62 -11.40 -44.89
CA GLN A 411 23.13 -10.10 -45.34
C GLN A 411 22.00 -9.25 -45.94
N ASP A 412 21.01 -9.87 -46.63
CA ASP A 412 19.88 -9.17 -47.24
C ASP A 412 19.00 -8.50 -46.19
N VAL A 413 18.70 -9.21 -45.09
CA VAL A 413 17.88 -8.72 -43.98
C VAL A 413 18.62 -7.59 -43.27
N ASN A 414 19.93 -7.79 -43.01
CA ASN A 414 20.81 -6.83 -42.34
C ASN A 414 20.96 -5.55 -43.18
N ARG A 415 20.90 -5.69 -44.53
CA ARG A 415 20.98 -4.58 -45.49
C ARG A 415 19.71 -3.75 -45.37
N LEU A 416 18.54 -4.41 -45.37
CA LEU A 416 17.21 -3.83 -45.27
C LEU A 416 17.04 -3.02 -43.97
N LEU A 417 17.50 -3.59 -42.83
CA LEU A 417 17.41 -2.97 -41.52
C LEU A 417 18.26 -1.70 -41.40
N LYS A 418 19.42 -1.65 -42.08
CA LYS A 418 20.33 -0.50 -42.09
C LYS A 418 19.66 0.67 -42.80
N GLN A 419 19.02 0.40 -43.96
CA GLN A 419 18.30 1.37 -44.79
C GLN A 419 17.11 1.96 -44.03
N PHE A 420 16.42 1.12 -43.25
CA PHE A 420 15.26 1.51 -42.43
C PHE A 420 15.72 2.39 -41.25
N ASP A 421 16.91 2.10 -40.67
CA ASP A 421 17.48 2.85 -39.54
C ASP A 421 17.78 4.30 -39.94
N ASP A 422 18.30 4.49 -41.18
CA ASP A 422 18.64 5.80 -41.72
C ASP A 422 17.37 6.58 -42.11
N MET A 423 16.27 5.84 -42.39
CA MET A 423 14.96 6.41 -42.76
C MET A 423 14.32 7.11 -41.54
N GLN A 424 14.25 6.40 -40.38
CA GLN A 424 13.67 6.94 -39.13
C GLN A 424 14.52 8.10 -38.57
N ARG A 425 15.84 8.11 -38.85
CA ARG A 425 16.76 9.18 -38.46
C ARG A 425 16.45 10.44 -39.28
N MET A 426 16.07 10.24 -40.56
CA MET A 426 15.71 11.29 -41.50
C MET A 426 14.28 11.78 -41.27
N MET A 427 13.40 10.89 -40.80
CA MET A 427 11.99 11.18 -40.50
C MET A 427 11.86 12.08 -39.26
N LYS A 428 12.56 11.72 -38.16
CA LYS A 428 12.53 12.46 -36.89
C LYS A 428 13.19 13.84 -37.01
N LYS A 429 14.23 13.97 -37.87
CA LYS A 429 14.97 15.23 -38.08
C LYS A 429 14.16 16.26 -38.87
N MET A 430 13.30 15.82 -39.81
CA MET A 430 12.49 16.70 -40.64
C MET A 430 11.00 16.67 -40.24
N LYS A 431 10.23 15.69 -40.77
CA LYS A 431 8.79 15.52 -40.51
C LYS A 431 8.44 14.02 -40.45
N LYS A 432 8.76 13.30 -41.42
N ILE B 20 -61.94 8.29 5.78
CA ILE B 20 -63.18 7.63 5.35
C ILE B 20 -64.29 8.65 5.06
N SER B 21 -64.48 9.65 5.95
CA SER B 21 -65.50 10.70 5.85
C SER B 21 -65.22 11.70 4.72
N LEU B 22 -63.95 11.87 4.34
CA LEU B 22 -63.50 12.78 3.27
C LEU B 22 -63.93 12.29 1.87
N PHE B 23 -64.23 10.99 1.74
CA PHE B 23 -64.66 10.36 0.49
C PHE B 23 -66.10 10.73 0.09
N ARG B 24 -66.96 11.03 1.08
CA ARG B 24 -68.38 11.39 0.88
C ARG B 24 -68.57 12.64 0.00
N GLY B 25 -67.83 13.71 0.33
CA GLY B 25 -67.87 14.98 -0.39
C GLY B 25 -66.91 15.07 -1.55
N LYS B 26 -66.90 14.05 -2.42
CA LYS B 26 -66.05 13.95 -3.60
C LYS B 26 -66.80 13.29 -4.77
N LYS B 27 -66.47 13.70 -6.01
CA LYS B 27 -67.06 13.16 -7.23
C LYS B 27 -66.21 12.01 -7.76
N ILE B 28 -66.87 10.94 -8.29
CA ILE B 28 -66.19 9.76 -8.83
C ILE B 28 -65.50 10.11 -10.17
N ASP B 29 -64.18 9.86 -10.24
CA ASP B 29 -63.31 10.07 -11.40
C ASP B 29 -62.05 9.19 -11.29
N ASP B 30 -61.09 9.37 -12.22
CA ASP B 30 -59.83 8.62 -12.25
C ASP B 30 -58.87 9.07 -11.12
N ASP B 31 -59.06 10.31 -10.62
CA ASP B 31 -58.27 10.89 -9.53
C ASP B 31 -58.63 10.25 -8.18
N LEU B 32 -59.94 10.00 -7.94
CA LEU B 32 -60.44 9.38 -6.71
C LEU B 32 -60.08 7.89 -6.65
N PHE B 33 -60.03 7.21 -7.83
CA PHE B 33 -59.64 5.80 -7.93
C PHE B 33 -58.17 5.64 -7.57
N GLU B 34 -57.33 6.62 -7.95
CA GLU B 34 -55.90 6.70 -7.65
C GLU B 34 -55.70 6.99 -6.14
N GLU B 35 -56.64 7.76 -5.53
CA GLU B 35 -56.64 8.10 -4.10
C GLU B 35 -56.99 6.88 -3.26
N LEU B 36 -57.84 5.98 -3.80
CA LEU B 36 -58.27 4.74 -3.14
C LEU B 36 -57.19 3.67 -3.24
N GLU B 37 -56.50 3.58 -4.40
CA GLU B 37 -55.42 2.62 -4.68
C GLU B 37 -54.23 2.86 -3.73
N GLU B 38 -53.84 4.14 -3.53
CA GLU B 38 -52.72 4.54 -2.66
C GLU B 38 -53.03 4.27 -1.19
N GLN B 39 -54.32 4.39 -0.78
CA GLN B 39 -54.75 4.10 0.60
C GLN B 39 -54.91 2.58 0.80
N LEU B 40 -54.98 1.81 -0.30
CA LEU B 40 -55.06 0.35 -0.30
C LEU B 40 -53.66 -0.25 -0.20
N LEU B 41 -52.69 0.34 -0.93
CA LEU B 41 -51.29 -0.08 -0.96
C LEU B 41 -50.60 0.20 0.37
N ILE B 42 -50.97 1.31 1.05
CA ILE B 42 -50.38 1.73 2.34
C ILE B 42 -50.78 0.74 3.48
N ALA B 43 -51.69 -0.21 3.19
CA ALA B 43 -52.13 -1.23 4.13
C ALA B 43 -51.30 -2.52 3.98
N ASP B 44 -50.35 -2.54 3.00
CA ASP B 44 -49.44 -3.65 2.66
C ASP B 44 -50.18 -4.83 1.98
N VAL B 45 -51.33 -4.57 1.33
CA VAL B 45 -52.17 -5.57 0.65
C VAL B 45 -51.38 -6.29 -0.47
N GLY B 46 -50.56 -5.53 -1.19
CA GLY B 46 -49.72 -6.05 -2.28
C GLY B 46 -49.94 -5.31 -3.58
N VAL B 47 -49.46 -5.90 -4.68
CA VAL B 47 -49.61 -5.31 -6.02
C VAL B 47 -50.58 -6.18 -6.80
N GLU B 48 -50.36 -7.52 -6.77
CA GLU B 48 -51.19 -8.52 -7.43
C GLU B 48 -52.55 -8.64 -6.76
N THR B 49 -52.65 -8.26 -5.48
CA THR B 49 -53.88 -8.32 -4.67
C THR B 49 -54.67 -7.01 -4.72
N THR B 50 -53.98 -5.85 -4.80
CA THR B 50 -54.63 -4.54 -4.87
C THR B 50 -55.27 -4.34 -6.25
N ARG B 51 -54.51 -4.64 -7.32
CA ARG B 51 -54.97 -4.50 -8.72
C ARG B 51 -56.05 -5.52 -9.08
N LYS B 52 -56.18 -6.63 -8.32
CA LYS B 52 -57.22 -7.65 -8.55
C LYS B 52 -58.58 -7.15 -8.06
N ILE B 53 -58.58 -6.32 -7.00
CA ILE B 53 -59.79 -5.73 -6.41
C ILE B 53 -60.23 -4.51 -7.26
N ILE B 54 -59.26 -3.69 -7.75
CA ILE B 54 -59.51 -2.52 -8.60
C ILE B 54 -60.18 -2.96 -9.93
N THR B 55 -59.82 -4.16 -10.44
CA THR B 55 -60.40 -4.75 -11.66
C THR B 55 -61.87 -5.15 -11.37
N ASN B 56 -62.18 -5.57 -10.13
CA ASN B 56 -63.53 -5.93 -9.71
C ASN B 56 -64.38 -4.67 -9.43
N LEU B 57 -63.72 -3.55 -9.04
CA LEU B 57 -64.36 -2.26 -8.74
C LEU B 57 -64.71 -1.49 -10.01
N THR B 58 -63.79 -1.44 -11.00
CA THR B 58 -63.97 -0.76 -12.29
C THR B 58 -65.06 -1.50 -13.10
N GLU B 59 -65.16 -2.83 -12.93
CA GLU B 59 -66.18 -3.68 -13.56
C GLU B 59 -67.52 -3.50 -12.83
N GLY B 60 -67.47 -3.39 -11.50
CA GLY B 60 -68.62 -3.20 -10.64
C GLY B 60 -69.29 -1.84 -10.76
N ALA B 61 -68.51 -0.80 -11.14
CA ALA B 61 -68.96 0.58 -11.33
C ALA B 61 -69.72 0.77 -12.66
N SER B 62 -69.59 -0.21 -13.60
CA SER B 62 -70.26 -0.20 -14.90
C SER B 62 -71.43 -1.21 -14.92
N ARG B 63 -71.38 -2.23 -14.04
CA ARG B 63 -72.40 -3.28 -13.87
C ARG B 63 -73.73 -2.65 -13.42
N LYS B 64 -73.67 -1.78 -12.40
CA LYS B 64 -74.81 -1.07 -11.82
C LYS B 64 -74.90 0.38 -12.36
N GLN B 65 -73.75 0.94 -12.82
CA GLN B 65 -73.57 2.29 -13.36
C GLN B 65 -73.96 3.33 -12.29
N LEU B 66 -73.18 3.35 -11.19
CA LEU B 66 -73.40 4.26 -10.05
C LEU B 66 -72.26 5.25 -9.90
N ARG B 67 -72.60 6.56 -9.94
CA ARG B 67 -71.65 7.66 -9.79
C ARG B 67 -71.82 8.34 -8.42
N ASP B 68 -72.13 7.53 -7.38
CA ASP B 68 -72.31 7.97 -5.99
C ASP B 68 -71.13 7.51 -5.12
N ALA B 69 -70.57 8.44 -4.32
CA ALA B 69 -69.44 8.22 -3.41
C ALA B 69 -69.73 7.18 -2.31
N GLU B 70 -71.03 7.05 -1.93
CA GLU B 70 -71.55 6.13 -0.92
C GLU B 70 -71.36 4.65 -1.32
N ALA B 71 -71.31 4.38 -2.65
CA ALA B 71 -71.20 3.05 -3.25
C ALA B 71 -69.79 2.46 -3.19
N LEU B 72 -68.74 3.28 -3.45
CA LEU B 72 -67.33 2.84 -3.46
C LEU B 72 -66.87 2.27 -2.11
N TYR B 73 -67.32 2.88 -0.99
CA TYR B 73 -67.01 2.45 0.38
C TYR B 73 -67.71 1.12 0.69
N GLY B 74 -68.92 0.94 0.17
CA GLY B 74 -69.74 -0.26 0.33
C GLY B 74 -69.28 -1.43 -0.52
N LEU B 75 -68.93 -1.15 -1.80
CA LEU B 75 -68.46 -2.15 -2.78
C LEU B 75 -67.13 -2.78 -2.34
N LEU B 76 -66.22 -1.95 -1.79
CA LEU B 76 -64.90 -2.34 -1.29
C LEU B 76 -65.03 -3.28 -0.10
N LYS B 77 -65.95 -2.97 0.84
CA LYS B 77 -66.24 -3.78 2.04
C LYS B 77 -66.86 -5.13 1.65
N GLU B 78 -67.64 -5.17 0.55
CA GLU B 78 -68.31 -6.36 0.02
C GLU B 78 -67.32 -7.36 -0.58
N GLU B 79 -66.40 -6.87 -1.45
CA GLU B 79 -65.39 -7.70 -2.12
C GLU B 79 -64.30 -8.18 -1.15
N MET B 80 -63.85 -7.31 -0.22
CA MET B 80 -62.85 -7.65 0.80
C MET B 80 -63.42 -8.66 1.79
N GLY B 81 -64.70 -8.47 2.14
CA GLY B 81 -65.46 -9.36 3.02
C GLY B 81 -65.77 -10.70 2.41
N GLU B 82 -65.72 -10.78 1.05
CA GLU B 82 -65.95 -12.00 0.27
C GLU B 82 -64.72 -12.90 0.37
N ILE B 83 -63.51 -12.31 0.39
CA ILE B 83 -62.22 -13.03 0.49
C ILE B 83 -62.12 -13.65 1.89
N LEU B 84 -62.36 -12.84 2.95
CA LEU B 84 -62.31 -13.27 4.35
C LEU B 84 -63.49 -14.19 4.71
N ALA B 85 -64.49 -14.32 3.82
CA ALA B 85 -65.63 -15.21 4.03
C ALA B 85 -65.20 -16.66 3.80
N LYS B 86 -64.25 -16.88 2.88
CA LYS B 86 -63.69 -18.19 2.55
C LYS B 86 -62.81 -18.70 3.69
N VAL B 87 -62.16 -17.77 4.41
CA VAL B 87 -61.26 -18.00 5.53
C VAL B 87 -61.87 -17.31 6.78
N ASP B 88 -62.91 -17.95 7.37
CA ASP B 88 -63.65 -17.42 8.52
C ASP B 88 -63.88 -18.48 9.62
N GLU B 89 -63.54 -19.75 9.33
CA GLU B 89 -63.71 -20.90 10.21
C GLU B 89 -63.00 -20.70 11.57
N PRO B 90 -63.72 -20.84 12.71
CA PRO B 90 -63.06 -20.69 14.01
C PRO B 90 -62.42 -22.00 14.48
N LEU B 91 -61.52 -21.90 15.47
CA LEU B 91 -60.80 -23.05 16.03
C LEU B 91 -61.68 -23.82 17.01
N ASN B 92 -61.78 -25.15 16.81
CA ASN B 92 -62.55 -26.04 17.67
C ASN B 92 -61.61 -27.05 18.33
N VAL B 93 -61.10 -26.68 19.51
CA VAL B 93 -60.15 -27.47 20.30
C VAL B 93 -60.83 -28.64 21.02
N GLU B 94 -62.16 -28.59 21.22
CA GLU B 94 -62.91 -29.66 21.90
C GLU B 94 -62.99 -30.93 21.06
N GLY B 95 -63.25 -32.05 21.73
CA GLY B 95 -63.39 -33.36 21.14
C GLY B 95 -62.19 -34.27 21.35
N LYS B 96 -61.01 -33.77 20.97
CA LYS B 96 -59.74 -34.51 21.09
C LYS B 96 -59.14 -34.33 22.48
N ALA B 97 -58.38 -35.34 22.94
CA ALA B 97 -57.71 -35.33 24.24
C ALA B 97 -56.38 -36.10 24.18
N PRO B 98 -55.23 -35.40 24.09
CA PRO B 98 -55.04 -33.94 24.07
C PRO B 98 -55.00 -33.35 22.66
N PHE B 99 -55.68 -32.21 22.46
CA PHE B 99 -55.68 -31.48 21.21
C PHE B 99 -54.35 -30.73 21.10
N VAL B 100 -53.55 -30.98 20.05
CA VAL B 100 -52.24 -30.36 19.92
C VAL B 100 -52.25 -29.20 18.92
N ILE B 101 -51.73 -28.04 19.36
CA ILE B 101 -51.60 -26.81 18.59
C ILE B 101 -50.10 -26.47 18.49
N LEU B 102 -49.52 -26.64 17.28
CA LEU B 102 -48.11 -26.36 17.02
C LEU B 102 -47.94 -24.91 16.57
N MET B 103 -47.23 -24.13 17.40
CA MET B 103 -46.98 -22.70 17.17
C MET B 103 -45.71 -22.50 16.38
N VAL B 104 -45.85 -22.03 15.13
CA VAL B 104 -44.75 -21.81 14.20
C VAL B 104 -44.77 -20.38 13.69
N GLY B 105 -43.63 -19.93 13.15
CA GLY B 105 -43.47 -18.60 12.59
C GLY B 105 -42.03 -18.12 12.64
N VAL B 106 -41.78 -16.93 12.07
CA VAL B 106 -40.44 -16.32 12.06
C VAL B 106 -40.08 -15.77 13.43
N ASN B 107 -38.82 -15.36 13.57
CA ASN B 107 -38.25 -14.80 14.79
C ASN B 107 -38.94 -13.51 15.19
N GLY B 108 -39.51 -13.51 16.41
CA GLY B 108 -40.19 -12.36 17.01
C GLY B 108 -41.45 -11.89 16.32
N VAL B 109 -42.54 -12.64 16.49
CA VAL B 109 -43.84 -12.27 15.92
C VAL B 109 -44.91 -12.30 17.01
N GLY B 110 -44.56 -12.86 18.17
CA GLY B 110 -45.46 -12.94 19.32
C GLY B 110 -45.90 -14.33 19.74
N LYS B 111 -45.26 -15.37 19.17
CA LYS B 111 -45.56 -16.80 19.37
C LYS B 111 -45.84 -17.17 20.84
N THR B 112 -44.84 -17.01 21.71
CA THR B 112 -44.89 -17.36 23.13
C THR B 112 -46.00 -16.57 23.87
N THR B 113 -46.10 -15.24 23.63
CA THR B 113 -47.10 -14.35 24.26
C THR B 113 -48.52 -14.80 23.85
N THR B 114 -48.71 -15.16 22.56
CA THR B 114 -49.98 -15.64 21.99
C THR B 114 -50.44 -16.92 22.70
N ILE B 115 -49.50 -17.82 23.08
CA ILE B 115 -49.78 -19.07 23.80
C ILE B 115 -50.42 -18.73 25.17
N GLY B 116 -49.88 -17.74 25.86
CA GLY B 116 -50.37 -17.26 27.15
C GLY B 116 -51.77 -16.69 27.05
N LYS B 117 -52.05 -15.98 25.94
CA LYS B 117 -53.36 -15.39 25.62
C LYS B 117 -54.36 -16.51 25.28
N LEU B 118 -53.90 -17.51 24.48
CA LEU B 118 -54.66 -18.67 24.03
C LEU B 118 -55.09 -19.55 25.20
N ALA B 119 -54.11 -20.00 26.01
CA ALA B 119 -54.33 -20.86 27.17
C ALA B 119 -55.35 -20.31 28.16
N ARG B 120 -55.47 -18.97 28.26
CA ARG B 120 -56.45 -18.34 29.13
C ARG B 120 -57.83 -18.26 28.48
N GLN B 121 -57.92 -18.25 27.12
CA GLN B 121 -59.22 -18.25 26.46
C GLN B 121 -59.80 -19.67 26.42
N PHE B 122 -58.94 -20.71 26.58
CA PHE B 122 -59.38 -22.10 26.63
C PHE B 122 -59.85 -22.45 28.05
N GLU B 123 -59.21 -21.86 29.10
CA GLU B 123 -59.61 -22.01 30.50
C GLU B 123 -60.94 -21.32 30.72
N GLN B 124 -61.21 -20.27 29.90
CA GLN B 124 -62.47 -19.52 29.85
C GLN B 124 -63.57 -20.41 29.28
N GLN B 125 -63.20 -21.27 28.30
CA GLN B 125 -64.11 -22.22 27.65
C GLN B 125 -64.33 -23.47 28.50
N GLY B 126 -63.51 -23.66 29.54
CA GLY B 126 -63.60 -24.78 30.46
C GLY B 126 -62.89 -26.04 30.00
N LYS B 127 -61.66 -25.88 29.47
CA LYS B 127 -60.84 -27.00 28.99
C LYS B 127 -59.46 -26.94 29.64
N SER B 128 -58.99 -28.08 30.17
CA SER B 128 -57.67 -28.20 30.83
C SER B 128 -56.55 -28.01 29.81
N VAL B 129 -55.61 -27.10 30.11
CA VAL B 129 -54.50 -26.78 29.20
C VAL B 129 -53.14 -27.04 29.86
N MET B 130 -52.19 -27.57 29.06
CA MET B 130 -50.79 -27.83 29.40
C MET B 130 -49.93 -27.19 28.30
N LEU B 131 -48.70 -26.74 28.65
CA LEU B 131 -47.83 -26.09 27.68
C LEU B 131 -46.50 -26.80 27.52
N ALA B 132 -45.85 -26.60 26.34
CA ALA B 132 -44.56 -27.17 25.98
C ALA B 132 -43.55 -26.08 25.64
N ALA B 133 -42.37 -26.12 26.27
CA ALA B 133 -41.27 -25.18 26.01
C ALA B 133 -40.35 -25.79 24.94
N GLY B 134 -40.63 -25.44 23.68
CA GLY B 134 -39.92 -25.94 22.51
C GLY B 134 -38.84 -25.04 21.96
N ASP B 135 -38.80 -23.75 22.36
CA ASP B 135 -37.74 -22.86 21.88
C ASP B 135 -36.49 -23.13 22.74
N THR B 136 -35.86 -24.30 22.53
CA THR B 136 -34.66 -24.71 23.26
C THR B 136 -33.39 -24.20 22.53
N PHE B 137 -33.54 -23.08 21.80
CA PHE B 137 -32.46 -22.41 21.07
C PHE B 137 -32.27 -20.98 21.58
N ARG B 138 -33.36 -20.20 21.70
CA ARG B 138 -33.27 -18.81 22.17
C ARG B 138 -33.11 -18.76 23.68
N ALA B 139 -32.28 -17.80 24.15
CA ALA B 139 -31.96 -17.59 25.56
C ALA B 139 -33.19 -17.22 26.36
N ALA B 140 -33.34 -17.87 27.54
CA ALA B 140 -34.41 -17.72 28.52
C ALA B 140 -35.83 -17.83 27.89
N ALA B 141 -35.99 -18.71 26.90
CA ALA B 141 -37.28 -18.91 26.26
C ALA B 141 -38.14 -19.87 27.07
N VAL B 142 -37.47 -20.80 27.81
CA VAL B 142 -38.08 -21.77 28.71
C VAL B 142 -38.68 -20.97 29.86
N GLU B 143 -37.86 -20.08 30.43
CA GLU B 143 -38.16 -19.19 31.54
C GLU B 143 -39.32 -18.26 31.20
N GLN B 144 -39.38 -17.77 29.93
CA GLN B 144 -40.41 -16.88 29.42
C GLN B 144 -41.77 -17.59 29.35
N LEU B 145 -41.81 -18.82 28.81
CA LEU B 145 -43.05 -19.59 28.71
C LEU B 145 -43.50 -20.06 30.10
N GLN B 146 -42.52 -20.27 31.03
CA GLN B 146 -42.76 -20.68 32.41
C GLN B 146 -43.54 -19.61 33.18
N VAL B 147 -43.30 -18.31 32.86
CA VAL B 147 -43.98 -17.15 33.48
C VAL B 147 -45.44 -17.11 32.98
N TRP B 148 -45.67 -17.48 31.71
CA TRP B 148 -47.01 -17.54 31.13
C TRP B 148 -47.81 -18.69 31.72
N GLY B 149 -47.10 -19.74 32.13
CA GLY B 149 -47.69 -20.91 32.78
C GLY B 149 -48.19 -20.54 34.16
N GLN B 150 -47.36 -19.77 34.92
CA GLN B 150 -47.65 -19.27 36.27
C GLN B 150 -48.74 -18.20 36.27
N ARG B 151 -48.88 -17.47 35.16
CA ARG B 151 -49.89 -16.43 34.98
C ARG B 151 -51.29 -17.03 34.78
N ASN B 152 -51.37 -18.28 34.32
CA ASN B 152 -52.61 -18.99 34.07
C ASN B 152 -52.84 -20.14 35.06
N ASN B 153 -51.78 -20.54 35.83
CA ASN B 153 -51.74 -21.67 36.77
C ASN B 153 -52.00 -22.96 35.96
N ILE B 154 -51.07 -23.22 35.04
CA ILE B 154 -51.08 -24.33 34.09
C ILE B 154 -49.71 -25.05 34.12
N PRO B 155 -49.64 -26.39 33.94
CA PRO B 155 -48.33 -27.05 33.94
C PRO B 155 -47.58 -26.86 32.62
N VAL B 156 -46.24 -26.70 32.71
CA VAL B 156 -45.37 -26.51 31.56
C VAL B 156 -44.30 -27.60 31.59
N ILE B 157 -44.26 -28.44 30.54
CA ILE B 157 -43.24 -29.48 30.43
C ILE B 157 -42.05 -28.80 29.77
N ALA B 158 -40.91 -28.77 30.47
CA ALA B 158 -39.72 -28.10 29.94
C ALA B 158 -38.42 -28.81 30.32
N GLN B 159 -37.38 -28.58 29.50
CA GLN B 159 -36.02 -29.07 29.65
C GLN B 159 -35.09 -27.91 29.40
N HIS B 160 -33.88 -27.92 29.99
CA HIS B 160 -32.89 -26.83 29.86
C HIS B 160 -32.53 -26.56 28.39
N THR B 161 -32.47 -25.25 28.03
CA THR B 161 -32.19 -24.73 26.69
C THR B 161 -30.93 -25.41 26.16
N GLY B 162 -31.06 -25.97 24.96
CA GLY B 162 -29.99 -26.71 24.29
C GLY B 162 -30.44 -28.10 23.90
N ALA B 163 -31.45 -28.62 24.62
CA ALA B 163 -32.03 -29.95 24.39
C ALA B 163 -32.84 -29.98 23.07
N ASP B 164 -33.19 -31.19 22.56
CA ASP B 164 -33.94 -31.36 21.31
C ASP B 164 -35.37 -30.92 21.49
N SER B 165 -35.83 -30.01 20.60
CA SER B 165 -37.19 -29.48 20.62
C SER B 165 -38.23 -30.57 20.34
N ALA B 166 -38.01 -31.37 19.28
CA ALA B 166 -38.88 -32.46 18.85
C ALA B 166 -39.14 -33.47 19.97
N SER B 167 -38.06 -33.89 20.65
CA SER B 167 -38.09 -34.85 21.75
C SER B 167 -38.68 -34.26 23.02
N VAL B 168 -38.67 -32.93 23.17
CA VAL B 168 -39.23 -32.27 24.34
C VAL B 168 -40.76 -32.21 24.18
N ILE B 169 -41.24 -31.81 22.99
CA ILE B 169 -42.67 -31.73 22.66
C ILE B 169 -43.26 -33.16 22.75
N PHE B 170 -42.49 -34.18 22.34
CA PHE B 170 -42.88 -35.58 22.43
C PHE B 170 -43.13 -35.99 23.89
N ASP B 171 -42.27 -35.52 24.82
CA ASP B 171 -42.38 -35.80 26.26
C ASP B 171 -43.53 -34.99 26.87
N ALA B 172 -43.89 -33.86 26.25
CA ALA B 172 -44.99 -33.00 26.69
C ALA B 172 -46.33 -33.61 26.30
N ILE B 173 -46.37 -34.34 25.17
CA ILE B 173 -47.57 -35.03 24.67
C ILE B 173 -47.79 -36.26 25.56
N GLN B 174 -46.71 -37.02 25.83
CA GLN B 174 -46.73 -38.21 26.70
C GLN B 174 -47.22 -37.83 28.11
N ALA B 175 -46.96 -36.56 28.52
CA ALA B 175 -47.40 -36.00 29.80
C ALA B 175 -48.86 -35.56 29.72
N ALA B 176 -49.25 -34.89 28.60
CA ALA B 176 -50.61 -34.38 28.36
C ALA B 176 -51.63 -35.50 28.26
N LYS B 177 -51.19 -36.68 27.78
CA LYS B 177 -52.04 -37.86 27.66
C LYS B 177 -52.28 -38.46 29.06
N ALA B 178 -51.17 -38.79 29.77
CA ALA B 178 -51.13 -39.43 31.09
C ALA B 178 -51.78 -38.60 32.21
N ARG B 179 -51.69 -37.26 32.14
CA ARG B 179 -52.28 -36.37 33.16
C ARG B 179 -53.71 -35.95 32.79
N ASN B 180 -54.24 -36.49 31.66
CA ASN B 180 -55.58 -36.25 31.10
C ASN B 180 -55.81 -34.76 30.88
N ILE B 181 -55.21 -34.22 29.82
CA ILE B 181 -55.29 -32.80 29.45
C ILE B 181 -56.10 -32.66 28.15
N ASP B 182 -57.00 -31.66 28.10
CA ASP B 182 -57.89 -31.41 26.96
C ASP B 182 -57.16 -30.72 25.80
N VAL B 183 -56.29 -29.71 26.09
CA VAL B 183 -55.59 -28.93 25.07
C VAL B 183 -54.10 -28.76 25.43
N LEU B 184 -53.19 -29.01 24.46
CA LEU B 184 -51.75 -28.81 24.64
C LEU B 184 -51.22 -27.86 23.57
N ILE B 185 -50.65 -26.72 24.00
CA ILE B 185 -50.08 -25.75 23.09
C ILE B 185 -48.55 -25.88 23.15
N ALA B 186 -47.97 -26.29 22.01
CA ALA B 186 -46.54 -26.53 21.85
C ALA B 186 -45.84 -25.35 21.18
N ASP B 187 -44.80 -24.83 21.83
CA ASP B 187 -44.00 -23.72 21.35
C ASP B 187 -42.80 -24.26 20.57
N THR B 188 -42.30 -23.46 19.59
CA THR B 188 -41.11 -23.76 18.79
C THR B 188 -40.24 -22.49 18.71
N ALA B 189 -39.03 -22.62 18.15
CA ALA B 189 -38.10 -21.51 18.01
C ALA B 189 -38.50 -20.60 16.84
N GLY B 190 -37.92 -19.40 16.84
CA GLY B 190 -38.10 -18.43 15.77
C GLY B 190 -37.29 -18.91 14.59
N ARG B 191 -37.96 -19.24 13.49
CA ARG B 191 -37.27 -19.78 12.33
C ARG B 191 -37.68 -19.08 11.06
N LEU B 192 -36.68 -18.69 10.27
CA LEU B 192 -36.88 -18.02 8.99
C LEU B 192 -36.94 -19.08 7.88
N GLN B 193 -38.07 -19.09 7.13
CA GLN B 193 -38.45 -19.99 6.03
C GLN B 193 -37.27 -20.38 5.09
N ASN B 194 -36.31 -19.47 4.88
CA ASN B 194 -35.15 -19.72 4.02
C ASN B 194 -34.12 -20.66 4.68
N LYS B 195 -34.04 -20.65 6.03
CA LYS B 195 -33.10 -21.51 6.76
C LYS B 195 -33.65 -22.95 6.76
N SER B 196 -33.31 -23.70 5.70
CA SER B 196 -33.72 -25.07 5.38
C SER B 196 -33.46 -26.08 6.49
N HIS B 197 -32.31 -25.99 7.17
CA HIS B 197 -31.95 -26.90 8.27
C HIS B 197 -32.95 -26.75 9.43
N LEU B 198 -33.38 -25.50 9.71
CA LEU B 198 -34.37 -25.15 10.72
C LEU B 198 -35.78 -25.52 10.27
N MET B 199 -35.98 -25.63 8.94
CA MET B 199 -37.26 -26.00 8.34
C MET B 199 -37.43 -27.51 8.38
N GLU B 200 -36.35 -28.27 8.14
CA GLU B 200 -36.40 -29.74 8.23
C GLU B 200 -36.43 -30.17 9.69
N GLU B 201 -36.08 -29.23 10.61
CA GLU B 201 -36.13 -29.39 12.07
C GLU B 201 -37.57 -29.28 12.53
N LEU B 202 -38.36 -28.46 11.83
CA LEU B 202 -39.78 -28.24 12.09
C LEU B 202 -40.57 -29.45 11.63
N LYS B 203 -40.11 -30.06 10.50
CA LYS B 203 -40.69 -31.28 9.94
C LYS B 203 -40.39 -32.43 10.89
N LYS B 204 -39.16 -32.44 11.45
CA LYS B 204 -38.66 -33.41 12.41
C LYS B 204 -39.49 -33.42 13.69
N ILE B 205 -40.08 -32.26 14.06
CA ILE B 205 -40.92 -32.10 15.26
C ILE B 205 -42.20 -32.91 15.06
N VAL B 206 -42.86 -32.72 13.92
CA VAL B 206 -44.12 -33.37 13.54
C VAL B 206 -43.93 -34.90 13.36
N ARG B 207 -42.77 -35.34 12.83
CA ARG B 207 -42.44 -36.75 12.61
C ARG B 207 -42.49 -37.57 13.90
N VAL B 208 -41.91 -37.04 14.99
CA VAL B 208 -41.83 -37.67 16.32
C VAL B 208 -43.18 -37.53 17.05
N MET B 209 -44.01 -36.54 16.64
CA MET B 209 -45.34 -36.32 17.21
C MET B 209 -46.31 -37.43 16.84
N LYS B 210 -46.20 -37.91 15.58
CA LYS B 210 -47.04 -38.96 15.00
C LYS B 210 -46.80 -40.33 15.66
N LYS B 211 -45.68 -40.49 16.40
CA LYS B 211 -45.34 -41.72 17.11
C LYS B 211 -46.32 -42.02 18.25
N LEU B 212 -47.01 -40.98 18.77
CA LEU B 212 -47.99 -41.12 19.84
C LEU B 212 -49.44 -40.92 19.34
N ASP B 213 -49.64 -40.08 18.30
CA ASP B 213 -50.97 -39.82 17.70
C ASP B 213 -50.81 -39.37 16.23
N VAL B 214 -51.32 -40.18 15.28
CA VAL B 214 -51.24 -39.91 13.83
C VAL B 214 -52.06 -38.68 13.41
N GLU B 215 -53.08 -38.31 14.20
CA GLU B 215 -53.89 -37.13 13.92
C GLU B 215 -53.13 -35.86 14.36
N ALA B 216 -52.34 -35.98 15.44
CA ALA B 216 -51.53 -34.90 16.02
C ALA B 216 -50.38 -34.50 15.11
N PRO B 217 -50.10 -33.18 14.93
CA PRO B 217 -50.76 -32.00 15.52
C PRO B 217 -52.15 -31.75 14.93
N HIS B 218 -53.08 -31.43 15.81
CA HIS B 218 -54.46 -31.17 15.43
C HIS B 218 -54.59 -29.76 14.84
N GLU B 219 -53.58 -28.90 15.07
CA GLU B 219 -53.52 -27.54 14.56
C GLU B 219 -52.05 -27.08 14.40
N VAL B 220 -51.75 -26.39 13.28
CA VAL B 220 -50.44 -25.81 12.97
C VAL B 220 -50.67 -24.30 12.84
N MET B 221 -50.65 -23.62 13.98
CA MET B 221 -50.89 -22.18 14.07
C MET B 221 -49.65 -21.38 13.71
N LEU B 222 -49.77 -20.53 12.67
CA LEU B 222 -48.70 -19.65 12.21
C LEU B 222 -48.97 -18.23 12.73
N THR B 223 -47.99 -17.66 13.45
CA THR B 223 -48.12 -16.31 13.97
C THR B 223 -47.44 -15.36 13.00
N ILE B 224 -48.17 -14.34 12.55
CA ILE B 224 -47.64 -13.35 11.62
C ILE B 224 -47.86 -11.93 12.16
N ASP B 225 -46.76 -11.16 12.27
CA ASP B 225 -46.76 -9.78 12.74
C ASP B 225 -47.57 -8.93 11.77
N ALA B 226 -48.36 -7.99 12.27
CA ALA B 226 -49.19 -7.12 11.43
C ALA B 226 -48.35 -6.17 10.60
N SER B 227 -47.19 -5.73 11.13
CA SER B 227 -46.28 -4.80 10.48
C SER B 227 -45.48 -5.44 9.34
N THR B 228 -45.38 -6.80 9.28
CA THR B 228 -44.63 -7.51 8.23
C THR B 228 -45.24 -7.23 6.85
N GLY B 229 -44.38 -7.09 5.84
CA GLY B 229 -44.78 -6.78 4.48
C GLY B 229 -45.01 -8.00 3.62
N GLN B 230 -44.49 -7.95 2.39
CA GLN B 230 -44.62 -9.00 1.37
C GLN B 230 -43.80 -10.27 1.71
N ASN B 231 -43.11 -10.30 2.88
CA ASN B 231 -42.39 -11.47 3.35
C ASN B 231 -43.39 -12.51 3.82
N ALA B 232 -44.57 -12.03 4.28
CA ALA B 232 -45.70 -12.83 4.76
C ALA B 232 -46.15 -13.84 3.71
N VAL B 233 -45.99 -13.50 2.40
CA VAL B 233 -46.34 -14.34 1.25
C VAL B 233 -45.55 -15.66 1.33
N SER B 234 -44.19 -15.56 1.40
CA SER B 234 -43.29 -16.71 1.48
C SER B 234 -43.33 -17.32 2.88
N GLN B 235 -43.66 -16.50 3.89
CA GLN B 235 -43.80 -16.93 5.29
C GLN B 235 -44.95 -17.93 5.39
N ALA B 236 -46.02 -17.68 4.62
CA ALA B 236 -47.15 -18.60 4.60
C ALA B 236 -46.82 -19.79 3.69
N LYS B 237 -46.32 -19.51 2.47
CA LYS B 237 -45.96 -20.45 1.42
C LYS B 237 -45.04 -21.58 1.92
N LEU B 238 -43.80 -21.23 2.32
CA LEU B 238 -42.77 -22.17 2.76
C LEU B 238 -43.07 -22.84 4.12
N PHE B 239 -43.92 -22.24 4.95
CA PHE B 239 -44.30 -22.86 6.22
C PHE B 239 -45.39 -23.89 5.97
N HIS B 240 -46.26 -23.63 4.97
CA HIS B 240 -47.33 -24.53 4.56
C HIS B 240 -46.76 -25.69 3.74
N GLU B 241 -45.78 -25.40 2.85
CA GLU B 241 -45.10 -26.39 2.01
C GLU B 241 -44.31 -27.42 2.83
N ALA B 242 -43.88 -27.04 4.05
CA ALA B 242 -43.05 -27.85 4.94
C ALA B 242 -43.85 -28.69 5.94
N VAL B 243 -44.77 -28.05 6.69
CA VAL B 243 -45.51 -28.74 7.74
C VAL B 243 -47.00 -28.85 7.37
N GLY B 244 -47.59 -27.77 6.87
CA GLY B 244 -49.00 -27.74 6.51
C GLY B 244 -49.82 -26.99 7.54
N LEU B 245 -49.88 -25.66 7.38
CA LEU B 245 -50.59 -24.74 8.26
C LEU B 245 -52.10 -24.91 8.20
N THR B 246 -52.75 -24.79 9.36
CA THR B 246 -54.20 -24.92 9.52
C THR B 246 -54.76 -23.72 10.31
N GLY B 247 -53.88 -22.86 10.83
CA GLY B 247 -54.26 -21.67 11.60
C GLY B 247 -53.33 -20.50 11.41
N ILE B 248 -53.88 -19.27 11.54
CA ILE B 248 -53.15 -18.00 11.41
C ILE B 248 -53.57 -17.03 12.53
N THR B 249 -52.60 -16.40 13.22
CA THR B 249 -52.87 -15.39 14.25
C THR B 249 -52.15 -14.11 13.84
N LEU B 250 -52.94 -13.07 13.51
CA LEU B 250 -52.43 -11.76 13.11
C LEU B 250 -52.24 -10.88 14.35
N THR B 251 -51.04 -10.96 14.93
CA THR B 251 -50.64 -10.27 16.16
C THR B 251 -50.05 -8.88 15.89
N LYS B 252 -49.96 -8.04 16.95
CA LYS B 252 -49.43 -6.66 16.97
C LYS B 252 -50.23 -5.76 16.02
N LEU B 253 -51.54 -6.00 15.98
CA LEU B 253 -52.53 -5.32 15.15
C LEU B 253 -53.06 -4.06 15.84
N ASP B 254 -52.71 -3.87 17.13
CA ASP B 254 -53.13 -2.74 17.97
C ASP B 254 -52.47 -1.40 17.57
N GLY B 255 -51.39 -1.45 16.80
CA GLY B 255 -50.67 -0.26 16.34
C GLY B 255 -51.23 0.32 15.06
N THR B 256 -50.41 1.13 14.33
CA THR B 256 -50.77 1.76 13.05
C THR B 256 -50.79 0.75 11.91
N ALA B 257 -50.25 -0.46 12.18
CA ALA B 257 -50.17 -1.59 11.27
C ALA B 257 -51.56 -2.12 10.96
N LYS B 258 -51.91 -2.10 9.66
CA LYS B 258 -53.21 -2.56 9.16
C LYS B 258 -53.17 -4.05 8.83
N GLY B 259 -52.01 -4.50 8.32
CA GLY B 259 -51.77 -5.89 7.94
C GLY B 259 -52.69 -6.40 6.86
N GLY B 260 -52.78 -5.65 5.76
CA GLY B 260 -53.61 -5.98 4.61
C GLY B 260 -53.05 -7.11 3.77
N VAL B 261 -51.81 -7.56 4.10
CA VAL B 261 -51.11 -8.65 3.42
C VAL B 261 -51.86 -9.97 3.64
N ILE B 262 -52.74 -10.02 4.67
CA ILE B 262 -53.57 -11.19 5.03
C ILE B 262 -54.59 -11.50 3.90
N PHE B 263 -54.93 -10.49 3.06
CA PHE B 263 -55.84 -10.65 1.93
C PHE B 263 -55.16 -11.43 0.82
N SER B 264 -53.83 -11.25 0.67
CA SER B 264 -53.01 -11.95 -0.33
C SER B 264 -52.77 -13.41 0.09
N VAL B 265 -52.66 -13.65 1.40
CA VAL B 265 -52.39 -14.96 2.01
C VAL B 265 -53.61 -15.89 1.78
N ALA B 266 -54.80 -15.46 2.21
CA ALA B 266 -56.06 -16.21 2.10
C ALA B 266 -56.45 -16.47 0.63
N ASP B 267 -56.14 -15.52 -0.27
CA ASP B 267 -56.45 -15.63 -1.70
C ASP B 267 -55.52 -16.64 -2.38
N GLN B 268 -54.31 -16.87 -1.81
CA GLN B 268 -53.31 -17.78 -2.36
C GLN B 268 -53.29 -19.18 -1.74
N PHE B 269 -53.43 -19.29 -0.40
CA PHE B 269 -53.31 -20.58 0.29
C PHE B 269 -54.59 -21.04 0.99
N GLY B 270 -55.41 -20.09 1.42
CA GLY B 270 -56.68 -20.37 2.07
C GLY B 270 -56.62 -20.94 3.46
N ILE B 271 -55.53 -20.66 4.19
CA ILE B 271 -55.34 -21.13 5.57
C ILE B 271 -56.23 -20.26 6.48
N PRO B 272 -57.07 -20.86 7.37
CA PRO B 272 -57.98 -20.04 8.20
C PRO B 272 -57.29 -19.20 9.26
N ILE B 273 -57.82 -17.96 9.47
CA ILE B 273 -57.35 -17.03 10.51
C ILE B 273 -58.15 -17.38 11.75
N ARG B 274 -57.47 -17.69 12.86
CA ARG B 274 -58.14 -18.14 14.07
C ARG B 274 -58.33 -17.02 15.11
N TYR B 275 -57.27 -16.25 15.42
CA TYR B 275 -57.33 -15.19 16.44
C TYR B 275 -56.57 -13.92 15.98
N ILE B 276 -56.73 -12.80 16.72
CA ILE B 276 -56.04 -11.52 16.45
C ILE B 276 -55.44 -10.95 17.76
N GLY B 277 -54.15 -10.62 17.71
CA GLY B 277 -53.38 -10.06 18.83
C GLY B 277 -53.48 -8.54 18.85
N VAL B 278 -54.07 -7.99 19.94
CA VAL B 278 -54.30 -6.55 20.10
C VAL B 278 -53.77 -6.02 21.45
N GLY B 279 -52.54 -6.40 21.80
CA GLY B 279 -51.91 -5.97 23.03
C GLY B 279 -50.95 -6.98 23.65
N GLU B 280 -50.22 -6.53 24.68
CA GLU B 280 -49.23 -7.35 25.39
C GLU B 280 -49.86 -8.06 26.61
N ARG B 281 -51.06 -7.61 27.05
CA ARG B 281 -51.77 -8.21 28.19
C ARG B 281 -52.49 -9.50 27.74
N ILE B 282 -52.85 -10.37 28.72
CA ILE B 282 -53.51 -11.67 28.50
C ILE B 282 -54.93 -11.51 27.92
N GLU B 283 -55.67 -10.49 28.39
CA GLU B 283 -57.04 -10.19 27.96
C GLU B 283 -57.08 -9.60 26.53
N ASP B 284 -55.96 -9.02 26.06
CA ASP B 284 -55.88 -8.38 24.74
C ASP B 284 -55.62 -9.41 23.62
N LEU B 285 -56.67 -10.19 23.31
CA LEU B 285 -56.75 -11.20 22.26
C LEU B 285 -58.22 -11.46 21.94
N ARG B 286 -58.58 -11.37 20.66
CA ARG B 286 -59.95 -11.59 20.22
C ARG B 286 -60.01 -12.58 19.06
N PRO B 287 -61.08 -13.42 18.95
CA PRO B 287 -61.18 -14.31 17.77
C PRO B 287 -61.48 -13.49 16.51
N PHE B 288 -60.96 -13.92 15.35
CA PHE B 288 -61.09 -13.19 14.09
C PHE B 288 -62.55 -13.03 13.63
N LYS B 289 -62.92 -11.77 13.31
CA LYS B 289 -64.24 -11.37 12.79
C LYS B 289 -64.02 -10.59 11.49
N ALA B 290 -64.54 -11.13 10.38
CA ALA B 290 -64.38 -10.62 9.01
C ALA B 290 -64.88 -9.19 8.79
N ASP B 291 -66.18 -8.92 9.07
CA ASP B 291 -66.86 -7.63 8.84
C ASP B 291 -66.23 -6.46 9.64
N ASP B 292 -65.87 -6.69 10.93
CA ASP B 292 -65.29 -5.68 11.82
C ASP B 292 -63.85 -5.32 11.45
N PHE B 293 -63.13 -6.26 10.81
CA PHE B 293 -61.73 -6.10 10.37
C PHE B 293 -61.60 -5.05 9.26
N ILE B 294 -62.56 -5.01 8.30
CA ILE B 294 -62.56 -4.06 7.17
C ILE B 294 -62.82 -2.62 7.68
N GLU B 295 -63.71 -2.47 8.67
CA GLU B 295 -64.07 -1.19 9.29
C GLU B 295 -62.87 -0.54 9.98
N ALA B 296 -61.98 -1.37 10.55
CA ALA B 296 -60.77 -0.96 11.25
C ALA B 296 -59.61 -0.66 10.28
N LEU B 297 -59.68 -1.14 9.02
CA LEU B 297 -58.64 -0.94 8.01
C LEU B 297 -58.50 0.51 7.56
N PHE B 298 -59.63 1.22 7.40
CA PHE B 298 -59.63 2.61 6.95
C PHE B 298 -60.02 3.54 8.11
N ALA B 299 -59.63 3.15 9.35
CA ALA B 299 -59.92 3.90 10.58
C ALA B 299 -59.09 5.20 10.65
N ARG B 300 -59.79 6.33 10.42
CA ARG B 300 -59.24 7.70 10.47
C ARG B 300 -59.35 8.18 11.93
N GLU B 301 -58.52 7.61 12.82
CA GLU B 301 -58.51 7.90 14.25
C GLU B 301 -57.12 8.29 14.76
N ASP B 302 -57.08 9.07 15.86
CA ASP B 302 -55.87 9.53 16.52
C ASP B 302 -56.00 9.37 18.04
N ASP C 7 46.51 -11.73 24.56
CA ASP C 7 45.54 -11.39 23.52
C ASP C 7 44.13 -11.84 23.91
N ARG C 8 43.98 -13.10 24.38
CA ARG C 8 42.70 -13.67 24.82
C ARG C 8 42.23 -13.00 26.12
N LEU C 9 43.19 -12.57 26.97
CA LEU C 9 42.95 -11.90 28.24
C LEU C 9 42.42 -10.47 28.02
N SER C 10 43.09 -9.70 27.14
CA SER C 10 42.73 -8.31 26.81
C SER C 10 41.41 -8.23 26.04
N ARG C 11 41.08 -9.27 25.23
CA ARG C 11 39.85 -9.34 24.44
C ARG C 11 38.61 -9.46 25.33
N THR C 12 38.67 -10.30 26.37
CA THR C 12 37.58 -10.53 27.32
C THR C 12 37.28 -9.30 28.17
N LEU C 13 38.32 -8.50 28.49
CA LEU C 13 38.22 -7.27 29.29
C LEU C 13 37.43 -6.18 28.56
N ARG C 14 37.61 -6.08 27.22
CA ARG C 14 36.92 -5.10 26.39
C ARG C 14 35.51 -5.58 26.00
N ASN C 15 35.37 -6.91 25.74
CA ASN C 15 34.11 -7.56 25.35
C ASN C 15 33.03 -7.49 26.46
N ILE C 16 33.46 -7.31 27.73
CA ILE C 16 32.60 -7.20 28.92
C ILE C 16 31.60 -6.05 28.76
N SER C 17 30.34 -6.28 29.20
CA SER C 17 29.22 -5.33 29.12
C SER C 17 29.51 -4.06 29.91
N GLY C 18 29.69 -2.96 29.16
CA GLY C 18 29.99 -1.66 29.71
C GLY C 18 28.75 -0.84 30.04
N ARG C 19 28.20 -1.06 31.25
CA ARG C 19 27.01 -0.36 31.76
C ARG C 19 27.31 1.13 31.98
N GLY C 20 28.56 1.43 32.37
CA GLY C 20 29.05 2.76 32.65
C GLY C 20 28.94 3.76 31.51
N ARG C 21 28.78 5.05 31.87
CA ARG C 21 28.62 6.18 30.95
C ARG C 21 29.75 6.25 29.94
N LEU C 22 29.41 6.51 28.67
CA LEU C 22 30.36 6.61 27.57
C LEU C 22 31.21 7.86 27.74
N THR C 23 32.43 7.66 28.26
CA THR C 23 33.40 8.72 28.53
C THR C 23 34.66 8.53 27.69
N GLU C 24 35.48 9.59 27.59
CA GLU C 24 36.73 9.69 26.82
C GLU C 24 37.73 8.55 27.09
N ASP C 25 37.73 7.95 28.30
CA ASP C 25 38.64 6.85 28.69
C ASP C 25 38.55 5.63 27.75
N ASN C 26 37.32 5.26 27.34
CA ASN C 26 37.05 4.16 26.41
C ASN C 26 37.15 4.63 24.96
N VAL C 27 36.77 5.91 24.72
CA VAL C 27 36.74 6.57 23.41
C VAL C 27 38.17 6.77 22.84
N LYS C 28 39.07 7.48 23.58
CA LYS C 28 40.46 7.82 23.19
C LYS C 28 41.23 6.65 22.55
N ASP C 29 41.04 5.40 23.04
CA ASP C 29 41.71 4.20 22.52
C ASP C 29 41.19 3.78 21.14
N THR C 30 39.86 3.90 20.94
CA THR C 30 39.16 3.48 19.71
C THR C 30 38.88 4.65 18.73
N LEU C 31 38.92 5.92 19.21
CA LEU C 31 38.71 7.12 18.39
C LEU C 31 39.85 7.29 17.39
N ARG C 32 41.05 6.75 17.73
CA ARG C 32 42.26 6.76 16.88
C ARG C 32 42.05 5.90 15.61
N GLU C 33 41.24 4.81 15.73
CA GLU C 33 40.91 3.90 14.62
C GLU C 33 40.04 4.63 13.58
N VAL C 34 39.11 5.46 14.05
CA VAL C 34 38.16 6.26 13.25
C VAL C 34 38.93 7.38 12.52
N ARG C 35 39.78 8.14 13.25
CA ARG C 35 40.57 9.24 12.69
C ARG C 35 41.55 8.73 11.61
N MET C 36 42.16 7.54 11.82
CA MET C 36 43.10 6.93 10.87
C MET C 36 42.36 6.42 9.62
N ALA C 37 41.12 5.91 9.77
CA ALA C 37 40.31 5.42 8.67
C ALA C 37 39.80 6.57 7.80
N LEU C 38 39.34 7.68 8.44
CA LEU C 38 38.82 8.89 7.77
C LEU C 38 39.91 9.57 6.93
N LEU C 39 41.15 9.64 7.45
CA LEU C 39 42.29 10.23 6.73
C LEU C 39 42.66 9.34 5.55
N GLU C 40 42.54 8.01 5.71
CA GLU C 40 42.82 7.04 4.66
C GLU C 40 41.68 7.03 3.63
N ALA C 41 40.46 7.44 4.05
CA ALA C 41 39.27 7.51 3.19
C ALA C 41 39.35 8.69 2.21
N ASP C 42 40.17 9.72 2.55
CA ASP C 42 40.48 10.98 1.84
C ASP C 42 39.54 12.14 2.24
N VAL C 43 39.27 12.27 3.55
CA VAL C 43 38.45 13.36 4.11
C VAL C 43 39.42 14.43 4.61
N ALA C 44 39.21 15.71 4.23
CA ALA C 44 40.07 16.84 4.62
C ALA C 44 40.15 17.04 6.14
N LEU C 45 41.28 17.58 6.64
CA LEU C 45 41.52 17.82 8.07
C LEU C 45 40.52 18.80 8.71
N PRO C 46 40.16 19.99 8.12
CA PRO C 46 39.20 20.88 8.80
C PRO C 46 37.84 20.22 9.06
N VAL C 47 37.39 19.31 8.18
CA VAL C 47 36.11 18.58 8.34
C VAL C 47 36.33 17.41 9.32
N VAL C 48 37.50 16.71 9.28
CA VAL C 48 37.83 15.59 10.19
C VAL C 48 37.92 16.10 11.64
N ARG C 49 38.67 17.20 11.89
CA ARG C 49 38.87 17.81 13.21
C ARG C 49 37.55 18.34 13.81
N GLU C 50 36.66 18.91 12.98
CA GLU C 50 35.37 19.45 13.40
C GLU C 50 34.36 18.33 13.69
N PHE C 51 34.46 17.20 12.94
CA PHE C 51 33.56 16.04 13.11
C PHE C 51 33.89 15.24 14.37
N ILE C 52 35.17 15.22 14.81
CA ILE C 52 35.62 14.53 16.03
C ILE C 52 34.94 15.19 17.24
N ASN C 53 34.96 16.54 17.30
CA ASN C 53 34.34 17.37 18.35
C ASN C 53 32.80 17.26 18.32
N ARG C 54 32.22 17.10 17.11
CA ARG C 54 30.78 16.96 16.86
C ARG C 54 30.25 15.64 17.45
N VAL C 55 31.04 14.55 17.36
CA VAL C 55 30.71 13.22 17.86
C VAL C 55 30.81 13.21 19.41
N LYS C 56 31.85 13.87 19.97
CA LYS C 56 32.12 13.96 21.42
C LYS C 56 30.93 14.51 22.23
N GLU C 57 30.21 15.52 21.70
CA GLU C 57 29.05 16.16 22.33
C GLU C 57 27.83 15.22 22.38
N LYS C 58 27.73 14.29 21.41
CA LYS C 58 26.64 13.32 21.29
C LYS C 58 26.94 12.00 22.01
N ALA C 59 28.23 11.57 22.03
CA ALA C 59 28.69 10.32 22.62
C ALA C 59 28.49 10.24 24.14
N VAL C 60 28.86 11.31 24.88
CA VAL C 60 28.74 11.36 26.34
C VAL C 60 27.29 11.74 26.75
N GLY C 61 26.67 12.64 25.99
CA GLY C 61 25.32 13.16 26.22
C GLY C 61 24.17 12.17 26.24
N HIS C 62 24.00 11.48 27.40
CA HIS C 62 22.95 10.50 27.74
C HIS C 62 22.80 9.30 26.76
N GLU C 63 23.71 9.17 25.76
CA GLU C 63 23.69 8.07 24.79
C GLU C 63 24.63 6.95 25.27
N VAL C 64 24.14 6.13 26.22
CA VAL C 64 24.87 5.03 26.87
C VAL C 64 24.04 3.73 26.84
N ASN C 65 24.65 2.64 26.36
CA ASN C 65 24.03 1.30 26.29
C ASN C 65 24.70 0.34 27.27
N LYS C 66 23.91 -0.56 27.87
CA LYS C 66 24.40 -1.56 28.83
C LYS C 66 25.14 -2.70 28.11
N SER C 67 24.56 -3.24 27.03
CA SER C 67 25.15 -4.31 26.24
C SER C 67 26.10 -3.74 25.17
N LEU C 68 26.93 -4.63 24.55
CA LEU C 68 27.93 -4.35 23.50
C LEU C 68 29.20 -3.67 24.08
N THR C 69 30.35 -3.85 23.38
CA THR C 69 31.68 -3.32 23.71
C THR C 69 31.64 -1.77 23.77
N PRO C 70 32.28 -1.12 24.80
CA PRO C 70 32.25 0.36 24.88
C PRO C 70 32.81 1.07 23.65
N GLY C 71 33.79 0.45 23.00
CA GLY C 71 34.43 0.96 21.79
C GLY C 71 33.69 0.60 20.51
N GLN C 72 32.51 -0.03 20.64
CA GLN C 72 31.65 -0.45 19.54
C GLN C 72 30.28 0.25 19.60
N GLU C 73 29.87 0.72 20.80
CA GLU C 73 28.59 1.41 20.99
C GLU C 73 28.72 2.91 20.64
N PHE C 74 29.96 3.40 20.42
CA PHE C 74 30.26 4.79 20.04
C PHE C 74 30.35 4.91 18.51
N VAL C 75 30.62 3.78 17.82
CA VAL C 75 30.73 3.63 16.36
C VAL C 75 29.37 3.99 15.73
N LYS C 76 28.27 3.61 16.40
CA LYS C 76 26.89 3.90 16.00
C LYS C 76 26.67 5.41 15.91
N ILE C 77 27.21 6.18 16.87
CA ILE C 77 27.12 7.65 16.95
C ILE C 77 27.93 8.27 15.77
N VAL C 78 29.05 7.64 15.39
CA VAL C 78 29.89 8.07 14.26
C VAL C 78 29.13 7.81 12.94
N ARG C 79 28.59 6.58 12.80
CA ARG C 79 27.84 6.09 11.63
C ARG C 79 26.54 6.88 11.38
N ASN C 80 25.68 7.03 12.41
CA ASN C 80 24.39 7.72 12.29
C ASN C 80 24.56 9.21 11.94
N GLU C 81 25.54 9.90 12.57
CA GLU C 81 25.81 11.31 12.32
C GLU C 81 26.48 11.54 10.95
N LEU C 82 27.08 10.49 10.37
CA LEU C 82 27.72 10.54 9.05
C LEU C 82 26.67 10.56 7.94
N VAL C 83 25.59 9.77 8.09
CA VAL C 83 24.47 9.63 7.13
C VAL C 83 23.69 10.95 7.02
N ALA C 84 23.34 11.57 8.16
CA ALA C 84 22.58 12.82 8.22
C ALA C 84 23.40 14.02 7.73
N ALA C 85 24.73 14.03 8.00
CA ALA C 85 25.63 15.12 7.59
C ALA C 85 25.87 15.10 6.07
N MET C 86 25.84 13.90 5.44
CA MET C 86 26.04 13.70 4.01
C MET C 86 24.77 14.00 3.19
N GLY C 87 23.62 13.53 3.69
CA GLY C 87 22.34 13.71 3.04
C GLY C 87 21.23 13.96 4.03
N GLU C 88 20.87 15.25 4.21
CA GLU C 88 19.78 15.70 5.09
C GLU C 88 18.43 15.28 4.50
N GLU C 89 18.34 15.37 3.15
CA GLU C 89 17.19 14.97 2.34
C GLU C 89 17.65 13.90 1.34
N ASN C 90 17.02 12.72 1.41
CA ASN C 90 17.30 11.51 0.61
C ASN C 90 17.55 11.85 -0.86
N GLN C 91 16.50 12.25 -1.58
CA GLN C 91 16.60 12.60 -3.00
C GLN C 91 16.18 14.03 -3.22
N THR C 92 17.05 14.81 -3.87
CA THR C 92 16.78 16.20 -4.21
C THR C 92 17.02 16.32 -5.71
N LEU C 93 15.94 16.27 -6.48
CA LEU C 93 15.99 16.31 -7.94
C LEU C 93 15.99 17.75 -8.46
N ASN C 94 16.47 17.93 -9.71
CA ASN C 94 16.57 19.21 -10.40
C ASN C 94 15.19 19.83 -10.61
N LEU C 95 15.04 21.11 -10.23
CA LEU C 95 13.81 21.88 -10.36
C LEU C 95 13.47 22.12 -11.84
N ALA C 96 12.20 21.85 -12.21
CA ALA C 96 11.69 22.01 -13.57
C ALA C 96 10.24 22.55 -13.55
N ALA C 97 9.95 23.42 -12.58
CA ALA C 97 8.63 24.04 -12.40
C ALA C 97 8.62 25.50 -12.90
N GLN C 98 9.60 25.86 -13.76
CA GLN C 98 9.78 27.21 -14.31
C GLN C 98 9.92 27.16 -15.87
N PRO C 99 9.92 28.31 -16.61
CA PRO C 99 10.10 28.25 -18.08
C PRO C 99 11.49 27.71 -18.48
N PRO C 100 11.82 27.41 -19.78
CA PRO C 100 13.14 26.86 -20.15
C PRO C 100 14.24 26.99 -19.08
N ALA C 101 14.30 25.97 -18.20
CA ALA C 101 15.20 25.84 -17.06
C ALA C 101 16.66 25.76 -17.50
N VAL C 102 17.56 26.42 -16.75
CA VAL C 102 19.00 26.43 -17.07
C VAL C 102 19.76 25.61 -16.02
N VAL C 103 20.54 24.64 -16.48
CA VAL C 103 21.36 23.78 -15.63
C VAL C 103 22.82 24.01 -16.01
N LEU C 104 23.55 24.77 -15.18
CA LEU C 104 24.96 25.08 -15.40
C LEU C 104 25.84 24.03 -14.74
N MET C 105 26.87 23.55 -15.47
CA MET C 105 27.81 22.53 -14.99
C MET C 105 29.19 23.15 -14.85
N ALA C 106 29.76 23.12 -13.64
CA ALA C 106 31.07 23.70 -13.37
C ALA C 106 31.87 22.87 -12.38
N GLY C 107 33.18 22.79 -12.62
CA GLY C 107 34.13 22.05 -11.80
C GLY C 107 35.54 22.17 -12.35
N LEU C 108 36.49 21.43 -11.74
CA LEU C 108 37.90 21.44 -12.15
C LEU C 108 38.12 20.68 -13.49
N GLN C 109 39.36 20.72 -13.99
CA GLN C 109 39.78 20.08 -15.24
C GLN C 109 39.63 18.57 -15.15
N GLY C 110 38.77 18.03 -16.02
CA GLY C 110 38.50 16.60 -16.16
C GLY C 110 37.80 15.90 -15.00
N ALA C 111 36.76 16.53 -14.44
CA ALA C 111 36.00 15.95 -13.33
C ALA C 111 34.95 14.95 -13.82
N GLY C 112 34.39 15.20 -15.01
CA GLY C 112 33.37 14.36 -15.63
C GLY C 112 32.12 15.13 -15.98
N LYS C 113 32.30 16.40 -16.43
CA LYS C 113 31.23 17.33 -16.76
C LYS C 113 30.44 16.92 -18.00
N THR C 114 31.07 16.95 -19.20
CA THR C 114 30.46 16.65 -20.50
C THR C 114 29.77 15.26 -20.55
N THR C 115 30.38 14.23 -19.92
CA THR C 115 29.82 12.87 -19.86
C THR C 115 28.52 12.88 -19.05
N SER C 116 28.51 13.57 -17.89
CA SER C 116 27.32 13.66 -17.03
C SER C 116 26.20 14.49 -17.70
N VAL C 117 26.54 15.39 -18.65
CA VAL C 117 25.55 16.21 -19.40
C VAL C 117 24.72 15.26 -20.31
N GLY C 118 25.41 14.35 -21.00
CA GLY C 118 24.81 13.35 -21.87
C GLY C 118 23.99 12.32 -21.11
N LYS C 119 24.43 11.98 -19.88
CA LYS C 119 23.76 11.04 -18.97
C LYS C 119 22.47 11.64 -18.45
N LEU C 120 22.48 12.97 -18.17
CA LEU C 120 21.33 13.76 -17.71
C LEU C 120 20.28 13.90 -18.80
N GLY C 121 20.73 13.82 -20.06
CA GLY C 121 19.90 13.86 -21.24
C GLY C 121 18.95 12.68 -21.30
N LYS C 122 19.50 11.45 -21.11
CA LYS C 122 18.74 10.18 -21.07
C LYS C 122 17.75 10.16 -19.88
N PHE C 123 18.16 10.65 -18.69
CA PHE C 123 17.30 10.70 -17.48
C PHE C 123 16.13 11.65 -17.68
N LEU C 124 16.38 12.82 -18.30
CA LEU C 124 15.34 13.82 -18.54
C LEU C 124 14.51 13.49 -19.77
N ARG C 125 15.07 12.75 -20.74
CA ARG C 125 14.37 12.38 -21.97
C ARG C 125 13.46 11.16 -21.77
N GLU C 126 13.91 10.16 -20.98
CA GLU C 126 13.17 8.89 -20.85
C GLU C 126 12.41 8.73 -19.52
N LYS C 127 13.09 8.98 -18.38
CA LYS C 127 12.52 8.82 -17.03
C LYS C 127 11.68 10.02 -16.56
N HIS C 128 11.99 11.25 -17.03
CA HIS C 128 11.26 12.46 -16.64
C HIS C 128 10.43 13.06 -17.80
N LYS C 129 10.68 12.61 -19.05
CA LYS C 129 10.03 13.01 -20.30
C LYS C 129 10.02 14.55 -20.46
N LYS C 130 11.18 15.09 -20.87
CA LYS C 130 11.41 16.52 -21.07
C LYS C 130 12.17 16.77 -22.38
N LYS C 131 11.84 17.88 -23.07
CA LYS C 131 12.48 18.32 -24.31
C LYS C 131 13.80 19.01 -23.93
N VAL C 132 14.93 18.30 -24.06
CA VAL C 132 16.27 18.75 -23.64
C VAL C 132 17.02 19.44 -24.80
N LEU C 133 17.75 20.53 -24.47
CA LEU C 133 18.62 21.26 -25.40
C LEU C 133 20.00 21.40 -24.76
N VAL C 134 20.95 20.55 -25.19
CA VAL C 134 22.32 20.53 -24.69
C VAL C 134 23.18 21.53 -25.46
N VAL C 135 24.02 22.30 -24.72
CA VAL C 135 24.89 23.35 -25.30
C VAL C 135 26.32 23.20 -24.76
N SER C 136 27.31 23.51 -25.62
CA SER C 136 28.72 23.47 -25.28
C SER C 136 29.28 24.90 -25.20
N ALA C 137 29.81 25.29 -24.03
CA ALA C 137 30.42 26.60 -23.77
C ALA C 137 31.95 26.52 -23.79
N ASP C 138 32.49 25.29 -23.73
CA ASP C 138 33.93 24.99 -23.77
C ASP C 138 34.46 25.22 -25.19
N VAL C 139 35.48 26.08 -25.32
CA VAL C 139 36.11 26.42 -26.60
C VAL C 139 37.62 26.11 -26.57
N TYR C 140 38.23 26.18 -25.37
CA TYR C 140 39.66 25.99 -25.12
C TYR C 140 40.12 24.54 -25.28
N ARG C 141 39.36 23.58 -24.72
CA ARG C 141 39.67 22.15 -24.79
C ARG C 141 39.49 21.64 -26.23
N PRO C 142 40.48 20.89 -26.78
CA PRO C 142 40.36 20.40 -28.16
C PRO C 142 39.20 19.42 -28.35
N ALA C 143 38.36 19.68 -29.38
CA ALA C 143 37.18 18.88 -29.78
C ALA C 143 36.23 18.57 -28.59
N ALA C 144 36.00 19.59 -27.75
CA ALA C 144 35.11 19.53 -26.59
C ALA C 144 33.65 19.72 -27.02
N ILE C 145 33.47 20.34 -28.21
CA ILE C 145 32.18 20.62 -28.84
C ILE C 145 31.71 19.33 -29.55
N LYS C 146 32.63 18.67 -30.29
CA LYS C 146 32.37 17.43 -31.00
C LYS C 146 32.12 16.28 -30.02
N GLN C 147 32.69 16.37 -28.79
CA GLN C 147 32.50 15.38 -27.74
C GLN C 147 31.02 15.38 -27.29
N LEU C 148 30.47 16.58 -26.98
CA LEU C 148 29.08 16.76 -26.56
C LEU C 148 28.11 16.50 -27.74
N GLU C 149 28.58 16.73 -28.98
CA GLU C 149 27.84 16.53 -30.23
C GLU C 149 27.49 15.06 -30.40
N THR C 150 28.48 14.16 -30.16
CA THR C 150 28.35 12.70 -30.24
C THR C 150 27.48 12.18 -29.09
N LEU C 151 27.62 12.78 -27.89
CA LEU C 151 26.85 12.41 -26.69
C LEU C 151 25.36 12.70 -26.89
N ALA C 152 25.04 13.80 -27.59
CA ALA C 152 23.67 14.21 -27.91
C ALA C 152 23.04 13.26 -28.92
N GLU C 153 23.82 12.80 -29.91
CA GLU C 153 23.43 11.86 -30.96
C GLU C 153 23.18 10.45 -30.38
N GLN C 154 23.88 10.13 -29.28
CA GLN C 154 23.83 8.85 -28.56
C GLN C 154 22.49 8.68 -27.84
N VAL C 155 22.02 9.73 -27.13
CA VAL C 155 20.78 9.71 -26.36
C VAL C 155 19.54 10.00 -27.23
N GLY C 156 19.71 10.83 -28.25
CA GLY C 156 18.61 11.26 -29.12
C GLY C 156 18.04 12.58 -28.65
N VAL C 157 18.93 13.51 -28.25
CA VAL C 157 18.63 14.84 -27.74
C VAL C 157 19.21 15.88 -28.70
N ASP C 158 18.44 16.97 -28.96
CA ASP C 158 18.85 18.06 -29.84
C ASP C 158 19.93 18.93 -29.19
N PHE C 159 20.99 19.23 -29.96
CA PHE C 159 22.16 19.99 -29.54
C PHE C 159 22.23 21.34 -30.26
N PHE C 160 22.80 22.34 -29.58
CA PHE C 160 23.01 23.68 -30.12
C PHE C 160 24.46 23.77 -30.61
N PRO C 161 24.70 23.96 -31.94
CA PRO C 161 26.09 24.04 -32.43
C PRO C 161 26.81 25.31 -31.97
N SER C 162 28.14 25.20 -31.74
CA SER C 162 28.99 26.31 -31.29
C SER C 162 30.42 26.18 -31.83
N ASP C 163 31.01 27.32 -32.25
CA ASP C 163 32.38 27.41 -32.79
C ASP C 163 33.42 27.48 -31.66
N VAL C 164 34.71 27.55 -32.04
CA VAL C 164 35.86 27.70 -31.14
C VAL C 164 36.18 29.21 -31.08
N GLY C 165 35.97 29.89 -32.21
CA GLY C 165 36.15 31.34 -32.35
C GLY C 165 35.12 32.15 -31.60
N GLN C 166 33.95 31.55 -31.31
CA GLN C 166 32.84 32.15 -30.57
C GLN C 166 33.21 32.34 -29.09
N LYS C 167 32.81 33.49 -28.52
CA LYS C 167 33.07 33.81 -27.11
C LYS C 167 32.14 32.99 -26.20
N PRO C 168 32.68 32.39 -25.11
CA PRO C 168 31.85 31.54 -24.23
C PRO C 168 30.65 32.25 -23.60
N VAL C 169 30.80 33.56 -23.31
CA VAL C 169 29.76 34.40 -22.70
C VAL C 169 28.62 34.65 -23.71
N ASP C 170 28.94 34.72 -25.02
CA ASP C 170 27.96 34.95 -26.09
C ASP C 170 27.25 33.66 -26.49
N ILE C 171 27.92 32.50 -26.33
CA ILE C 171 27.36 31.18 -26.66
C ILE C 171 26.15 30.91 -25.74
N VAL C 172 26.35 31.01 -24.41
CA VAL C 172 25.33 30.77 -23.38
C VAL C 172 24.16 31.76 -23.50
N ASN C 173 24.44 33.01 -23.92
CA ASN C 173 23.45 34.07 -24.10
C ASN C 173 22.55 33.76 -25.32
N ALA C 174 23.16 33.32 -26.45
CA ALA C 174 22.45 32.97 -27.70
C ALA C 174 21.81 31.58 -27.63
N ALA C 175 22.29 30.72 -26.71
CA ALA C 175 21.77 29.37 -26.49
C ALA C 175 20.36 29.42 -25.93
N LEU C 176 20.15 30.26 -24.90
CA LEU C 176 18.87 30.48 -24.21
C LEU C 176 17.84 31.13 -25.17
N LYS C 177 18.32 31.95 -26.11
CA LYS C 177 17.51 32.62 -27.13
C LYS C 177 16.82 31.58 -28.03
N GLU C 178 17.54 30.50 -28.42
CA GLU C 178 16.98 29.44 -29.26
C GLU C 178 16.14 28.46 -28.41
N ALA C 179 16.41 28.37 -27.09
CA ALA C 179 15.69 27.52 -26.13
C ALA C 179 14.30 28.07 -25.78
N LYS C 180 14.05 29.37 -26.06
CA LYS C 180 12.78 30.05 -25.82
C LYS C 180 11.87 30.01 -27.06
N LEU C 181 12.45 29.81 -28.27
CA LEU C 181 11.74 29.77 -29.55
C LEU C 181 11.03 28.44 -29.79
N LYS C 182 11.70 27.29 -29.54
CA LYS C 182 11.13 25.95 -29.75
C LYS C 182 10.53 25.38 -28.45
N PHE C 183 10.56 26.16 -27.34
CA PHE C 183 10.06 25.83 -25.99
C PHE C 183 10.69 24.55 -25.43
N TYR C 184 12.02 24.58 -25.20
CA TYR C 184 12.74 23.45 -24.61
C TYR C 184 12.52 23.45 -23.11
N ASP C 185 12.06 22.32 -22.56
CA ASP C 185 11.78 22.14 -21.13
C ASP C 185 13.01 22.47 -20.27
N VAL C 186 14.19 21.94 -20.67
CA VAL C 186 15.45 22.15 -19.97
C VAL C 186 16.55 22.57 -20.96
N LEU C 187 17.52 23.36 -20.47
CA LEU C 187 18.68 23.84 -21.20
C LEU C 187 19.94 23.49 -20.39
N LEU C 188 20.64 22.44 -20.84
CA LEU C 188 21.84 21.91 -20.21
C LEU C 188 23.09 22.62 -20.75
N VAL C 189 23.85 23.27 -19.84
CA VAL C 189 25.05 24.03 -20.22
C VAL C 189 26.32 23.36 -19.67
N ASP C 190 27.22 23.02 -20.61
CA ASP C 190 28.53 22.43 -20.32
C ASP C 190 29.60 23.50 -20.46
N THR C 191 30.54 23.58 -19.50
CA THR C 191 31.63 24.56 -19.50
C THR C 191 33.00 23.87 -19.46
N ALA C 192 34.08 24.63 -19.76
CA ALA C 192 35.48 24.19 -19.79
C ALA C 192 36.05 23.90 -18.39
N GLY C 193 37.15 23.13 -18.36
CA GLY C 193 37.88 22.79 -17.14
C GLY C 193 38.51 24.06 -16.60
N ARG C 194 38.13 24.44 -15.37
CA ARG C 194 38.59 25.69 -14.76
C ARG C 194 39.20 25.49 -13.38
N LEU C 195 40.35 26.16 -13.14
CA LEU C 195 41.07 26.15 -11.88
C LEU C 195 40.56 27.28 -10.96
N HIS C 196 40.87 27.19 -9.66
CA HIS C 196 40.48 28.19 -8.66
C HIS C 196 41.60 29.23 -8.44
N VAL C 197 42.88 28.81 -8.60
CA VAL C 197 44.07 29.66 -8.45
C VAL C 197 44.09 30.73 -9.55
N ASP C 198 43.72 30.33 -10.79
CA ASP C 198 43.65 31.20 -11.97
C ASP C 198 42.44 32.14 -11.87
N GLU C 199 42.67 33.44 -12.14
CA GLU C 199 41.66 34.50 -12.12
C GLU C 199 41.19 34.88 -13.55
N ALA C 200 41.74 34.20 -14.58
CA ALA C 200 41.43 34.44 -16.00
C ALA C 200 40.22 33.62 -16.50
N MET C 201 39.86 32.52 -15.80
CA MET C 201 38.75 31.67 -16.19
C MET C 201 37.63 31.60 -15.14
N MET C 202 37.93 31.95 -13.87
CA MET C 202 36.95 31.94 -12.79
C MET C 202 36.00 33.14 -12.92
N ASP C 203 36.45 34.20 -13.61
CA ASP C 203 35.65 35.40 -13.88
C ASP C 203 34.70 35.14 -15.05
N GLU C 204 35.07 34.20 -15.94
CA GLU C 204 34.30 33.81 -17.11
C GLU C 204 33.05 33.02 -16.71
N ILE C 205 33.19 32.04 -15.76
CA ILE C 205 32.10 31.22 -15.25
C ILE C 205 31.12 32.09 -14.44
N LYS C 206 31.65 33.08 -13.69
CA LYS C 206 30.86 34.03 -12.91
C LYS C 206 29.99 34.88 -13.85
N GLN C 207 30.59 35.34 -14.96
CA GLN C 207 29.93 36.14 -16.00
C GLN C 207 28.87 35.30 -16.74
N VAL C 208 29.16 34.01 -16.96
CA VAL C 208 28.24 33.07 -17.61
C VAL C 208 27.06 32.77 -16.67
N HIS C 209 27.32 32.61 -15.34
CA HIS C 209 26.28 32.38 -14.32
C HIS C 209 25.34 33.59 -14.22
N ALA C 210 25.86 34.79 -14.56
CA ALA C 210 25.10 36.03 -14.55
C ALA C 210 24.30 36.19 -15.86
N SER C 211 24.94 35.90 -17.01
CA SER C 211 24.39 35.96 -18.38
C SER C 211 23.09 35.18 -18.49
N ILE C 212 23.08 33.93 -17.98
CA ILE C 212 21.93 33.03 -17.95
C ILE C 212 21.69 32.60 -16.50
N ASN C 213 20.49 32.88 -15.96
CA ASN C 213 20.17 32.53 -14.56
C ASN C 213 19.98 31.02 -14.45
N PRO C 214 20.91 30.30 -13.77
CA PRO C 214 20.76 28.85 -13.66
C PRO C 214 19.97 28.45 -12.42
N VAL C 215 18.83 27.78 -12.64
CA VAL C 215 17.96 27.28 -11.57
C VAL C 215 18.69 26.17 -10.78
N GLU C 216 19.63 25.47 -11.45
CA GLU C 216 20.46 24.40 -10.89
C GLU C 216 21.93 24.62 -11.31
N THR C 217 22.80 24.94 -10.33
CA THR C 217 24.23 25.13 -10.57
C THR C 217 24.93 23.91 -9.96
N LEU C 218 25.06 22.83 -10.76
CA LEU C 218 25.65 21.58 -10.32
C LEU C 218 27.18 21.60 -10.38
N PHE C 219 27.82 21.31 -9.25
CA PHE C 219 29.28 21.29 -9.09
C PHE C 219 29.79 19.86 -9.24
N VAL C 220 30.41 19.55 -10.39
CA VAL C 220 30.97 18.22 -10.69
C VAL C 220 32.34 18.10 -10.04
N VAL C 221 32.55 17.01 -9.27
CA VAL C 221 33.80 16.73 -8.57
C VAL C 221 34.07 15.20 -8.60
N ASP C 222 35.34 14.83 -8.81
CA ASP C 222 35.81 13.45 -8.85
C ASP C 222 35.70 12.81 -7.46
N ALA C 223 35.30 11.53 -7.37
CA ALA C 223 35.14 10.82 -6.11
C ALA C 223 36.46 10.51 -5.39
N MET C 224 37.57 10.37 -6.14
CA MET C 224 38.87 10.01 -5.57
C MET C 224 39.71 11.22 -5.08
N THR C 225 39.29 12.48 -5.40
CA THR C 225 40.00 13.71 -5.01
C THR C 225 40.24 13.76 -3.49
N GLY C 226 41.49 13.96 -3.11
CA GLY C 226 41.93 13.98 -1.71
C GLY C 226 41.68 15.26 -0.96
N GLN C 227 42.65 15.64 -0.10
CA GLN C 227 42.67 16.80 0.79
C GLN C 227 42.41 18.12 0.08
N ASP C 228 42.74 18.19 -1.23
CA ASP C 228 42.57 19.35 -2.09
C ASP C 228 41.12 19.83 -2.14
N ALA C 229 40.15 18.89 -1.99
CA ALA C 229 38.70 19.15 -2.00
C ALA C 229 38.30 20.30 -1.06
N ALA C 230 39.11 20.55 0.00
CA ALA C 230 38.92 21.63 0.97
C ALA C 230 39.05 22.99 0.29
N ASN C 231 40.13 23.19 -0.49
CA ASN C 231 40.41 24.41 -1.25
C ASN C 231 39.39 24.59 -2.39
N THR C 232 39.02 23.48 -3.03
CA THR C 232 38.09 23.40 -4.16
C THR C 232 36.66 23.81 -3.73
N ALA C 233 36.11 23.17 -2.66
CA ALA C 233 34.75 23.45 -2.16
C ALA C 233 34.58 24.90 -1.68
N LYS C 234 35.61 25.47 -1.04
CA LYS C 234 35.60 26.85 -0.53
C LYS C 234 35.41 27.84 -1.67
N ALA C 235 36.40 27.90 -2.59
CA ALA C 235 36.45 28.81 -3.74
C ALA C 235 35.26 28.66 -4.70
N PHE C 236 34.83 27.41 -5.01
CA PHE C 236 33.73 27.17 -5.95
C PHE C 236 32.36 27.54 -5.37
N ASN C 237 32.23 27.63 -4.03
CA ASN C 237 30.96 28.05 -3.43
C ASN C 237 30.98 29.55 -3.14
N GLU C 238 32.17 30.10 -2.80
CA GLU C 238 32.35 31.52 -2.50
C GLU C 238 32.25 32.39 -3.77
N ALA C 239 32.55 31.81 -4.95
CA ALA C 239 32.48 32.51 -6.24
C ALA C 239 31.14 32.28 -6.96
N LEU C 240 30.57 31.06 -6.86
CA LEU C 240 29.30 30.72 -7.53
C LEU C 240 28.24 30.21 -6.55
N PRO C 241 26.97 30.68 -6.67
CA PRO C 241 25.92 30.18 -5.78
C PRO C 241 25.42 28.81 -6.25
N LEU C 242 26.14 27.74 -5.82
CA LEU C 242 25.89 26.34 -6.15
C LEU C 242 24.58 25.82 -5.59
N THR C 243 23.92 24.93 -6.33
CA THR C 243 22.67 24.26 -5.95
C THR C 243 22.74 22.82 -6.45
N GLY C 244 23.55 22.01 -5.78
CA GLY C 244 23.75 20.61 -6.13
C GLY C 244 25.17 20.21 -6.48
N VAL C 245 25.53 18.95 -6.17
CA VAL C 245 26.85 18.37 -6.42
C VAL C 245 26.66 17.06 -7.21
N VAL C 246 27.57 16.80 -8.17
CA VAL C 246 27.57 15.58 -9.00
C VAL C 246 28.90 14.85 -8.74
N LEU C 247 28.83 13.69 -8.07
CA LEU C 247 30.01 12.87 -7.76
C LEU C 247 30.21 11.80 -8.83
N THR C 248 31.36 11.86 -9.52
CA THR C 248 31.69 10.98 -10.65
C THR C 248 32.80 9.98 -10.29
N LYS C 249 32.85 8.85 -11.03
CA LYS C 249 33.80 7.72 -10.90
C LYS C 249 33.65 7.01 -9.54
N VAL C 250 32.39 6.93 -9.05
CA VAL C 250 32.00 6.31 -7.79
C VAL C 250 32.14 4.75 -7.89
N ASP C 251 32.15 4.22 -9.14
CA ASP C 251 32.31 2.79 -9.42
C ASP C 251 33.69 2.27 -8.99
N GLY C 252 34.66 3.17 -8.83
CA GLY C 252 36.02 2.86 -8.41
C GLY C 252 36.12 2.34 -6.99
N ASP C 253 37.28 1.75 -6.65
CA ASP C 253 37.54 1.17 -5.32
C ASP C 253 37.91 2.25 -4.28
N ALA C 254 38.04 3.52 -4.70
CA ALA C 254 38.33 4.66 -3.84
C ALA C 254 37.17 4.88 -2.86
N ARG C 255 37.48 5.01 -1.55
CA ARG C 255 36.51 5.19 -0.46
C ARG C 255 35.55 6.35 -0.72
N GLY C 256 36.05 7.41 -1.34
CA GLY C 256 35.27 8.60 -1.69
C GLY C 256 35.05 9.54 -0.53
N GLY C 257 36.15 9.88 0.16
CA GLY C 257 36.15 10.76 1.32
C GLY C 257 35.80 12.21 1.04
N ALA C 258 35.96 12.63 -0.23
CA ALA C 258 35.65 14.00 -0.68
C ALA C 258 34.16 14.31 -0.58
N ALA C 259 33.29 13.28 -0.72
CA ALA C 259 31.82 13.38 -0.64
C ALA C 259 31.36 14.03 0.68
N LEU C 260 32.08 13.74 1.77
CA LEU C 260 31.85 14.27 3.11
C LEU C 260 32.52 15.65 3.27
N SER C 261 33.65 15.86 2.55
CA SER C 261 34.41 17.11 2.56
C SER C 261 33.68 18.23 1.79
N ILE C 262 33.03 17.90 0.65
CA ILE C 262 32.28 18.84 -0.19
C ILE C 262 30.99 19.29 0.52
N ARG C 263 30.21 18.34 1.08
CA ARG C 263 28.93 18.57 1.77
C ARG C 263 29.09 19.42 3.06
N HIS C 264 30.22 19.27 3.78
CA HIS C 264 30.49 20.00 5.02
C HIS C 264 30.82 21.48 4.78
N ILE C 265 31.66 21.79 3.77
CA ILE C 265 32.11 23.14 3.46
C ILE C 265 31.03 23.92 2.67
N THR C 266 30.57 23.40 1.51
CA THR C 266 29.58 24.08 0.66
C THR C 266 28.21 24.19 1.33
N GLY C 267 27.76 23.07 1.93
CA GLY C 267 26.45 22.98 2.56
C GLY C 267 25.37 22.66 1.56
N LYS C 268 25.75 22.50 0.28
CA LYS C 268 24.86 22.20 -0.83
C LYS C 268 24.74 20.68 -0.96
N PRO C 269 23.52 20.13 -1.10
CA PRO C 269 23.37 18.66 -1.14
C PRO C 269 23.80 18.01 -2.45
N ILE C 270 24.34 16.78 -2.33
CA ILE C 270 24.77 15.95 -3.47
C ILE C 270 23.50 15.46 -4.18
N LYS C 271 23.46 15.58 -5.51
CA LYS C 271 22.24 15.23 -6.23
C LYS C 271 22.39 14.00 -7.14
N PHE C 272 23.58 13.75 -7.70
CA PHE C 272 23.77 12.61 -8.60
C PHE C 272 25.09 11.86 -8.38
N LEU C 273 25.11 10.59 -8.79
CA LEU C 273 26.27 9.68 -8.70
C LEU C 273 26.50 8.96 -10.03
N GLY C 274 27.73 9.03 -10.52
CA GLY C 274 28.15 8.37 -11.75
C GLY C 274 28.79 7.04 -11.43
N VAL C 275 28.35 5.96 -12.09
CA VAL C 275 28.87 4.61 -11.81
C VAL C 275 29.51 3.93 -13.06
N GLY C 276 30.02 4.73 -14.00
CA GLY C 276 30.65 4.24 -15.22
C GLY C 276 30.76 5.26 -16.34
N GLU C 277 31.47 4.88 -17.41
CA GLU C 277 31.70 5.74 -18.58
C GLU C 277 30.45 5.87 -19.45
N LYS C 278 29.62 4.81 -19.48
CA LYS C 278 28.40 4.68 -20.27
C LYS C 278 27.35 5.76 -19.95
N THR C 279 26.33 5.89 -20.84
CA THR C 279 25.23 6.85 -20.71
C THR C 279 24.17 6.36 -19.70
N GLU C 280 24.12 5.04 -19.48
CA GLU C 280 23.20 4.36 -18.57
C GLU C 280 23.59 4.60 -17.11
N ALA C 281 24.89 4.82 -16.84
CA ALA C 281 25.52 4.95 -15.53
C ALA C 281 25.18 6.25 -14.74
N LEU C 282 23.88 6.49 -14.47
CA LEU C 282 23.45 7.63 -13.66
C LEU C 282 22.50 7.18 -12.55
N GLU C 283 22.92 7.39 -11.29
CA GLU C 283 22.14 7.00 -10.12
C GLU C 283 21.78 8.22 -9.25
N PRO C 284 20.54 8.30 -8.70
CA PRO C 284 20.23 9.42 -7.80
C PRO C 284 20.93 9.22 -6.45
N PHE C 285 21.44 10.31 -5.85
CA PHE C 285 22.22 10.29 -4.60
C PHE C 285 21.51 9.56 -3.45
N HIS C 286 22.29 8.73 -2.73
CA HIS C 286 21.90 7.96 -1.55
C HIS C 286 23.05 7.97 -0.54
N PRO C 287 22.87 8.54 0.68
CA PRO C 287 23.99 8.63 1.63
C PRO C 287 24.29 7.34 2.41
N ASP C 288 23.26 6.51 2.71
CA ASP C 288 23.36 5.25 3.46
C ASP C 288 24.40 4.30 2.89
N ARG C 289 24.49 4.24 1.56
CA ARG C 289 25.42 3.40 0.81
C ARG C 289 26.85 3.95 0.86
N ILE C 290 27.01 5.27 0.56
CA ILE C 290 28.33 5.95 0.52
C ILE C 290 28.93 6.10 1.93
N ALA C 291 28.09 6.25 2.98
CA ALA C 291 28.56 6.40 4.37
C ALA C 291 29.35 5.18 4.85
N SER C 292 28.83 3.97 4.56
CA SER C 292 29.45 2.68 4.91
C SER C 292 30.72 2.42 4.08
N ARG C 293 30.84 3.10 2.92
CA ARG C 293 31.98 2.99 2.01
C ARG C 293 33.14 3.91 2.44
N ILE C 294 32.85 5.04 3.10
CA ILE C 294 33.87 5.97 3.61
C ILE C 294 34.47 5.38 4.88
N LEU C 295 33.60 4.85 5.79
CA LEU C 295 33.96 4.24 7.08
C LEU C 295 34.97 3.10 6.94
N GLY C 296 34.81 2.28 5.90
CA GLY C 296 35.69 1.16 5.63
C GLY C 296 35.45 -0.04 6.51
N MET C 297 35.51 0.17 7.84
CA MET C 297 35.29 -0.85 8.86
C MET C 297 33.82 -1.31 8.81
N GLY C 298 33.63 -2.42 8.11
CA GLY C 298 32.32 -3.03 7.91
C GLY C 298 32.13 -4.28 8.73
N ASP C 299 33.25 -4.93 9.12
CA ASP C 299 33.26 -6.16 9.93
C ASP C 299 32.83 -5.88 11.38
N VAL C 300 32.95 -4.61 11.81
CA VAL C 300 32.54 -4.14 13.14
C VAL C 300 31.04 -3.83 13.09
N LEU C 301 30.59 -3.05 12.09
CA LEU C 301 29.19 -2.67 11.88
C LEU C 301 28.29 -3.86 11.53
N SER C 302 28.85 -4.91 10.87
CA SER C 302 28.12 -6.12 10.49
C SER C 302 27.70 -6.94 11.73
N LEU C 303 28.51 -6.90 12.80
CA LEU C 303 28.24 -7.60 14.05
C LEU C 303 27.32 -6.80 14.97
N ILE C 304 27.50 -5.45 15.04
CA ILE C 304 26.69 -4.53 15.87
C ILE C 304 25.21 -4.62 15.43
N GLU C 305 24.95 -4.60 14.10
CA GLU C 305 23.60 -4.71 13.53
C GLU C 305 23.05 -6.14 13.65
N ASP C 306 23.93 -7.15 13.85
CA ASP C 306 23.59 -8.56 14.01
C ASP C 306 23.29 -8.89 15.48
N ILE C 307 24.04 -8.28 16.42
CA ILE C 307 23.87 -8.47 17.88
C ILE C 307 22.58 -7.75 18.33
N GLU C 308 22.34 -6.51 17.85
CA GLU C 308 21.14 -5.71 18.14
C GLU C 308 19.87 -6.43 17.73
N SER C 309 19.86 -7.06 16.54
CA SER C 309 18.74 -7.82 15.96
C SER C 309 18.43 -9.07 16.80
N LYS C 310 19.47 -9.76 17.33
CA LYS C 310 19.36 -10.95 18.19
C LYS C 310 18.69 -10.60 19.52
N VAL C 311 18.98 -9.38 20.03
CA VAL C 311 18.43 -8.83 21.27
C VAL C 311 17.00 -8.34 21.00
N ASP C 312 16.78 -7.59 19.89
CA ASP C 312 15.47 -7.05 19.48
C ASP C 312 14.43 -8.15 19.27
N ARG C 313 14.81 -9.31 18.70
CA ARG C 313 13.90 -10.43 18.47
C ARG C 313 13.58 -11.17 19.80
N ALA C 314 14.58 -11.27 20.71
CA ALA C 314 14.43 -11.92 22.01
C ALA C 314 13.58 -11.07 22.98
N GLN C 315 13.73 -9.73 22.93
CA GLN C 315 12.99 -8.77 23.76
C GLN C 315 11.51 -8.72 23.36
N ALA C 316 11.21 -8.95 22.07
CA ALA C 316 9.85 -8.93 21.51
C ALA C 316 9.11 -10.25 21.74
N GLU C 317 9.83 -11.39 21.64
CA GLU C 317 9.28 -12.75 21.82
C GLU C 317 8.95 -13.05 23.29
N LYS C 318 9.82 -12.60 24.24
CA LYS C 318 9.64 -12.79 25.68
C LYS C 318 8.55 -11.86 26.25
N LEU C 319 8.23 -10.75 25.52
CA LEU C 319 7.20 -9.79 25.91
C LEU C 319 5.84 -10.15 25.30
N ALA C 320 5.83 -10.79 24.10
CA ALA C 320 4.61 -11.23 23.41
C ALA C 320 3.91 -12.34 24.20
N SER C 321 4.70 -13.29 24.77
CA SER C 321 4.22 -14.40 25.58
C SER C 321 3.62 -13.88 26.90
N LYS C 322 4.25 -12.85 27.48
CA LYS C 322 3.81 -12.20 28.73
C LYS C 322 2.53 -11.40 28.50
N LEU C 323 2.38 -10.78 27.31
CA LEU C 323 1.19 -10.01 26.94
C LEU C 323 0.00 -10.92 26.63
N LYS C 324 0.28 -12.14 26.14
CA LYS C 324 -0.75 -13.14 25.81
C LYS C 324 -1.24 -13.85 27.09
N LYS C 325 -0.34 -14.08 28.05
CA LYS C 325 -0.62 -14.73 29.34
C LYS C 325 -1.04 -13.69 30.42
N GLY C 326 -1.23 -12.44 30.00
CA GLY C 326 -1.63 -11.33 30.87
C GLY C 326 -3.07 -11.38 31.35
N ASP C 327 -3.87 -12.32 30.79
CA ASP C 327 -5.29 -12.54 31.12
C ASP C 327 -5.45 -13.09 32.55
N GLY C 328 -4.39 -13.68 33.08
CA GLY C 328 -4.36 -14.21 34.45
C GLY C 328 -4.44 -15.71 34.61
N PHE C 329 -5.27 -16.41 33.81
CA PHE C 329 -5.40 -17.86 34.01
C PHE C 329 -5.47 -18.71 32.75
N ASP C 330 -4.81 -19.89 32.82
CA ASP C 330 -4.74 -20.96 31.82
C ASP C 330 -4.29 -22.27 32.53
N LEU C 331 -4.18 -23.39 31.79
CA LEU C 331 -3.82 -24.70 32.35
C LEU C 331 -2.38 -24.77 32.90
N ASN C 332 -1.42 -23.96 32.38
CA ASN C 332 -0.04 -23.94 32.87
C ASN C 332 -0.02 -23.42 34.33
N ASP C 333 -0.96 -22.50 34.64
CA ASP C 333 -1.14 -21.89 35.96
C ASP C 333 -1.90 -22.83 36.90
N PHE C 334 -2.85 -23.62 36.35
CA PHE C 334 -3.65 -24.59 37.12
C PHE C 334 -2.76 -25.71 37.69
N LEU C 335 -1.81 -26.23 36.88
CA LEU C 335 -0.87 -27.28 37.28
C LEU C 335 0.02 -26.75 38.40
N GLU C 336 0.50 -25.50 38.27
CA GLU C 336 1.36 -24.81 39.25
C GLU C 336 0.64 -24.73 40.61
N GLN C 337 -0.70 -24.52 40.61
CA GLN C 337 -1.52 -24.45 41.84
C GLN C 337 -1.63 -25.82 42.51
N LEU C 338 -1.74 -26.90 41.71
CA LEU C 338 -1.80 -28.28 42.21
C LEU C 338 -0.42 -28.74 42.69
N ARG C 339 0.64 -28.30 41.97
CA ARG C 339 2.05 -28.60 42.24
C ARG C 339 2.49 -27.94 43.55
N GLN C 340 2.08 -26.66 43.77
CA GLN C 340 2.38 -25.89 44.98
C GLN C 340 1.55 -26.43 46.17
N MET C 341 0.35 -26.99 45.90
CA MET C 341 -0.51 -27.60 46.92
C MET C 341 0.14 -28.86 47.48
N LYS C 342 0.73 -29.70 46.59
CA LYS C 342 1.46 -30.93 46.98
C LYS C 342 2.75 -30.59 47.72
N ASN C 343 3.40 -29.48 47.30
CA ASN C 343 4.65 -28.93 47.83
C ASN C 343 4.47 -28.40 49.26
N MET C 344 3.30 -27.79 49.54
CA MET C 344 2.98 -27.22 50.85
C MET C 344 2.37 -28.28 51.78
N GLY C 345 1.31 -28.96 51.33
CA GLY C 345 0.64 -30.01 52.08
C GLY C 345 -0.77 -30.35 51.63
N GLY C 346 -1.16 -31.62 51.81
CA GLY C 346 -2.47 -32.15 51.45
C GLY C 346 -3.55 -31.97 52.51
N MET C 347 -4.81 -32.32 52.14
CA MET C 347 -6.04 -32.24 52.95
C MET C 347 -6.42 -30.78 53.27
N ALA C 348 -7.54 -30.56 54.01
CA ALA C 348 -8.02 -29.21 54.34
C ALA C 348 -7.97 -28.87 55.84
N SER C 349 -7.51 -27.64 56.13
CA SER C 349 -7.43 -27.05 57.47
C SER C 349 -7.81 -25.57 57.34
N LEU C 350 -8.84 -25.13 58.11
CA LEU C 350 -9.48 -23.80 58.16
C LEU C 350 -10.51 -23.70 57.00
N MET C 351 -11.74 -23.21 57.33
CA MET C 351 -12.93 -23.05 56.46
C MET C 351 -13.55 -24.43 56.13
N GLY C 352 -14.29 -24.97 57.09
CA GLY C 352 -14.96 -26.27 57.00
C GLY C 352 -16.26 -26.24 56.24
N ASP C 369 -11.09 -38.84 47.37
CA ASP C 369 -10.78 -37.43 47.17
C ASP C 369 -9.27 -37.19 47.01
N ASP C 370 -8.46 -37.97 47.73
CA ASP C 370 -6.99 -37.89 47.72
C ASP C 370 -6.42 -38.39 46.39
N LYS C 371 -7.07 -39.41 45.79
CA LYS C 371 -6.68 -40.03 44.52
C LYS C 371 -6.90 -39.10 43.33
N VAL C 372 -7.89 -38.19 43.42
CA VAL C 372 -8.29 -37.25 42.38
C VAL C 372 -7.15 -36.27 42.01
N LEU C 373 -6.50 -35.66 43.02
CA LEU C 373 -5.42 -34.68 42.84
C LEU C 373 -4.18 -35.28 42.15
N VAL C 374 -3.80 -36.53 42.50
CA VAL C 374 -2.63 -37.24 41.93
C VAL C 374 -2.90 -37.54 40.45
N ARG C 375 -4.15 -37.95 40.12
CA ARG C 375 -4.61 -38.27 38.76
C ARG C 375 -4.69 -37.03 37.89
N MET C 376 -5.09 -35.87 38.47
CA MET C 376 -5.23 -34.59 37.77
C MET C 376 -3.91 -34.03 37.29
N GLU C 377 -2.81 -34.27 38.05
CA GLU C 377 -1.47 -33.81 37.71
C GLU C 377 -0.96 -34.52 36.43
N ALA C 378 -1.19 -35.84 36.33
CA ALA C 378 -0.79 -36.71 35.22
C ALA C 378 -1.41 -36.32 33.88
N ILE C 379 -2.70 -35.93 33.86
CA ILE C 379 -3.42 -35.55 32.65
C ILE C 379 -2.86 -34.24 32.07
N ILE C 380 -2.63 -33.21 32.91
CA ILE C 380 -2.06 -31.92 32.46
C ILE C 380 -0.58 -32.11 32.06
N ASN C 381 0.12 -33.08 32.68
CA ASN C 381 1.52 -33.40 32.38
C ASN C 381 1.68 -33.97 30.97
N SER C 382 0.69 -34.76 30.50
CA SER C 382 0.68 -35.39 29.17
C SER C 382 0.38 -34.39 28.04
N MET C 383 -0.27 -33.25 28.36
CA MET C 383 -0.61 -32.20 27.40
C MET C 383 0.62 -31.49 26.88
N THR C 384 0.53 -30.90 25.67
CA THR C 384 1.64 -30.13 25.11
C THR C 384 1.58 -28.70 25.66
N MET C 385 2.58 -27.86 25.32
CA MET C 385 2.66 -26.46 25.74
C MET C 385 1.49 -25.68 25.14
N LYS C 386 1.16 -25.96 23.86
CA LYS C 386 0.08 -25.35 23.08
C LYS C 386 -1.29 -25.70 23.69
N GLU C 387 -1.50 -27.00 24.01
CA GLU C 387 -2.72 -27.56 24.59
C GLU C 387 -3.01 -26.92 25.95
N ARG C 388 -1.96 -26.65 26.72
CA ARG C 388 -2.08 -26.02 28.03
C ARG C 388 -2.52 -24.55 27.90
N ALA C 389 -1.84 -23.76 27.03
CA ALA C 389 -2.11 -22.35 26.79
C ALA C 389 -3.52 -22.12 26.23
N LYS C 390 -3.99 -23.01 25.33
CA LYS C 390 -5.32 -22.96 24.73
C LYS C 390 -6.00 -24.32 24.93
N PRO C 391 -6.85 -24.47 25.97
CA PRO C 391 -7.50 -25.77 26.21
C PRO C 391 -8.67 -26.04 25.26
N GLU C 392 -9.12 -25.00 24.53
CA GLU C 392 -10.23 -25.08 23.56
C GLU C 392 -9.83 -25.89 22.33
N ILE C 393 -8.51 -26.12 22.15
CA ILE C 393 -7.97 -26.89 21.03
C ILE C 393 -8.00 -28.40 21.35
N ILE C 394 -8.14 -28.77 22.64
CA ILE C 394 -8.15 -30.17 23.06
C ILE C 394 -9.51 -30.81 22.70
N LYS C 395 -9.48 -31.70 21.69
CA LYS C 395 -10.62 -32.45 21.16
C LYS C 395 -10.29 -33.96 21.10
N GLY C 396 -11.18 -34.74 20.49
CA GLY C 396 -11.10 -36.19 20.35
C GLY C 396 -9.72 -36.80 20.19
N SER C 397 -9.04 -36.50 19.07
CA SER C 397 -7.71 -37.00 18.70
C SER C 397 -6.62 -36.62 19.71
N ARG C 398 -6.76 -35.44 20.36
CA ARG C 398 -5.81 -34.95 21.37
C ARG C 398 -6.11 -35.59 22.72
N LYS C 399 -7.39 -35.68 23.09
CA LYS C 399 -7.86 -36.30 24.33
C LYS C 399 -7.40 -37.77 24.40
N ARG C 400 -7.65 -38.54 23.32
CA ARG C 400 -7.29 -39.95 23.19
C ARG C 400 -5.79 -40.17 23.39
N ARG C 401 -4.97 -39.19 22.97
CA ARG C 401 -3.52 -39.22 23.12
C ARG C 401 -3.11 -38.95 24.57
N ILE C 402 -3.75 -37.96 25.22
CA ILE C 402 -3.51 -37.54 26.61
C ILE C 402 -3.88 -38.68 27.58
N ALA C 403 -5.01 -39.36 27.32
CA ALA C 403 -5.50 -40.47 28.15
C ALA C 403 -4.55 -41.68 28.12
N ALA C 404 -3.99 -41.99 26.94
CA ALA C 404 -3.07 -43.11 26.73
C ALA C 404 -1.70 -42.87 27.38
N GLY C 405 -1.30 -41.61 27.51
CA GLY C 405 -0.03 -41.20 28.09
C GLY C 405 -0.02 -41.05 29.60
N SER C 406 -1.23 -40.87 30.18
CA SER C 406 -1.43 -40.75 31.61
C SER C 406 -1.95 -42.07 32.18
N GLY C 407 -2.35 -42.98 31.29
CA GLY C 407 -2.89 -44.29 31.64
C GLY C 407 -4.29 -44.18 32.22
N MET C 408 -5.03 -43.17 31.73
CA MET C 408 -6.39 -42.85 32.17
C MET C 408 -7.41 -43.26 31.10
N GLN C 409 -8.57 -42.60 31.10
CA GLN C 409 -9.64 -42.82 30.15
C GLN C 409 -10.05 -41.51 29.49
N VAL C 410 -10.85 -41.60 28.41
CA VAL C 410 -11.38 -40.45 27.66
C VAL C 410 -12.27 -39.62 28.60
N GLN C 411 -13.02 -40.31 29.48
CA GLN C 411 -13.90 -39.68 30.48
C GLN C 411 -13.10 -38.91 31.54
N ASP C 412 -11.90 -39.41 31.93
CA ASP C 412 -10.99 -38.82 32.92
C ASP C 412 -10.46 -37.45 32.49
N VAL C 413 -10.15 -37.31 31.19
CA VAL C 413 -9.64 -36.08 30.59
C VAL C 413 -10.79 -35.07 30.48
N ASN C 414 -11.97 -35.54 30.00
CA ASN C 414 -13.18 -34.74 29.83
C ASN C 414 -13.67 -34.16 31.16
N ARG C 415 -13.34 -34.85 32.27
CA ARG C 415 -13.66 -34.43 33.63
C ARG C 415 -12.77 -33.25 34.06
N LEU C 416 -11.46 -33.34 33.77
CA LEU C 416 -10.45 -32.33 34.10
C LEU C 416 -10.76 -30.98 33.44
N LEU C 417 -11.18 -31.00 32.17
CA LEU C 417 -11.48 -29.80 31.38
C LEU C 417 -12.75 -29.10 31.89
N LYS C 418 -13.79 -29.88 32.27
CA LYS C 418 -15.03 -29.34 32.83
C LYS C 418 -14.74 -28.60 34.15
N GLN C 419 -13.88 -29.20 35.00
CA GLN C 419 -13.46 -28.64 36.29
C GLN C 419 -12.69 -27.33 36.09
N PHE C 420 -11.82 -27.28 35.07
CA PHE C 420 -11.02 -26.11 34.72
C PHE C 420 -11.92 -24.98 34.20
N ASP C 421 -13.01 -25.31 33.48
CA ASP C 421 -13.97 -24.35 32.93
C ASP C 421 -14.70 -23.62 34.06
N ASP C 422 -15.04 -24.34 35.14
CA ASP C 422 -15.72 -23.79 36.31
C ASP C 422 -14.76 -22.95 37.16
N MET C 423 -13.45 -23.22 37.06
CA MET C 423 -12.39 -22.51 37.77
C MET C 423 -12.22 -21.08 37.20
N GLN C 424 -12.10 -20.94 35.85
CA GLN C 424 -11.96 -19.65 35.17
C GLN C 424 -13.22 -18.79 35.31
N ARG C 425 -14.41 -19.44 35.46
CA ARG C 425 -15.68 -18.76 35.68
C ARG C 425 -15.69 -18.14 37.08
N MET C 426 -15.06 -18.84 38.05
CA MET C 426 -14.93 -18.41 39.44
C MET C 426 -13.81 -17.38 39.61
N MET C 427 -12.76 -17.48 38.77
CA MET C 427 -11.61 -16.56 38.77
C MET C 427 -12.00 -15.17 38.24
N LYS C 428 -12.70 -15.12 37.09
CA LYS C 428 -13.13 -13.87 36.45
C LYS C 428 -14.19 -13.13 37.28
N LYS C 429 -15.05 -13.87 38.00
CA LYS C 429 -16.12 -13.31 38.84
C LYS C 429 -15.60 -12.63 40.11
N MET C 430 -14.48 -13.14 40.67
CA MET C 430 -13.88 -12.61 41.90
C MET C 430 -12.56 -11.85 41.60
N LYS C 431 -11.42 -12.59 41.55
CA LYS C 431 -10.08 -12.05 41.31
C LYS C 431 -9.26 -13.03 40.48
N LYS C 432 -9.16 -14.21 40.87
N ILE D 20 55.74 28.62 5.74
CA ILE D 20 57.15 28.26 5.87
C ILE D 20 57.91 29.26 6.75
N SER D 21 57.68 30.58 6.55
CA SER D 21 58.33 31.67 7.28
C SER D 21 57.85 31.79 8.74
N LEU D 22 56.63 31.32 9.03
CA LEU D 22 56.02 31.34 10.37
C LEU D 22 56.69 30.35 11.33
N PHE D 23 57.40 29.35 10.79
CA PHE D 23 58.10 28.31 11.55
C PHE D 23 59.40 28.82 12.21
N ARG D 24 60.04 29.87 11.63
CA ARG D 24 61.28 30.48 12.11
C ARG D 24 61.14 31.07 13.53
N GLY D 25 60.09 31.85 13.75
CA GLY D 25 59.80 32.49 15.03
C GLY D 25 58.97 31.64 15.98
N LYS D 26 59.36 30.37 16.16
CA LYS D 26 58.69 29.40 17.03
C LYS D 26 59.71 28.50 17.72
N LYS D 27 59.38 28.05 18.96
CA LYS D 27 60.24 27.16 19.75
C LYS D 27 59.82 25.70 19.52
N ILE D 28 60.81 24.78 19.45
CA ILE D 28 60.57 23.35 19.24
C ILE D 28 59.93 22.72 20.48
N ASP D 29 58.76 22.09 20.30
CA ASP D 29 57.97 21.40 21.32
C ASP D 29 57.03 20.36 20.66
N ASP D 30 56.13 19.74 21.45
CA ASP D 30 55.17 18.74 20.97
C ASP D 30 54.04 19.40 20.16
N ASP D 31 53.80 20.72 20.40
CA ASP D 31 52.77 21.50 19.70
C ASP D 31 53.19 21.79 18.26
N LEU D 32 54.49 22.12 18.04
CA LEU D 32 55.06 22.42 16.71
C LEU D 32 55.17 21.15 15.85
N PHE D 33 55.43 19.98 16.50
CA PHE D 33 55.50 18.69 15.83
C PHE D 33 54.12 18.30 15.28
N GLU D 34 53.05 18.63 16.05
CA GLU D 34 51.65 18.41 15.70
C GLU D 34 51.24 19.35 14.55
N GLU D 35 51.84 20.58 14.53
CA GLU D 35 51.62 21.60 13.50
C GLU D 35 52.26 21.17 12.17
N LEU D 36 53.39 20.44 12.23
CA LEU D 36 54.11 19.94 11.07
C LEU D 36 53.43 18.69 10.50
N GLU D 37 52.92 17.79 11.38
CA GLU D 37 52.22 16.56 11.01
C GLU D 37 50.93 16.87 10.22
N GLU D 38 50.14 17.86 10.68
CA GLU D 38 48.89 18.28 10.05
C GLU D 38 49.14 18.95 8.69
N GLN D 39 50.28 19.65 8.53
CA GLN D 39 50.66 20.27 7.24
C GLN D 39 51.26 19.23 6.29
N LEU D 40 51.67 18.05 6.84
CA LEU D 40 52.20 16.91 6.07
C LEU D 40 51.05 16.06 5.56
N LEU D 41 50.01 15.85 6.39
CA LEU D 41 48.81 15.08 6.06
C LEU D 41 47.94 15.78 5.02
N ILE D 42 47.89 17.13 5.07
CA ILE D 42 47.10 17.96 4.15
C ILE D 42 47.67 17.90 2.70
N ALA D 43 48.86 17.28 2.53
CA ALA D 43 49.52 17.10 1.24
C ALA D 43 49.13 15.75 0.61
N ASP D 44 48.33 14.92 1.33
CA ASP D 44 47.84 13.58 0.94
C ASP D 44 48.97 12.52 0.94
N VAL D 45 50.04 12.73 1.74
CA VAL D 45 51.20 11.84 1.86
C VAL D 45 50.77 10.42 2.34
N GLY D 46 49.82 10.38 3.27
CA GLY D 46 49.29 9.14 3.83
C GLY D 46 49.38 9.10 5.34
N VAL D 47 49.21 7.91 5.92
CA VAL D 47 49.30 7.72 7.37
C VAL D 47 50.57 6.92 7.67
N GLU D 48 50.77 5.81 6.93
CA GLU D 48 51.93 4.93 7.04
C GLU D 48 53.21 5.60 6.54
N THR D 49 53.06 6.63 5.66
CA THR D 49 54.15 7.38 5.05
C THR D 49 54.50 8.64 5.86
N THR D 50 53.49 9.29 6.48
CA THR D 50 53.70 10.50 7.29
C THR D 50 54.37 10.13 8.62
N ARG D 51 53.84 9.09 9.30
CA ARG D 51 54.35 8.61 10.59
C ARG D 51 55.74 7.95 10.47
N LYS D 52 56.14 7.52 9.26
CA LYS D 52 57.45 6.91 9.01
C LYS D 52 58.55 8.00 9.01
N ILE D 53 58.19 9.22 8.54
CA ILE D 53 59.09 10.38 8.48
C ILE D 53 59.20 11.02 9.88
N ILE D 54 58.07 11.10 10.63
CA ILE D 54 58.00 11.66 11.98
C ILE D 54 58.90 10.83 12.94
N THR D 55 58.99 9.50 12.72
CA THR D 55 59.83 8.57 13.49
C THR D 55 61.31 8.86 13.19
N ASN D 56 61.64 9.28 11.95
CA ASN D 56 63.00 9.65 11.53
C ASN D 56 63.37 11.05 12.05
N LEU D 57 62.36 11.93 12.22
CA LEU D 57 62.53 13.32 12.71
C LEU D 57 62.73 13.38 14.22
N THR D 58 61.92 12.62 15.00
CA THR D 58 61.99 12.55 16.46
C THR D 58 63.33 11.88 16.87
N GLU D 59 63.82 10.93 16.05
CA GLU D 59 65.10 10.24 16.24
C GLU D 59 66.26 11.18 15.85
N GLY D 60 66.07 11.94 14.76
CA GLY D 60 67.04 12.89 14.25
C GLY D 60 67.26 14.12 15.12
N ALA D 61 66.23 14.50 15.90
CA ALA D 61 66.26 15.64 16.82
C ALA D 61 67.01 15.33 18.12
N SER D 62 67.27 14.03 18.40
CA SER D 62 68.00 13.55 19.58
C SER D 62 69.42 13.10 19.20
N ARG D 63 69.62 12.72 17.91
CA ARG D 63 70.90 12.29 17.33
C ARG D 63 71.94 13.41 17.41
N LYS D 64 71.53 14.63 16.99
CA LYS D 64 72.36 15.84 16.98
C LYS D 64 72.03 16.75 18.17
N GLN D 65 70.80 16.61 18.74
CA GLN D 65 70.26 17.36 19.89
C GLN D 65 70.22 18.86 19.55
N LEU D 66 69.38 19.22 18.56
CA LEU D 66 69.23 20.60 18.10
C LEU D 66 67.82 21.13 18.37
N ARG D 67 67.75 22.25 19.12
CA ARG D 67 66.50 22.91 19.48
C ARG D 67 66.32 24.23 18.67
N ASP D 68 66.78 24.21 17.40
CA ASP D 68 66.71 25.34 16.46
C ASP D 68 65.66 25.07 15.39
N ALA D 69 64.78 26.06 15.14
CA ALA D 69 63.68 26.02 14.16
C ALA D 69 64.20 25.86 12.71
N GLU D 70 65.44 26.34 12.44
CA GLU D 70 66.14 26.30 11.15
C GLU D 70 66.45 24.85 10.71
N ALA D 71 66.59 23.93 11.69
CA ALA D 71 66.95 22.52 11.48
C ALA D 71 65.77 21.65 10.99
N LEU D 72 64.55 21.84 11.55
CA LEU D 72 63.36 21.05 11.20
C LEU D 72 62.98 21.18 9.72
N TYR D 73 63.11 22.38 9.13
CA TYR D 73 62.84 22.68 7.72
C TYR D 73 63.87 21.99 6.82
N GLY D 74 65.12 21.94 7.28
CA GLY D 74 66.24 21.31 6.59
C GLY D 74 66.24 19.79 6.65
N LEU D 75 65.94 19.23 7.85
CA LEU D 75 65.87 17.79 8.11
C LEU D 75 64.78 17.11 7.28
N LEU D 76 63.61 17.78 7.16
CA LEU D 76 62.43 17.33 6.42
C LEU D 76 62.75 17.25 4.92
N LYS D 77 63.43 18.27 4.37
CA LYS D 77 63.85 18.35 2.97
C LYS D 77 64.89 17.26 2.63
N GLU D 78 65.74 16.89 3.63
CA GLU D 78 66.79 15.87 3.52
C GLU D 78 66.20 14.45 3.41
N GLU D 79 65.26 14.10 4.30
CA GLU D 79 64.62 12.78 4.35
C GLU D 79 63.66 12.58 3.16
N MET D 80 62.88 13.61 2.80
CA MET D 80 61.94 13.58 1.66
C MET D 80 62.72 13.48 0.35
N GLY D 81 63.84 14.20 0.27
CA GLY D 81 64.74 14.21 -0.87
C GLY D 81 65.51 12.91 -1.03
N GLU D 82 65.61 12.12 0.06
CA GLU D 82 66.27 10.81 0.10
C GLU D 82 65.38 9.76 -0.58
N ILE D 83 64.05 9.86 -0.41
CA ILE D 83 63.05 8.95 -1.00
C ILE D 83 63.01 9.18 -2.52
N LEU D 84 62.90 10.45 -2.95
CA LEU D 84 62.86 10.84 -4.36
C LEU D 84 64.24 10.67 -5.04
N ALA D 85 65.30 10.41 -4.27
CA ALA D 85 66.65 10.17 -4.81
C ALA D 85 66.71 8.77 -5.43
N LYS D 86 65.94 7.81 -4.86
CA LYS D 86 65.86 6.42 -5.33
C LYS D 86 65.08 6.35 -6.65
N VAL D 87 64.11 7.28 -6.81
CA VAL D 87 63.24 7.41 -7.98
C VAL D 87 63.50 8.81 -8.60
N ASP D 88 64.63 8.95 -9.33
CA ASP D 88 65.06 10.21 -9.95
C ASP D 88 65.52 10.02 -11.41
N GLU D 89 65.63 8.75 -11.87
CA GLU D 89 66.07 8.36 -13.21
C GLU D 89 65.22 9.03 -14.31
N PRO D 90 65.86 9.76 -15.26
CA PRO D 90 65.08 10.41 -16.34
C PRO D 90 64.81 9.45 -17.49
N LEU D 91 63.84 9.81 -18.36
CA LEU D 91 63.46 9.01 -19.52
C LEU D 91 64.46 9.20 -20.67
N ASN D 92 64.98 8.08 -21.20
CA ASN D 92 65.93 8.06 -22.32
C ASN D 92 65.28 7.36 -23.52
N VAL D 93 64.58 8.15 -24.35
CA VAL D 93 63.87 7.68 -25.53
C VAL D 93 64.81 7.34 -26.70
N GLU D 94 66.05 7.88 -26.69
CA GLU D 94 67.02 7.64 -27.76
C GLU D 94 67.56 6.20 -27.73
N GLY D 95 68.11 5.76 -28.86
CA GLY D 95 68.69 4.43 -29.03
C GLY D 95 67.80 3.48 -29.83
N LYS D 96 66.54 3.32 -29.38
CA LYS D 96 65.55 2.44 -30.01
C LYS D 96 64.83 3.17 -31.14
N ALA D 97 64.37 2.40 -32.15
CA ALA D 97 63.64 2.93 -33.29
C ALA D 97 62.62 1.90 -33.81
N PRO D 98 61.32 2.05 -33.47
CA PRO D 98 60.69 3.13 -32.70
C PRO D 98 60.57 2.83 -31.20
N PHE D 99 60.89 3.82 -30.35
CA PHE D 99 60.77 3.70 -28.91
C PHE D 99 59.28 3.85 -28.57
N VAL D 100 58.68 2.83 -27.91
CA VAL D 100 57.24 2.88 -27.62
C VAL D 100 56.98 3.24 -26.15
N ILE D 101 56.11 4.25 -25.95
CA ILE D 101 55.65 4.74 -24.65
C ILE D 101 54.14 4.51 -24.55
N LEU D 102 53.72 3.56 -23.69
CA LEU D 102 52.32 3.22 -23.48
C LEU D 102 51.74 4.06 -22.35
N MET D 103 50.76 4.92 -22.69
CA MET D 103 50.11 5.84 -21.76
C MET D 103 48.89 5.19 -21.12
N VAL D 104 48.99 4.92 -19.82
CA VAL D 104 47.94 4.27 -19.03
C VAL D 104 47.57 5.12 -17.83
N GLY D 105 46.41 4.84 -17.25
CA GLY D 105 45.89 5.53 -16.09
C GLY D 105 44.38 5.52 -16.01
N VAL D 106 43.83 6.07 -14.93
CA VAL D 106 42.38 6.15 -14.71
C VAL D 106 41.74 7.22 -15.59
N ASN D 107 40.41 7.25 -15.61
CA ASN D 107 39.60 8.19 -16.39
C ASN D 107 39.83 9.63 -15.97
N GLY D 108 40.27 10.45 -16.93
CA GLY D 108 40.52 11.88 -16.74
C GLY D 108 41.64 12.24 -15.78
N VAL D 109 42.89 12.06 -16.23
CA VAL D 109 44.05 12.41 -15.42
C VAL D 109 45.00 13.31 -16.23
N GLY D 110 44.75 13.40 -17.53
CA GLY D 110 45.55 14.25 -18.42
C GLY D 110 46.37 13.49 -19.43
N LYS D 111 46.08 12.19 -19.65
CA LYS D 111 46.78 11.27 -20.54
C LYS D 111 47.05 11.84 -21.94
N THR D 112 45.99 12.16 -22.69
CA THR D 112 46.03 12.68 -24.06
C THR D 112 46.80 14.02 -24.13
N THR D 113 46.52 14.96 -23.20
CA THR D 113 47.15 16.29 -23.13
C THR D 113 48.66 16.14 -22.87
N THR D 114 49.05 15.20 -21.98
CA THR D 114 50.44 14.87 -21.62
C THR D 114 51.23 14.40 -22.87
N ILE D 115 50.58 13.62 -23.76
CA ILE D 115 51.17 13.14 -25.02
C ILE D 115 51.58 14.33 -25.91
N GLY D 116 50.70 15.33 -26.01
CA GLY D 116 50.94 16.56 -26.76
C GLY D 116 52.11 17.36 -26.22
N LYS D 117 52.23 17.40 -24.88
CA LYS D 117 53.32 18.07 -24.15
C LYS D 117 54.64 17.30 -24.37
N LEU D 118 54.57 15.95 -24.28
CA LEU D 118 55.68 15.01 -24.44
C LEU D 118 56.28 15.09 -25.84
N ALA D 119 55.43 14.89 -26.88
CA ALA D 119 55.81 14.90 -28.29
C ALA D 119 56.54 16.19 -28.71
N ARG D 120 56.22 17.32 -28.05
CA ARG D 120 56.89 18.58 -28.34
C ARG D 120 58.24 18.69 -27.61
N GLN D 121 58.41 17.99 -26.46
CA GLN D 121 59.70 18.01 -25.77
C GLN D 121 60.69 17.04 -26.44
N PHE D 122 60.18 16.06 -27.22
CA PHE D 122 61.03 15.13 -27.96
C PHE D 122 61.48 15.77 -29.29
N GLU D 123 60.61 16.62 -29.90
CA GLU D 123 60.92 17.38 -31.12
C GLU D 123 61.97 18.44 -30.78
N GLN D 124 61.96 18.90 -29.51
CA GLN D 124 62.93 19.83 -28.92
C GLN D 124 64.28 19.15 -28.81
N GLN D 125 64.28 17.83 -28.50
CA GLN D 125 65.47 17.00 -28.36
C GLN D 125 66.00 16.54 -29.73
N GLY D 126 65.20 16.71 -30.78
CA GLY D 126 65.56 16.37 -32.15
C GLY D 126 65.29 14.93 -32.52
N LYS D 127 64.12 14.40 -32.13
CA LYS D 127 63.72 13.01 -32.42
C LYS D 127 62.35 13.00 -33.08
N SER D 128 62.20 12.25 -34.18
CA SER D 128 60.96 12.12 -34.94
C SER D 128 59.91 11.39 -34.11
N VAL D 129 58.71 11.99 -33.97
CA VAL D 129 57.63 11.42 -33.15
C VAL D 129 56.37 11.18 -34.00
N MET D 130 55.68 10.05 -33.71
CA MET D 130 54.40 9.63 -34.29
C MET D 130 53.47 9.28 -33.13
N LEU D 131 52.14 9.47 -33.31
CA LEU D 131 51.18 9.20 -32.24
C LEU D 131 50.14 8.16 -32.65
N ALA D 132 49.55 7.50 -31.62
CA ALA D 132 48.52 6.48 -31.78
C ALA D 132 47.24 6.84 -31.00
N ALA D 133 46.08 6.82 -31.69
CA ALA D 133 44.78 7.10 -31.09
C ALA D 133 44.15 5.78 -30.62
N GLY D 134 44.41 5.45 -29.36
CA GLY D 134 43.96 4.22 -28.72
C GLY D 134 42.70 4.29 -27.89
N ASP D 135 42.24 5.50 -27.52
CA ASP D 135 40.99 5.61 -26.78
C ASP D 135 39.83 5.52 -27.77
N THR D 136 39.60 4.30 -28.31
CA THR D 136 38.53 4.03 -29.29
C THR D 136 37.23 3.67 -28.57
N PHE D 137 37.06 4.19 -27.32
CA PHE D 137 35.88 4.00 -26.49
C PHE D 137 35.24 5.34 -26.15
N ARG D 138 36.03 6.33 -25.68
CA ARG D 138 35.49 7.66 -25.34
C ARG D 138 35.21 8.48 -26.60
N ALA D 139 34.11 9.24 -26.57
CA ALA D 139 33.64 10.09 -27.66
C ALA D 139 34.66 11.18 -27.99
N ALA D 140 34.90 11.36 -29.30
CA ALA D 140 35.80 12.34 -29.92
C ALA D 140 37.23 12.31 -29.29
N ALA D 141 37.72 11.12 -28.91
CA ALA D 141 39.05 10.98 -28.34
C ALA D 141 40.11 10.93 -29.46
N VAL D 142 39.69 10.40 -30.64
CA VAL D 142 40.52 10.32 -31.84
C VAL D 142 40.76 11.76 -32.32
N GLU D 143 39.67 12.53 -32.41
CA GLU D 143 39.61 13.93 -32.82
C GLU D 143 40.45 14.81 -31.88
N GLN D 144 40.44 14.51 -30.56
CA GLN D 144 41.20 15.22 -29.53
C GLN D 144 42.70 15.03 -29.71
N LEU D 145 43.15 13.77 -29.92
CA LEU D 145 44.57 13.46 -30.13
C LEU D 145 45.04 13.99 -31.50
N GLN D 146 44.11 14.04 -32.49
CA GLN D 146 44.37 14.56 -33.83
C GLN D 146 44.73 16.04 -33.81
N VAL D 147 44.13 16.82 -32.87
CA VAL D 147 44.38 18.25 -32.69
C VAL D 147 45.79 18.44 -32.09
N TRP D 148 46.21 17.52 -31.20
CA TRP D 148 47.54 17.54 -30.60
C TRP D 148 48.62 17.18 -31.63
N GLY D 149 48.24 16.38 -32.62
CA GLY D 149 49.11 16.00 -33.72
C GLY D 149 49.37 17.20 -34.62
N GLN D 150 48.30 17.97 -34.93
CA GLN D 150 48.33 19.17 -35.76
C GLN D 150 49.04 20.34 -35.06
N ARG D 151 49.02 20.36 -33.72
CA ARG D 151 49.67 21.38 -32.90
C ARG D 151 51.19 21.21 -32.89
N ASN D 152 51.68 19.99 -33.18
CA ASN D 152 53.11 19.66 -33.21
C ASN D 152 53.61 19.36 -34.64
N ASN D 153 52.68 19.16 -35.61
CA ASN D 153 52.92 18.78 -37.00
C ASN D 153 53.61 17.41 -37.01
N ILE D 154 52.87 16.42 -36.48
CA ILE D 154 53.29 15.03 -36.29
C ILE D 154 52.20 14.09 -36.85
N PRO D 155 52.56 12.91 -37.44
CA PRO D 155 51.51 12.01 -37.94
C PRO D 155 50.82 11.23 -36.82
N VAL D 156 49.50 11.04 -36.95
CA VAL D 156 48.68 10.31 -35.99
C VAL D 156 47.99 9.16 -36.71
N ILE D 157 48.30 7.92 -36.30
CA ILE D 157 47.64 6.75 -36.89
C ILE D 157 46.35 6.56 -36.10
N ALA D 158 45.21 6.64 -36.80
CA ALA D 158 43.91 6.54 -36.14
C ALA D 158 42.87 5.83 -37.00
N GLN D 159 41.88 5.26 -36.31
CA GLN D 159 40.72 4.56 -36.86
C GLN D 159 39.49 5.07 -36.12
N HIS D 160 38.31 5.03 -36.75
CA HIS D 160 37.06 5.53 -36.16
C HIS D 160 36.74 4.83 -34.82
N THR D 161 36.32 5.63 -33.82
CA THR D 161 35.98 5.21 -32.45
C THR D 161 35.01 4.03 -32.52
N GLY D 162 35.39 2.95 -31.83
CA GLY D 162 34.66 1.70 -31.81
C GLY D 162 35.51 0.53 -32.22
N ALA D 163 36.62 0.82 -32.95
CA ALA D 163 37.58 -0.18 -33.42
C ALA D 163 38.44 -0.70 -32.24
N ASP D 164 39.15 -1.83 -32.43
CA ASP D 164 40.00 -2.43 -31.39
C ASP D 164 41.23 -1.56 -31.11
N SER D 165 41.45 -1.19 -29.84
CA SER D 165 42.57 -0.38 -29.41
C SER D 165 43.91 -1.09 -29.65
N ALA D 166 44.02 -2.36 -29.22
CA ALA D 166 45.21 -3.20 -29.36
C ALA D 166 45.67 -3.32 -30.80
N SER D 167 44.73 -3.57 -31.73
CA SER D 167 44.97 -3.73 -33.16
C SER D 167 45.27 -2.39 -33.85
N VAL D 168 44.85 -1.26 -33.25
CA VAL D 168 45.10 0.07 -33.80
C VAL D 168 46.54 0.46 -33.47
N ILE D 169 46.96 0.26 -32.19
CA ILE D 169 48.32 0.55 -31.72
C ILE D 169 49.31 -0.34 -32.49
N PHE D 170 48.91 -1.59 -32.80
CA PHE D 170 49.70 -2.54 -33.59
C PHE D 170 49.97 -1.98 -35.00
N ASP D 171 48.93 -1.35 -35.63
CA ASP D 171 49.04 -0.75 -36.95
C ASP D 171 49.84 0.56 -36.90
N ALA D 172 49.88 1.21 -35.72
CA ALA D 172 50.64 2.43 -35.50
C ALA D 172 52.13 2.13 -35.34
N ILE D 173 52.47 0.95 -34.80
CA ILE D 173 53.86 0.48 -34.63
C ILE D 173 54.39 0.05 -36.01
N GLN D 174 53.56 -0.71 -36.77
CA GLN D 174 53.86 -1.15 -38.13
C GLN D 174 54.12 0.06 -39.04
N ALA D 175 53.47 1.21 -38.73
CA ALA D 175 53.63 2.48 -39.43
C ALA D 175 54.90 3.20 -38.97
N ALA D 176 55.14 3.23 -37.62
CA ALA D 176 56.31 3.87 -36.99
C ALA D 176 57.63 3.22 -37.41
N LYS D 177 57.59 1.91 -37.69
CA LYS D 177 58.75 1.16 -38.15
C LYS D 177 59.06 1.53 -39.61
N ALA D 178 58.05 1.34 -40.50
CA ALA D 178 58.12 1.56 -41.96
C ALA D 178 58.41 3.01 -42.35
N ARG D 179 57.92 4.00 -41.58
CA ARG D 179 58.14 5.42 -41.88
C ARG D 179 59.41 5.96 -41.18
N ASN D 180 60.15 5.07 -40.48
CA ASN D 180 61.40 5.34 -39.74
C ASN D 180 61.17 6.46 -38.73
N ILE D 181 60.52 6.12 -37.61
CA ILE D 181 60.20 7.06 -36.53
C ILE D 181 61.03 6.69 -35.28
N ASP D 182 61.58 7.72 -34.61
CA ASP D 182 62.43 7.55 -33.42
C ASP D 182 61.61 7.25 -32.16
N VAL D 183 60.47 7.93 -31.95
CA VAL D 183 59.62 7.79 -30.75
C VAL D 183 58.13 7.67 -31.13
N LEU D 184 57.40 6.69 -30.56
CA LEU D 184 55.96 6.53 -30.76
C LEU D 184 55.24 6.54 -29.40
N ILE D 185 54.33 7.49 -29.22
CA ILE D 185 53.56 7.61 -27.99
C ILE D 185 52.14 7.09 -28.28
N ALA D 186 51.79 5.97 -27.61
CA ALA D 186 50.50 5.29 -27.76
C ALA D 186 49.53 5.64 -26.63
N ASP D 187 48.34 6.11 -27.03
CA ASP D 187 47.26 6.48 -26.11
C ASP D 187 46.34 5.29 -25.89
N THR D 188 45.69 5.23 -24.70
CA THR D 188 44.71 4.21 -24.31
C THR D 188 43.49 4.91 -23.66
N ALA D 189 42.43 4.14 -23.40
CA ALA D 189 41.23 4.66 -22.76
C ALA D 189 41.42 4.84 -21.24
N GLY D 190 40.51 5.62 -20.64
CA GLY D 190 40.48 5.84 -19.21
C GLY D 190 39.94 4.58 -18.56
N ARG D 191 40.77 3.92 -17.75
CA ARG D 191 40.39 2.66 -17.14
C ARG D 191 40.68 2.63 -15.64
N LEU D 192 39.66 2.22 -14.87
CA LEU D 192 39.78 2.10 -13.42
C LEU D 192 40.23 0.69 -13.07
N GLN D 193 41.35 0.60 -12.33
CA GLN D 193 42.06 -0.61 -11.86
C GLN D 193 41.13 -1.77 -11.44
N ASN D 194 39.96 -1.47 -10.85
CA ASN D 194 38.99 -2.48 -10.41
C ASN D 194 38.25 -3.14 -11.59
N LYS D 195 38.06 -2.41 -12.71
CA LYS D 195 37.37 -2.93 -13.89
C LYS D 195 38.32 -3.89 -14.63
N SER D 196 38.28 -5.16 -14.19
CA SER D 196 39.11 -6.29 -14.63
C SER D 196 39.07 -6.54 -16.14
N HIS D 197 37.89 -6.43 -16.77
CA HIS D 197 37.74 -6.63 -18.21
C HIS D 197 38.56 -5.59 -18.99
N LEU D 198 38.58 -4.33 -18.49
CA LEU D 198 39.34 -3.22 -19.05
C LEU D 198 40.83 -3.37 -18.73
N MET D 199 41.15 -4.12 -17.65
CA MET D 199 42.52 -4.37 -17.23
C MET D 199 43.13 -5.48 -18.07
N GLU D 200 42.35 -6.52 -18.41
CA GLU D 200 42.82 -7.61 -19.27
C GLU D 200 42.86 -7.13 -20.73
N GLU D 201 42.19 -6.00 -21.01
CA GLU D 201 42.16 -5.31 -22.31
C GLU D 201 43.47 -4.55 -22.49
N LEU D 202 44.04 -4.07 -21.37
CA LEU D 202 45.30 -3.35 -21.32
C LEU D 202 46.44 -4.32 -21.51
N LYS D 203 46.28 -5.55 -20.96
CA LYS D 203 47.24 -6.64 -21.10
C LYS D 203 47.22 -7.11 -22.54
N LYS D 204 46.00 -7.16 -23.15
CA LYS D 204 45.73 -7.54 -24.53
C LYS D 204 46.44 -6.59 -25.51
N ILE D 205 46.62 -5.31 -25.13
CA ILE D 205 47.31 -4.29 -25.94
C ILE D 205 48.78 -4.66 -26.08
N VAL D 206 49.44 -4.96 -24.95
CA VAL D 206 50.85 -5.31 -24.85
C VAL D 206 51.13 -6.66 -25.55
N ARG D 207 50.19 -7.63 -25.49
CA ARG D 207 50.32 -8.96 -26.10
C ARG D 207 50.53 -8.89 -27.62
N VAL D 208 49.72 -8.04 -28.30
CA VAL D 208 49.75 -7.83 -29.76
C VAL D 208 50.96 -6.92 -30.13
N MET D 209 51.47 -6.13 -29.17
CA MET D 209 52.63 -5.26 -29.37
C MET D 209 53.92 -6.07 -29.54
N LYS D 210 54.05 -7.16 -28.76
CA LYS D 210 55.20 -8.07 -28.76
C LYS D 210 55.34 -8.84 -30.08
N LYS D 211 54.27 -8.90 -30.91
CA LYS D 211 54.27 -9.56 -32.21
C LYS D 211 55.21 -8.88 -33.21
N LEU D 212 55.52 -7.58 -33.00
CA LEU D 212 56.42 -6.81 -33.86
C LEU D 212 57.78 -6.52 -33.17
N ASP D 213 57.79 -6.38 -31.82
CA ASP D 213 59.01 -6.12 -31.04
C ASP D 213 58.82 -6.62 -29.59
N VAL D 214 59.62 -7.62 -29.17
CA VAL D 214 59.57 -8.23 -27.83
C VAL D 214 60.01 -7.26 -26.73
N GLU D 215 60.83 -6.25 -27.07
CA GLU D 215 61.26 -5.24 -26.11
C GLU D 215 60.13 -4.23 -25.87
N ALA D 216 59.33 -3.95 -26.93
CA ALA D 216 58.21 -3.01 -26.92
C ALA D 216 57.04 -3.53 -26.06
N PRO D 217 56.39 -2.69 -25.23
CA PRO D 217 56.64 -1.25 -25.01
C PRO D 217 57.91 -0.98 -24.21
N HIS D 218 58.65 0.02 -24.67
CA HIS D 218 59.92 0.43 -24.06
C HIS D 218 59.66 1.24 -22.80
N GLU D 219 58.43 1.75 -22.64
CA GLU D 219 57.99 2.52 -21.49
C GLU D 219 56.48 2.37 -21.26
N VAL D 220 56.07 2.21 -19.99
CA VAL D 220 54.67 2.12 -19.57
C VAL D 220 54.44 3.30 -18.62
N MET D 221 54.13 4.46 -19.20
CA MET D 221 53.92 5.70 -18.47
C MET D 221 52.51 5.77 -17.86
N LEU D 222 52.46 5.89 -16.52
CA LEU D 222 51.22 6.02 -15.77
C LEU D 222 51.00 7.49 -15.40
N THR D 223 49.85 8.04 -15.81
CA THR D 223 49.51 9.43 -15.51
C THR D 223 48.65 9.44 -14.27
N ILE D 224 49.06 10.22 -13.25
CA ILE D 224 48.33 10.33 -11.99
C ILE D 224 48.06 11.79 -11.66
N ASP D 225 46.77 12.12 -11.44
CA ASP D 225 46.31 13.47 -11.08
C ASP D 225 46.91 13.84 -9.72
N ALA D 226 47.32 15.10 -9.55
CA ALA D 226 47.92 15.58 -8.30
C ALA D 226 46.90 15.62 -7.16
N SER D 227 45.62 15.91 -7.50
CA SER D 227 44.53 15.99 -6.54
C SER D 227 44.05 14.62 -6.01
N THR D 228 44.38 13.49 -6.71
CA THR D 228 43.99 12.13 -6.27
C THR D 228 44.61 11.80 -4.91
N GLY D 229 43.84 11.09 -4.08
CA GLY D 229 44.24 10.71 -2.74
C GLY D 229 44.91 9.37 -2.64
N GLN D 230 44.50 8.57 -1.64
CA GLN D 230 45.04 7.23 -1.36
C GLN D 230 44.62 6.17 -2.42
N ASN D 231 43.86 6.59 -3.47
CA ASN D 231 43.49 5.72 -4.57
C ASN D 231 44.71 5.46 -5.45
N ALA D 232 45.65 6.43 -5.45
CA ALA D 232 46.92 6.41 -6.18
C ALA D 232 47.74 5.17 -5.81
N VAL D 233 47.60 4.67 -4.56
CA VAL D 233 48.29 3.50 -4.02
C VAL D 233 47.92 2.27 -4.87
N SER D 234 46.59 1.99 -5.00
CA SER D 234 46.07 0.87 -5.79
C SER D 234 46.17 1.16 -7.28
N GLN D 235 46.15 2.46 -7.66
CA GLN D 235 46.30 2.92 -9.04
C GLN D 235 47.69 2.53 -9.55
N ALA D 236 48.70 2.60 -8.66
CA ALA D 236 50.06 2.20 -9.02
C ALA D 236 50.18 0.69 -8.94
N LYS D 237 49.71 0.10 -7.82
CA LYS D 237 49.73 -1.32 -7.50
C LYS D 237 49.14 -2.20 -8.62
N LEU D 238 47.83 -2.08 -8.89
CA LEU D 238 47.09 -2.88 -9.87
C LEU D 238 47.47 -2.56 -11.34
N PHE D 239 48.04 -1.38 -11.63
CA PHE D 239 48.47 -1.07 -12.98
C PHE D 239 49.84 -1.70 -13.22
N HIS D 240 50.66 -1.81 -12.16
CA HIS D 240 51.98 -2.43 -12.20
C HIS D 240 51.84 -3.95 -12.21
N GLU D 241 50.88 -4.49 -11.43
CA GLU D 241 50.59 -5.93 -11.33
C GLU D 241 50.08 -6.51 -12.66
N ALA D 242 49.46 -5.66 -13.50
CA ALA D 242 48.84 -6.04 -14.77
C ALA D 242 49.77 -5.91 -15.98
N VAL D 243 50.41 -4.75 -16.16
CA VAL D 243 51.24 -4.49 -17.33
C VAL D 243 52.73 -4.35 -16.93
N GLY D 244 53.01 -3.60 -15.88
CA GLY D 244 54.37 -3.37 -15.41
C GLY D 244 54.85 -1.99 -15.77
N LEU D 245 54.54 -1.01 -14.90
CA LEU D 245 54.86 0.41 -15.04
C LEU D 245 56.35 0.68 -14.93
N THR D 246 56.84 1.62 -15.76
CA THR D 246 58.25 2.03 -15.81
C THR D 246 58.37 3.57 -15.75
N GLY D 247 57.23 4.26 -15.81
CA GLY D 247 57.16 5.73 -15.77
C GLY D 247 55.94 6.27 -15.09
N ILE D 248 56.09 7.47 -14.47
CA ILE D 248 55.02 8.18 -13.75
C ILE D 248 55.05 9.68 -14.12
N THR D 249 53.86 10.26 -14.45
CA THR D 249 53.73 11.70 -14.74
C THR D 249 52.67 12.27 -13.78
N LEU D 250 53.12 13.15 -12.87
CA LEU D 250 52.26 13.79 -11.88
C LEU D 250 51.72 15.11 -12.46
N THR D 251 50.56 15.01 -13.12
CA THR D 251 49.89 16.10 -13.80
C THR D 251 48.92 16.87 -12.88
N LYS D 252 48.50 18.09 -13.32
CA LYS D 252 47.58 19.02 -12.65
C LYS D 252 48.14 19.44 -11.29
N LEU D 253 49.47 19.62 -11.26
CA LEU D 253 50.26 19.98 -10.09
C LEU D 253 50.34 21.52 -9.92
N ASP D 254 49.84 22.26 -10.93
CA ASP D 254 49.84 23.74 -10.98
C ASP D 254 48.85 24.39 -9.99
N GLY D 255 47.88 23.63 -9.50
CA GLY D 255 46.88 24.10 -8.54
C GLY D 255 47.33 24.02 -7.09
N THR D 256 46.36 24.02 -6.16
CA THR D 256 46.61 23.93 -4.71
C THR D 256 47.02 22.49 -4.32
N ALA D 257 46.83 21.53 -5.25
CA ALA D 257 47.17 20.12 -5.09
C ALA D 257 48.67 19.94 -4.96
N LYS D 258 49.11 19.35 -3.84
CA LYS D 258 50.52 19.09 -3.54
C LYS D 258 50.96 17.74 -4.06
N GLY D 259 50.05 16.75 -3.99
CA GLY D 259 50.28 15.38 -4.45
C GLY D 259 51.40 14.67 -3.73
N GLY D 260 51.36 14.69 -2.40
CA GLY D 260 52.35 14.06 -1.55
C GLY D 260 52.24 12.55 -1.50
N VAL D 261 51.18 12.00 -2.12
CA VAL D 261 50.90 10.56 -2.21
C VAL D 261 52.00 9.86 -3.05
N ILE D 262 52.76 10.63 -3.86
CA ILE D 262 53.86 10.16 -4.70
C ILE D 262 55.03 9.61 -3.82
N PHE D 263 55.13 10.07 -2.56
CA PHE D 263 56.14 9.62 -1.60
C PHE D 263 55.82 8.18 -1.16
N SER D 264 54.52 7.85 -1.05
CA SER D 264 54.04 6.53 -0.68
C SER D 264 54.20 5.53 -1.83
N VAL D 265 54.06 6.01 -3.09
CA VAL D 265 54.16 5.22 -4.32
C VAL D 265 55.61 4.72 -4.51
N ALA D 266 56.59 5.65 -4.52
CA ALA D 266 58.02 5.38 -4.70
C ALA D 266 58.59 4.49 -3.58
N ASP D 267 58.08 4.66 -2.35
CA ASP D 267 58.52 3.89 -1.18
C ASP D 267 57.98 2.44 -1.25
N GLN D 268 56.87 2.22 -1.98
CA GLN D 268 56.23 0.90 -2.10
C GLN D 268 56.58 0.14 -3.39
N PHE D 269 56.64 0.82 -4.56
CA PHE D 269 56.86 0.14 -5.84
C PHE D 269 58.17 0.54 -6.54
N GLY D 270 58.63 1.76 -6.30
CA GLY D 270 59.87 2.28 -6.86
C GLY D 270 59.86 2.56 -8.35
N ILE D 271 58.67 2.85 -8.92
CA ILE D 271 58.52 3.19 -10.34
C ILE D 271 59.02 4.64 -10.53
N PRO D 272 59.94 4.89 -11.51
CA PRO D 272 60.49 6.26 -11.66
C PRO D 272 59.49 7.30 -12.17
N ILE D 273 59.60 8.54 -11.62
CA ILE D 273 58.80 9.70 -12.04
C ILE D 273 59.57 10.34 -13.18
N ARG D 274 58.92 10.50 -14.33
CA ARG D 274 59.60 11.00 -15.52
C ARG D 274 59.36 12.51 -15.76
N TYR D 275 58.08 12.97 -15.72
CA TYR D 275 57.73 14.36 -15.98
C TYR D 275 56.65 14.89 -15.01
N ILE D 276 56.39 16.22 -15.01
CA ILE D 276 55.36 16.86 -14.18
C ILE D 276 54.53 17.86 -15.01
N GLY D 277 53.20 17.71 -14.92
CA GLY D 277 52.23 18.54 -15.63
C GLY D 277 51.85 19.77 -14.81
N VAL D 278 52.16 20.97 -15.35
CA VAL D 278 51.93 22.25 -14.68
C VAL D 278 51.15 23.25 -15.57
N GLY D 279 50.09 22.78 -16.20
CA GLY D 279 49.24 23.61 -17.06
C GLY D 279 48.61 22.88 -18.22
N GLU D 280 47.69 23.57 -18.93
CA GLU D 280 46.95 23.02 -20.07
C GLU D 280 47.67 23.32 -21.41
N ARG D 281 48.64 24.26 -21.40
CA ARG D 281 49.41 24.64 -22.59
C ARG D 281 50.51 23.60 -22.84
N ILE D 282 51.06 23.56 -24.08
CA ILE D 282 52.10 22.61 -24.53
C ILE D 282 53.44 22.84 -23.80
N GLU D 283 53.80 24.11 -23.58
CA GLU D 283 55.03 24.51 -22.91
C GLU D 283 55.01 24.21 -21.40
N ASP D 284 53.80 24.07 -20.81
CA ASP D 284 53.63 23.83 -19.37
C ASP D 284 53.78 22.34 -19.02
N LEU D 285 55.04 21.86 -19.09
CA LEU D 285 55.52 20.52 -18.75
C LEU D 285 57.02 20.58 -18.47
N ARG D 286 57.42 20.05 -17.31
CA ARG D 286 58.83 20.04 -16.91
C ARG D 286 59.27 18.65 -16.48
N PRO D 287 60.54 18.24 -16.72
CA PRO D 287 61.01 16.93 -16.24
C PRO D 287 61.14 16.99 -14.71
N PHE D 288 60.86 15.86 -14.03
CA PHE D 288 60.87 15.79 -12.57
C PHE D 288 62.25 16.09 -11.95
N LYS D 289 62.26 17.02 -10.98
CA LYS D 289 63.42 17.45 -10.21
C LYS D 289 63.08 17.29 -8.73
N ALA D 290 63.83 16.43 -8.03
CA ALA D 290 63.64 16.06 -6.63
C ALA D 290 63.68 17.24 -5.63
N ASP D 291 64.80 18.01 -5.59
CA ASP D 291 65.05 19.13 -4.67
C ASP D 291 64.02 20.28 -4.80
N ASP D 292 63.66 20.66 -6.04
CA ASP D 292 62.71 21.75 -6.32
C ASP D 292 61.27 21.38 -5.97
N PHE D 293 60.93 20.08 -5.99
CA PHE D 293 59.59 19.54 -5.68
C PHE D 293 59.24 19.76 -4.19
N ILE D 294 60.21 19.57 -3.27
CA ILE D 294 60.01 19.72 -1.82
C ILE D 294 59.76 21.20 -1.47
N GLU D 295 60.47 22.12 -2.14
CA GLU D 295 60.35 23.58 -1.96
C GLU D 295 58.94 24.07 -2.32
N ALA D 296 58.33 23.43 -3.33
CA ALA D 296 56.98 23.76 -3.82
C ALA D 296 55.87 23.12 -2.96
N LEU D 297 56.22 22.11 -2.12
CA LEU D 297 55.26 21.41 -1.26
C LEU D 297 54.73 22.28 -0.13
N PHE D 298 55.59 23.11 0.48
CA PHE D 298 55.21 23.98 1.59
C PHE D 298 55.17 25.45 1.13
N ALA D 299 54.82 25.67 -0.16
CA ALA D 299 54.74 27.00 -0.79
C ALA D 299 53.55 27.80 -0.27
N ARG D 300 53.87 28.82 0.57
CA ARG D 300 52.92 29.74 1.20
C ARG D 300 52.73 30.93 0.22
N GLU D 301 52.03 30.67 -0.90
CA GLU D 301 51.78 31.65 -1.96
C GLU D 301 50.29 31.81 -2.27
N ASP D 302 49.90 33.01 -2.71
CA ASP D 302 48.53 33.37 -3.08
C ASP D 302 48.54 34.21 -4.36
#